data_2XP8
# 
_entry.id   2XP8 
# 
_audit_conform.dict_name       mmcif_pdbx.dic 
_audit_conform.dict_version    5.383 
_audit_conform.dict_location   http://mmcif.pdb.org/dictionaries/ascii/mmcif_pdbx.dic 
# 
loop_
_database_2.database_id 
_database_2.database_code 
_database_2.pdbx_database_accession 
_database_2.pdbx_DOI 
PDB   2XP8         pdb_00002xp8 10.2210/pdb2xp8/pdb 
PDBE  EBI-45162    ?            ?                   
WWPDB D_1290045162 ?            ?                   
# 
loop_
_pdbx_database_related.db_name 
_pdbx_database_related.db_id 
_pdbx_database_related.content_type 
_pdbx_database_related.details 
PDB 1F8A unspecified 'STRUCTURAL BASIS FOR THE PHOSPHOSERINE-PROLINE RECOGNITIONBY GROUP IV WW DOMAINS'                 
PDB 1I8G unspecified 'SOLUTION STRUCTURE OF PIN1 WW DOMAIN COMPLEXED WITH CDC25PHOSPHOTHREONINE PEPTIDE'                
PDB 1PIN unspecified 'PIN1 PEPTIDYL-PROLYL CIS-TRANS ISOMERASE FROM HOMO SAPIENS'                                       
PDB 2XPB unspecified 'DISCOVERY OF CELL-ACTIVE PHENYL-IMIDAZOLE PIN1 INHIBITORS BY STRUCTURE-GUIDED FRAGMENT EVOLUTION' 
PDB 2XP3 unspecified 'DISCOVERY OF CELL-ACTIVE PHENYL-IMIDAZOLE PIN1 INHIBITORS BY STRUCTURE-GUIDED FRAGMENT EVOLUTION' 
PDB 2XP5 unspecified 'DISCOVERY OF CELL-ACTIVE PHENYL-IMIDAZOLE PIN1 INHIBITORS BY STRUCTURE-GUIDED FRAGMENT EVOLUTION' 
PDB 1NMW unspecified 'SOLUTION STRUCTURE OF THE PPIASE DOMAIN OF HUMAN PIN1'                                            
PDB 1ZCN unspecified 'HUMAN PIN1 NG MUTANT'                                                                             
PDB 2XP4 unspecified 'DISCOVERY OF CELL-ACTIVE PHENYL-IMIDAZOLE PIN1 INHIBITORS BY STRUCTURE-GUIDED FRAGMENT EVOLUTION' 
PDB 2F21 unspecified 'HUMAN PIN1 FIP MUTANT'                                                                            
PDB 2XP6 unspecified 'DISCOVERY OF CELL-ACTIVE PHENYL-IMIDAZOLE PIN1 INHIBITORS BY STRUCTURE-GUIDED FRAGMENT EVOLUTION' 
PDB 1NMV unspecified 'SOLUTION STRUCTURE OF HUMAN PIN1'                                                                 
PDB 2XP9 unspecified 'DISCOVERY OF CELL-ACTIVE PHENYL-IMIDAZOLE PIN1 INHIBITORS BY STRUCTURE-GUIDED FRAGMENT EVOLUTION' 
PDB 2XP7 unspecified 'DISCOVERY OF CELL-ACTIVE PHENYL-IMIDAZOLE PIN1 INHIBITORS BY STRUCTURE-GUIDED FRAGMENT EVOLUTION' 
PDB 1I8H unspecified 'SOLUTION STRUCTURE OF PIN1 WW DOMAIN COMPLEXED WITH HUMANTAU PHOSPHOTHREONINE PEPTIDE'            
PDB 2XPA unspecified 'DISCOVERY OF CELL-ACTIVE PHENYL-IMIDAZOLE PIN1 INHIBITORS BY STRUCTURE-GUIDED FRAGMENT EVOLUTION' 
PDB 1I6C unspecified 'SOLUTION STRUCTURE OF PIN1 WW DOMAIN'                                                             
# 
_pdbx_database_status.status_code                     REL 
_pdbx_database_status.entry_id                        2XP8 
_pdbx_database_status.deposit_site                    PDBE 
_pdbx_database_status.process_site                    PDBE 
_pdbx_database_status.SG_entry                        . 
_pdbx_database_status.recvd_initial_deposition_date   2010-08-25 
_pdbx_database_status.pdb_format_compatible           Y 
_pdbx_database_status.status_code_sf                  REL 
_pdbx_database_status.status_code_mr                  ? 
_pdbx_database_status.status_code_cs                  ? 
_pdbx_database_status.methods_development_category    ? 
_pdbx_database_status.status_code_nmr_data            ? 
# 
loop_
_audit_author.name 
_audit_author.pdbx_ordinal 
'Potter, A.'       1  
'Oldfield, V.'     2  
'Nunns, C.'        3  
'Fromont, C.'      4  
'Ray, S.'          5  
'Northfield, C.J.' 6  
'Bryant, C.J.'     7  
'Scrace, S.F.'     8  
'Robinson, D.'     9  
'Matossova, N.'    10 
'Baker, L.'        11 
'Dokurno, P.'      12 
'Surgenor, A.E.'   13 
'Davis, B.E.'      14 
'Richardson, C.M.' 15 
'Murray, J.B.'     16 
'Moore, J.D.'      17 
# 
_citation.id                        primary 
_citation.title                     
'Discovery of Cell-Active Phenyl-Imidazole Pin1 Inhibitors by Structure-Guided Fragment Evolution.' 
_citation.journal_abbrev            Bioorg.Med.Chem.Lett. 
_citation.journal_volume            20 
_citation.page_first                6483 
_citation.page_last                 ? 
_citation.year                      2010 
_citation.journal_id_ASTM           BMCLE8 
_citation.country                   UK 
_citation.journal_id_ISSN           0960-894X 
_citation.journal_id_CSD            1127 
_citation.book_publisher            ? 
_citation.pdbx_database_id_PubMed   20932746 
_citation.pdbx_database_id_DOI      10.1016/J.BMCL.2010.09.063 
# 
loop_
_citation_author.citation_id 
_citation_author.name 
_citation_author.ordinal 
_citation_author.identifier_ORCID 
primary 'Potter, A.'       1  ? 
primary 'Oldfield, V.'     2  ? 
primary 'Nunns, C.'        3  ? 
primary 'Fromont, C.'      4  ? 
primary 'Ray, S.'          5  ? 
primary 'Northfield, C.J.' 6  ? 
primary 'Bryant, C.J.'     7  ? 
primary 'Scrace, S.F.'     8  ? 
primary 'Robinson, D.'     9  ? 
primary 'Matossova, N.'    10 ? 
primary 'Baker, L.'        11 ? 
primary 'Dokurno, P.'      12 ? 
primary 'Surgenor, A.E.'   13 ? 
primary 'Davis, B.'        14 ? 
primary 'Richardson, C.M.' 15 ? 
primary 'Murray, J.B.'     16 ? 
primary 'Moore, J.D.'      17 ? 
# 
_cell.entry_id           2XP8 
_cell.length_a           68.031 
_cell.length_b           68.031 
_cell.length_c           79.285 
_cell.angle_alpha        90.00 
_cell.angle_beta         90.00 
_cell.angle_gamma        120.00 
_cell.Z_PDB              6 
_cell.pdbx_unique_axis   ? 
# 
_symmetry.entry_id                         2XP8 
_symmetry.space_group_name_H-M             'P 31 2 1' 
_symmetry.pdbx_full_space_group_name_H-M   ? 
_symmetry.cell_setting                     ? 
_symmetry.Int_Tables_number                152 
# 
loop_
_entity.id 
_entity.type 
_entity.src_method 
_entity.pdbx_description 
_entity.formula_weight 
_entity.pdbx_number_of_molecules 
_entity.pdbx_ec 
_entity.pdbx_mutation 
_entity.pdbx_fragment 
_entity.details 
1 polymer     man 'PEPTIDYL-PROLYL CIS-TRANS ISOMERASE NIMA-INTERACTING 1'             18524.525 1  5.2.1.8 YES ? ? 
2 non-polymer syn 'DODECAETHYLENE GLYCOL'                                              546.646   1  ?       ?   ? ? 
3 non-polymer syn '4-(MORPHOLIN-4-YLCARBONYL)-2-PHENYL-1H-IMIDAZOLE-5-CARBOXYLIC ACID' 301.297   1  ?       ?   ? ? 
4 water       nat water                                                                18.015    18 ?       ?   ? ? 
# 
_entity_name_com.entity_id   1 
_entity_name_com.name        'PIN1, PEPTIDYL-PROLYL CIS-TRANS ISOMERASE PIN1, PPIASE PIN1, ROTAMASE PIN1' 
# 
_entity_poly.entity_id                      1 
_entity_poly.type                           'polypeptide(L)' 
_entity_poly.nstd_linkage                   no 
_entity_poly.nstd_monomer                   no 
_entity_poly.pdbx_seq_one_letter_code       
;GSHGMADEEKLPPGWEKAMSRSSGRVYYFNHITNASQWERPSGNSSSGGKNGQGEPARVRCSHLLVKHSQSRRPSSWRQE
KITRTKEEALELINGYIQKIKSGEEDFESLASQFSDCSSAKARGDLGAFSRGQMQKPFEDASFALRTGEMSGPVFTDSGI
HIILRTE
;
_entity_poly.pdbx_seq_one_letter_code_can   
;GSHGMADEEKLPPGWEKAMSRSSGRVYYFNHITNASQWERPSGNSSSGGKNGQGEPARVRCSHLLVKHSQSRRPSSWRQE
KITRTKEEALELINGYIQKIKSGEEDFESLASQFSDCSSAKARGDLGAFSRGQMQKPFEDASFALRTGEMSGPVFTDSGI
HIILRTE
;
_entity_poly.pdbx_strand_id                 A 
_entity_poly.pdbx_target_identifier         ? 
# 
loop_
_entity_poly_seq.entity_id 
_entity_poly_seq.num 
_entity_poly_seq.mon_id 
_entity_poly_seq.hetero 
1 1   GLY n 
1 2   SER n 
1 3   HIS n 
1 4   GLY n 
1 5   MET n 
1 6   ALA n 
1 7   ASP n 
1 8   GLU n 
1 9   GLU n 
1 10  LYS n 
1 11  LEU n 
1 12  PRO n 
1 13  PRO n 
1 14  GLY n 
1 15  TRP n 
1 16  GLU n 
1 17  LYS n 
1 18  ALA n 
1 19  MET n 
1 20  SER n 
1 21  ARG n 
1 22  SER n 
1 23  SER n 
1 24  GLY n 
1 25  ARG n 
1 26  VAL n 
1 27  TYR n 
1 28  TYR n 
1 29  PHE n 
1 30  ASN n 
1 31  HIS n 
1 32  ILE n 
1 33  THR n 
1 34  ASN n 
1 35  ALA n 
1 36  SER n 
1 37  GLN n 
1 38  TRP n 
1 39  GLU n 
1 40  ARG n 
1 41  PRO n 
1 42  SER n 
1 43  GLY n 
1 44  ASN n 
1 45  SER n 
1 46  SER n 
1 47  SER n 
1 48  GLY n 
1 49  GLY n 
1 50  LYS n 
1 51  ASN n 
1 52  GLY n 
1 53  GLN n 
1 54  GLY n 
1 55  GLU n 
1 56  PRO n 
1 57  ALA n 
1 58  ARG n 
1 59  VAL n 
1 60  ARG n 
1 61  CYS n 
1 62  SER n 
1 63  HIS n 
1 64  LEU n 
1 65  LEU n 
1 66  VAL n 
1 67  LYS n 
1 68  HIS n 
1 69  SER n 
1 70  GLN n 
1 71  SER n 
1 72  ARG n 
1 73  ARG n 
1 74  PRO n 
1 75  SER n 
1 76  SER n 
1 77  TRP n 
1 78  ARG n 
1 79  GLN n 
1 80  GLU n 
1 81  LYS n 
1 82  ILE n 
1 83  THR n 
1 84  ARG n 
1 85  THR n 
1 86  LYS n 
1 87  GLU n 
1 88  GLU n 
1 89  ALA n 
1 90  LEU n 
1 91  GLU n 
1 92  LEU n 
1 93  ILE n 
1 94  ASN n 
1 95  GLY n 
1 96  TYR n 
1 97  ILE n 
1 98  GLN n 
1 99  LYS n 
1 100 ILE n 
1 101 LYS n 
1 102 SER n 
1 103 GLY n 
1 104 GLU n 
1 105 GLU n 
1 106 ASP n 
1 107 PHE n 
1 108 GLU n 
1 109 SER n 
1 110 LEU n 
1 111 ALA n 
1 112 SER n 
1 113 GLN n 
1 114 PHE n 
1 115 SER n 
1 116 ASP n 
1 117 CYS n 
1 118 SER n 
1 119 SER n 
1 120 ALA n 
1 121 LYS n 
1 122 ALA n 
1 123 ARG n 
1 124 GLY n 
1 125 ASP n 
1 126 LEU n 
1 127 GLY n 
1 128 ALA n 
1 129 PHE n 
1 130 SER n 
1 131 ARG n 
1 132 GLY n 
1 133 GLN n 
1 134 MET n 
1 135 GLN n 
1 136 LYS n 
1 137 PRO n 
1 138 PHE n 
1 139 GLU n 
1 140 ASP n 
1 141 ALA n 
1 142 SER n 
1 143 PHE n 
1 144 ALA n 
1 145 LEU n 
1 146 ARG n 
1 147 THR n 
1 148 GLY n 
1 149 GLU n 
1 150 MET n 
1 151 SER n 
1 152 GLY n 
1 153 PRO n 
1 154 VAL n 
1 155 PHE n 
1 156 THR n 
1 157 ASP n 
1 158 SER n 
1 159 GLY n 
1 160 ILE n 
1 161 HIS n 
1 162 ILE n 
1 163 ILE n 
1 164 LEU n 
1 165 ARG n 
1 166 THR n 
1 167 GLU n 
# 
_entity_src_gen.entity_id                          1 
_entity_src_gen.pdbx_src_id                        1 
_entity_src_gen.pdbx_alt_source_flag               sample 
_entity_src_gen.pdbx_seq_type                      ? 
_entity_src_gen.pdbx_beg_seq_num                   ? 
_entity_src_gen.pdbx_end_seq_num                   ? 
_entity_src_gen.gene_src_common_name               HUMAN 
_entity_src_gen.gene_src_genus                     ? 
_entity_src_gen.pdbx_gene_src_gene                 ? 
_entity_src_gen.gene_src_species                   ? 
_entity_src_gen.gene_src_strain                    ? 
_entity_src_gen.gene_src_tissue                    ? 
_entity_src_gen.gene_src_tissue_fraction           ? 
_entity_src_gen.gene_src_details                   ? 
_entity_src_gen.pdbx_gene_src_fragment             ? 
_entity_src_gen.pdbx_gene_src_scientific_name      'HOMO SAPIENS' 
_entity_src_gen.pdbx_gene_src_ncbi_taxonomy_id     9606 
_entity_src_gen.pdbx_gene_src_variant              ? 
_entity_src_gen.pdbx_gene_src_cell_line            ? 
_entity_src_gen.pdbx_gene_src_atcc                 ? 
_entity_src_gen.pdbx_gene_src_organ                ? 
_entity_src_gen.pdbx_gene_src_organelle            ? 
_entity_src_gen.pdbx_gene_src_cell                 ? 
_entity_src_gen.pdbx_gene_src_cellular_location    ? 
_entity_src_gen.host_org_common_name               ? 
_entity_src_gen.pdbx_host_org_scientific_name      'ESCHERICHIA COLI' 
_entity_src_gen.pdbx_host_org_ncbi_taxonomy_id     469008 
_entity_src_gen.host_org_genus                     ? 
_entity_src_gen.pdbx_host_org_gene                 ? 
_entity_src_gen.pdbx_host_org_organ                ? 
_entity_src_gen.host_org_species                   ? 
_entity_src_gen.pdbx_host_org_tissue               ? 
_entity_src_gen.pdbx_host_org_tissue_fraction      ? 
_entity_src_gen.pdbx_host_org_strain               'BL21(DE3)' 
_entity_src_gen.pdbx_host_org_variant              ? 
_entity_src_gen.pdbx_host_org_cell_line            ? 
_entity_src_gen.pdbx_host_org_atcc                 ? 
_entity_src_gen.pdbx_host_org_culture_collection   ? 
_entity_src_gen.pdbx_host_org_cell                 ? 
_entity_src_gen.pdbx_host_org_organelle            ? 
_entity_src_gen.pdbx_host_org_cellular_location    ? 
_entity_src_gen.pdbx_host_org_vector_type          PLASMID 
_entity_src_gen.pdbx_host_org_vector               ? 
_entity_src_gen.host_org_details                   ? 
_entity_src_gen.expression_system_id               ? 
_entity_src_gen.plasmid_name                       PET28A 
_entity_src_gen.plasmid_details                    ? 
_entity_src_gen.pdbx_description                   ? 
# 
_struct_ref.id                         1 
_struct_ref.db_name                    UNP 
_struct_ref.db_code                    PIN1_HUMAN 
_struct_ref.entity_id                  1 
_struct_ref.pdbx_seq_one_letter_code   ? 
_struct_ref.pdbx_align_begin           ? 
_struct_ref.pdbx_db_accession          Q13526 
_struct_ref.pdbx_db_isoform            ? 
# 
_struct_ref_seq.align_id                      1 
_struct_ref_seq.ref_id                        1 
_struct_ref_seq.pdbx_PDB_id_code              2XP8 
_struct_ref_seq.pdbx_strand_id                A 
_struct_ref_seq.seq_align_beg                 5 
_struct_ref_seq.pdbx_seq_align_beg_ins_code   ? 
_struct_ref_seq.seq_align_end                 167 
_struct_ref_seq.pdbx_seq_align_end_ins_code   ? 
_struct_ref_seq.pdbx_db_accession             Q13526 
_struct_ref_seq.db_align_beg                  1 
_struct_ref_seq.pdbx_db_align_beg_ins_code    ? 
_struct_ref_seq.db_align_end                  163 
_struct_ref_seq.pdbx_db_align_end_ins_code    ? 
_struct_ref_seq.pdbx_auth_seq_align_beg       1 
_struct_ref_seq.pdbx_auth_seq_align_end       163 
# 
loop_
_struct_ref_seq_dif.align_id 
_struct_ref_seq_dif.pdbx_pdb_id_code 
_struct_ref_seq_dif.mon_id 
_struct_ref_seq_dif.pdbx_pdb_strand_id 
_struct_ref_seq_dif.seq_num 
_struct_ref_seq_dif.pdbx_pdb_ins_code 
_struct_ref_seq_dif.pdbx_seq_db_name 
_struct_ref_seq_dif.pdbx_seq_db_accession_code 
_struct_ref_seq_dif.db_mon_id 
_struct_ref_seq_dif.pdbx_seq_db_seq_num 
_struct_ref_seq_dif.details 
_struct_ref_seq_dif.pdbx_auth_seq_num 
_struct_ref_seq_dif.pdbx_ordinal 
1 2XP8 GLY A 1  ? UNP Q13526 ?   ?  'expression tag'      -3 1 
1 2XP8 SER A 2  ? UNP Q13526 ?   ?  'expression tag'      -2 2 
1 2XP8 HIS A 3  ? UNP Q13526 ?   ?  'expression tag'      -1 3 
1 2XP8 GLY A 4  ? UNP Q13526 ?   ?  'expression tag'      0  4 
1 2XP8 ALA A 18 ? UNP Q13526 ARG 14 'engineered mutation' 14 5 
# 
loop_
_chem_comp.id 
_chem_comp.type 
_chem_comp.mon_nstd_flag 
_chem_comp.name 
_chem_comp.pdbx_synonyms 
_chem_comp.formula 
_chem_comp.formula_weight 
12P non-polymer         . 'DODECAETHYLENE GLYCOL'                                              'POLYETHYLENE GLYCOL PEG400' 
'C24 H50 O13'    546.646 
4FY non-polymer         . '4-(MORPHOLIN-4-YLCARBONYL)-2-PHENYL-1H-IMIDAZOLE-5-CARBOXYLIC ACID' ?                            
'C15 H15 N3 O4'  301.297 
ALA 'L-peptide linking' y ALANINE                                                              ?                            
'C3 H7 N O2'     89.093  
ARG 'L-peptide linking' y ARGININE                                                             ?                            
'C6 H15 N4 O2 1' 175.209 
ASN 'L-peptide linking' y ASPARAGINE                                                           ?                            
'C4 H8 N2 O3'    132.118 
ASP 'L-peptide linking' y 'ASPARTIC ACID'                                                      ?                            
'C4 H7 N O4'     133.103 
CYS 'L-peptide linking' y CYSTEINE                                                             ?                            
'C3 H7 N O2 S'   121.158 
GLN 'L-peptide linking' y GLUTAMINE                                                            ?                            
'C5 H10 N2 O3'   146.144 
GLU 'L-peptide linking' y 'GLUTAMIC ACID'                                                      ?                            
'C5 H9 N O4'     147.129 
GLY 'peptide linking'   y GLYCINE                                                              ?                            
'C2 H5 N O2'     75.067  
HIS 'L-peptide linking' y HISTIDINE                                                            ?                            
'C6 H10 N3 O2 1' 156.162 
HOH non-polymer         . WATER                                                                ?                            'H2 O' 
18.015  
ILE 'L-peptide linking' y ISOLEUCINE                                                           ?                            
'C6 H13 N O2'    131.173 
LEU 'L-peptide linking' y LEUCINE                                                              ?                            
'C6 H13 N O2'    131.173 
LYS 'L-peptide linking' y LYSINE                                                               ?                            
'C6 H15 N2 O2 1' 147.195 
MET 'L-peptide linking' y METHIONINE                                                           ?                            
'C5 H11 N O2 S'  149.211 
PHE 'L-peptide linking' y PHENYLALANINE                                                        ?                            
'C9 H11 N O2'    165.189 
PRO 'L-peptide linking' y PROLINE                                                              ?                            
'C5 H9 N O2'     115.130 
SER 'L-peptide linking' y SERINE                                                               ?                            
'C3 H7 N O3'     105.093 
THR 'L-peptide linking' y THREONINE                                                            ?                            
'C4 H9 N O3'     119.119 
TRP 'L-peptide linking' y TRYPTOPHAN                                                           ?                            
'C11 H12 N2 O2'  204.225 
TYR 'L-peptide linking' y TYROSINE                                                             ?                            
'C9 H11 N O3'    181.189 
VAL 'L-peptide linking' y VALINE                                                               ?                            
'C5 H11 N O2'    117.146 
# 
_exptl.entry_id          2XP8 
_exptl.method            'X-RAY DIFFRACTION' 
_exptl.crystals_number   1 
# 
_exptl_crystal.id                    1 
_exptl_crystal.density_meas          ? 
_exptl_crystal.density_Matthews      2.87 
_exptl_crystal.density_percent_sol   57 
_exptl_crystal.description           NONE 
_exptl_crystal.preparation           ? 
# 
_exptl_crystal_grow.crystal_id      1 
_exptl_crystal_grow.method          'VAPOR DIFFUSION, HANGING DROP' 
_exptl_crystal_grow.temp            277 
_exptl_crystal_grow.temp_details    ? 
_exptl_crystal_grow.pH              7.5 
_exptl_crystal_grow.pdbx_pH_range   ? 
_exptl_crystal_grow.pdbx_details    
'2.2M AMMONIUM SULPHATE, 0.1M HEPES BUFFER, 1% PEG 400, 5MM DTT, PH 7.5, VAPOR DIFFUSION, HANGING DROP, TEMPERATURE 277.0K' 
# 
_diffrn.id                               1 
_diffrn.ambient_temp                     277.0 
_diffrn.ambient_temp_details             ? 
_diffrn.crystal_id                       1 
_diffrn.pdbx_serial_crystal_experiment   ? 
# 
_diffrn_detector.diffrn_id              1 
_diffrn_detector.detector               'IMAGE PLATE' 
_diffrn_detector.type                   'RIGAKU IMAGE PLATE' 
_diffrn_detector.pdbx_collection_date   ? 
_diffrn_detector.details                MIRRORS 
# 
_diffrn_radiation.diffrn_id                        1 
_diffrn_radiation.wavelength_id                    1 
_diffrn_radiation.pdbx_monochromatic_or_laue_m_l   M 
_diffrn_radiation.monochromator                    'CU FILTER' 
_diffrn_radiation.pdbx_diffrn_protocol             'SINGLE WAVELENGTH' 
_diffrn_radiation.pdbx_scattering_type             x-ray 
# 
_diffrn_radiation_wavelength.id           1 
_diffrn_radiation_wavelength.wavelength   1.5418 
_diffrn_radiation_wavelength.wt           1.0 
# 
_diffrn_source.diffrn_id                   1 
_diffrn_source.source                      'ROTATING ANODE' 
_diffrn_source.type                        'RIGAKU RUH3R' 
_diffrn_source.pdbx_synchrotron_site       ? 
_diffrn_source.pdbx_synchrotron_beamline   ? 
_diffrn_source.pdbx_wavelength             1.5418 
_diffrn_source.pdbx_wavelength_list        ? 
# 
_reflns.pdbx_diffrn_id               1 
_reflns.pdbx_ordinal                 1 
_reflns.entry_id                     2XP8 
_reflns.observed_criterion_sigma_I   2.0 
_reflns.observed_criterion_sigma_F   ? 
_reflns.d_resolution_low             30.00 
_reflns.d_resolution_high            2.10 
_reflns.number_obs                   9372 
_reflns.number_all                   ? 
_reflns.percent_possible_obs         72.9 
_reflns.pdbx_Rmerge_I_obs            0.08 
_reflns.pdbx_Rsym_value              ? 
_reflns.pdbx_netI_over_sigmaI        5.30 
_reflns.B_iso_Wilson_estimate        ? 
_reflns.pdbx_redundancy              1.85 
# 
_reflns_shell.pdbx_diffrn_id         1 
_reflns_shell.pdbx_ordinal           1 
_reflns_shell.d_res_high             2.10 
_reflns_shell.d_res_low              2.18 
_reflns_shell.percent_possible_all   71.5 
_reflns_shell.Rmerge_I_obs           0.42 
_reflns_shell.pdbx_Rsym_value        ? 
_reflns_shell.meanI_over_sigI_obs    1.70 
_reflns_shell.pdbx_redundancy        1.83 
# 
_refine.pdbx_refine_id                           'X-RAY DIFFRACTION' 
_refine.entry_id                                 2XP8 
_refine.pdbx_diffrn_id                           1 
_refine.pdbx_TLS_residual_ADP_flag               ? 
_refine.ls_number_reflns_obs                     8901 
_refine.ls_number_reflns_all                     ? 
_refine.pdbx_ls_sigma_I                          ? 
_refine.pdbx_ls_sigma_F                          . 
_refine.pdbx_data_cutoff_high_absF               ? 
_refine.pdbx_data_cutoff_low_absF                ? 
_refine.pdbx_data_cutoff_high_rms_absF           ? 
_refine.ls_d_res_low                             58.93 
_refine.ls_d_res_high                            2.10 
_refine.ls_percent_reflns_obs                    72.84 
_refine.ls_R_factor_obs                          0.26735 
_refine.ls_R_factor_all                          ? 
_refine.ls_R_factor_R_work                       0.26483 
_refine.ls_R_factor_R_free                       0.31466 
_refine.ls_R_factor_R_free_error                 ? 
_refine.ls_R_factor_R_free_error_details         ? 
_refine.ls_percent_reflns_R_free                 5.0 
_refine.ls_number_reflns_R_free                  468 
_refine.ls_number_parameters                     ? 
_refine.ls_number_restraints                     ? 
_refine.occupancy_min                            ? 
_refine.occupancy_max                            ? 
_refine.correlation_coeff_Fo_to_Fc               0.941 
_refine.correlation_coeff_Fo_to_Fc_free          0.908 
_refine.B_iso_mean                               50.886 
_refine.aniso_B[1][1]                            2.21 
_refine.aniso_B[2][2]                            2.21 
_refine.aniso_B[3][3]                            -3.31 
_refine.aniso_B[1][2]                            1.10 
_refine.aniso_B[1][3]                            0.00 
_refine.aniso_B[2][3]                            0.00 
_refine.solvent_model_details                    MASK 
_refine.solvent_model_param_ksol                 ? 
_refine.solvent_model_param_bsol                 ? 
_refine.pdbx_solvent_vdw_probe_radii             1.40 
_refine.pdbx_solvent_ion_probe_radii             0.80 
_refine.pdbx_solvent_shrinkage_radii             0.80 
_refine.pdbx_ls_cross_valid_method               THROUGHOUT 
_refine.details                                  'HYDROGENS HAVE BEEN ADDED IN THE RIDING POSITIONS.' 
_refine.pdbx_starting_model                      'PDB ENTRY 3KCE' 
_refine.pdbx_method_to_determine_struct          'MOLECULAR REPLACEMENT' 
_refine.pdbx_isotropic_thermal_model             ? 
_refine.pdbx_stereochemistry_target_values       'MAXIMUM LIKELIHOOD' 
_refine.pdbx_stereochem_target_val_spec_case     ? 
_refine.pdbx_R_Free_selection_details            RANDOM 
_refine.pdbx_overall_ESU_R                       0.342 
_refine.pdbx_overall_ESU_R_Free                  0.275 
_refine.overall_SU_ML                            0.214 
_refine.pdbx_overall_phase_error                 ? 
_refine.overall_SU_B                             8.477 
_refine.overall_SU_R_Cruickshank_DPI             ? 
_refine.pdbx_overall_SU_R_free_Cruickshank_DPI   ? 
_refine.pdbx_overall_SU_R_Blow_DPI               ? 
_refine.pdbx_overall_SU_R_free_Blow_DPI          ? 
# 
_refine_hist.pdbx_refine_id                   'X-RAY DIFFRACTION' 
_refine_hist.cycle_id                         LAST 
_refine_hist.pdbx_number_atoms_protein        1156 
_refine_hist.pdbx_number_atoms_nucleic_acid   0 
_refine_hist.pdbx_number_atoms_ligand         34 
_refine_hist.number_atoms_solvent             18 
_refine_hist.number_atoms_total               1208 
_refine_hist.d_res_high                       2.10 
_refine_hist.d_res_low                        58.93 
# 
loop_
_refine_ls_restr.type 
_refine_ls_restr.dev_ideal 
_refine_ls_restr.dev_ideal_target 
_refine_ls_restr.weight 
_refine_ls_restr.number 
_refine_ls_restr.pdbx_refine_id 
_refine_ls_restr.pdbx_restraint_function 
r_bond_refined_d             0.018  0.021  ? 1216 'X-RAY DIFFRACTION' ? 
r_bond_other_d               ?      ?      ? ?    'X-RAY DIFFRACTION' ? 
r_angle_refined_deg          1.889  1.973  ? 1629 'X-RAY DIFFRACTION' ? 
r_angle_other_deg            ?      ?      ? ?    'X-RAY DIFFRACTION' ? 
r_dihedral_angle_1_deg       8.530  5.000  ? 143  'X-RAY DIFFRACTION' ? 
r_dihedral_angle_2_deg       37.323 22.586 ? 58   'X-RAY DIFFRACTION' ? 
r_dihedral_angle_3_deg       19.431 15.000 ? 211  'X-RAY DIFFRACTION' ? 
r_dihedral_angle_4_deg       22.675 15.000 ? 13   'X-RAY DIFFRACTION' ? 
r_chiral_restr               0.117  0.200  ? 162  'X-RAY DIFFRACTION' ? 
r_gen_planes_refined         0.010  0.021  ? 933  'X-RAY DIFFRACTION' ? 
r_gen_planes_other           ?      ?      ? ?    'X-RAY DIFFRACTION' ? 
r_nbd_refined                ?      ?      ? ?    'X-RAY DIFFRACTION' ? 
r_nbd_other                  ?      ?      ? ?    'X-RAY DIFFRACTION' ? 
r_nbtor_refined              ?      ?      ? ?    'X-RAY DIFFRACTION' ? 
r_nbtor_other                ?      ?      ? ?    'X-RAY DIFFRACTION' ? 
r_xyhbond_nbd_refined        ?      ?      ? ?    'X-RAY DIFFRACTION' ? 
r_xyhbond_nbd_other          ?      ?      ? ?    'X-RAY DIFFRACTION' ? 
r_metal_ion_refined          ?      ?      ? ?    'X-RAY DIFFRACTION' ? 
r_metal_ion_other            ?      ?      ? ?    'X-RAY DIFFRACTION' ? 
r_symmetry_vdw_refined       ?      ?      ? ?    'X-RAY DIFFRACTION' ? 
r_symmetry_vdw_other         ?      ?      ? ?    'X-RAY DIFFRACTION' ? 
r_symmetry_hbond_refined     ?      ?      ? ?    'X-RAY DIFFRACTION' ? 
r_symmetry_hbond_other       ?      ?      ? ?    'X-RAY DIFFRACTION' ? 
r_symmetry_metal_ion_refined ?      ?      ? ?    'X-RAY DIFFRACTION' ? 
r_symmetry_metal_ion_other   ?      ?      ? ?    'X-RAY DIFFRACTION' ? 
r_mcbond_it                  0.991  1.500  ? 721  'X-RAY DIFFRACTION' ? 
r_mcbond_other               ?      ?      ? ?    'X-RAY DIFFRACTION' ? 
r_mcangle_it                 1.789  2.000  ? 1155 'X-RAY DIFFRACTION' ? 
r_mcangle_other              ?      ?      ? ?    'X-RAY DIFFRACTION' ? 
r_scbond_it                  2.507  3.000  ? 495  'X-RAY DIFFRACTION' ? 
r_scbond_other               ?      ?      ? ?    'X-RAY DIFFRACTION' ? 
r_scangle_it                 4.020  4.500  ? 474  'X-RAY DIFFRACTION' ? 
r_scangle_other              ?      ?      ? ?    'X-RAY DIFFRACTION' ? 
r_long_range_B_refined       ?      ?      ? ?    'X-RAY DIFFRACTION' ? 
r_long_range_B_other         ?      ?      ? ?    'X-RAY DIFFRACTION' ? 
r_rigid_bond_restr           ?      ?      ? ?    'X-RAY DIFFRACTION' ? 
r_sphericity_free            ?      ?      ? ?    'X-RAY DIFFRACTION' ? 
r_sphericity_bonded          ?      ?      ? ?    'X-RAY DIFFRACTION' ? 
# 
_refine_ls_shell.pdbx_refine_id                   'X-RAY DIFFRACTION' 
_refine_ls_shell.pdbx_total_number_of_bins_used   20 
_refine_ls_shell.d_res_high                       2.097 
_refine_ls_shell.d_res_low                        2.151 
_refine_ls_shell.number_reflns_R_work             610 
_refine_ls_shell.R_factor_R_work                  0.412 
_refine_ls_shell.percent_reflns_obs               69.16 
_refine_ls_shell.R_factor_R_free                  0.462 
_refine_ls_shell.R_factor_R_free_error            ? 
_refine_ls_shell.percent_reflns_R_free            ? 
_refine_ls_shell.number_reflns_R_free             29 
_refine_ls_shell.number_reflns_all                ? 
_refine_ls_shell.R_factor_all                     ? 
# 
_struct.entry_id                  2XP8 
_struct.title                     
'DISCOVERY OF CELL-ACTIVE PHENYL-IMIDAZOLE PIN1 INHIBITORS BY STRUCTURE-GUIDED FRAGMENT EVOLUTION' 
_struct.pdbx_model_details        ? 
_struct.pdbx_CASP_flag            ? 
_struct.pdbx_model_type_details   ? 
# 
_struct_keywords.entry_id        2XP8 
_struct_keywords.pdbx_keywords   ISOMERASE 
_struct_keywords.text            'ISOMERASE, PROLINE DIRECTED KINASE, CELL CYCLE, ONCOGENIC TRANSFORMATION' 
# 
loop_
_struct_asym.id 
_struct_asym.pdbx_blank_PDB_chainid_flag 
_struct_asym.pdbx_modified 
_struct_asym.entity_id 
_struct_asym.details 
A N N 1 ? 
B N N 2 ? 
C N N 3 ? 
D N N 4 ? 
# 
loop_
_struct_conf.conf_type_id 
_struct_conf.id 
_struct_conf.pdbx_PDB_helix_id 
_struct_conf.beg_label_comp_id 
_struct_conf.beg_label_asym_id 
_struct_conf.beg_label_seq_id 
_struct_conf.pdbx_beg_PDB_ins_code 
_struct_conf.end_label_comp_id 
_struct_conf.end_label_asym_id 
_struct_conf.end_label_seq_id 
_struct_conf.pdbx_end_PDB_ins_code 
_struct_conf.beg_auth_comp_id 
_struct_conf.beg_auth_asym_id 
_struct_conf.beg_auth_seq_id 
_struct_conf.end_auth_comp_id 
_struct_conf.end_auth_asym_id 
_struct_conf.end_auth_seq_id 
_struct_conf.pdbx_PDB_helix_class 
_struct_conf.details 
_struct_conf.pdbx_PDB_helix_length 
HELX_P HELX_P1 1 THR A 85  ? GLY A 103 ? THR A 81  GLY A 99  1 ? 19 
HELX_P HELX_P2 2 ASP A 106 ? SER A 115 ? ASP A 102 SER A 111 1 ? 10 
HELX_P HELX_P3 3 CYS A 117 ? ARG A 123 ? CYS A 113 ARG A 119 5 ? 7  
HELX_P HELX_P4 4 GLN A 135 ? LEU A 145 ? GLN A 131 LEU A 141 1 ? 11 
# 
_struct_conf_type.id          HELX_P 
_struct_conf_type.criteria    ? 
_struct_conf_type.reference   ? 
# 
loop_
_struct_sheet.id 
_struct_sheet.type 
_struct_sheet.number_strands 
_struct_sheet.details 
AA ? 3 ? 
AB ? 4 ? 
# 
loop_
_struct_sheet_order.sheet_id 
_struct_sheet_order.range_id_1 
_struct_sheet_order.range_id_2 
_struct_sheet_order.offset 
_struct_sheet_order.sense 
AA 1 2 ? anti-parallel 
AA 2 3 ? anti-parallel 
AB 1 2 ? anti-parallel 
AB 2 3 ? anti-parallel 
AB 3 4 ? anti-parallel 
# 
loop_
_struct_sheet_range.sheet_id 
_struct_sheet_range.id 
_struct_sheet_range.beg_label_comp_id 
_struct_sheet_range.beg_label_asym_id 
_struct_sheet_range.beg_label_seq_id 
_struct_sheet_range.pdbx_beg_PDB_ins_code 
_struct_sheet_range.end_label_comp_id 
_struct_sheet_range.end_label_asym_id 
_struct_sheet_range.end_label_seq_id 
_struct_sheet_range.pdbx_end_PDB_ins_code 
_struct_sheet_range.beg_auth_comp_id 
_struct_sheet_range.beg_auth_asym_id 
_struct_sheet_range.beg_auth_seq_id 
_struct_sheet_range.end_auth_comp_id 
_struct_sheet_range.end_auth_asym_id 
_struct_sheet_range.end_auth_seq_id 
AA 1 TRP A 15  ? MET A 19  ? TRP A 11  MET A 15  
AA 2 VAL A 26  ? ASN A 30  ? VAL A 22  ASN A 26  
AA 3 SER A 36  ? GLN A 37  ? SER A 32  GLN A 33  
AB 1 ALA A 128 ? PHE A 129 ? ALA A 124 PHE A 125 
AB 2 VAL A 59  ? VAL A 66  ? VAL A 55  VAL A 62  
AB 3 GLY A 159 ? GLU A 167 ? GLY A 155 GLU A 163 
AB 4 VAL A 154 ? THR A 156 ? VAL A 150 THR A 152 
# 
loop_
_pdbx_struct_sheet_hbond.sheet_id 
_pdbx_struct_sheet_hbond.range_id_1 
_pdbx_struct_sheet_hbond.range_id_2 
_pdbx_struct_sheet_hbond.range_1_label_atom_id 
_pdbx_struct_sheet_hbond.range_1_label_comp_id 
_pdbx_struct_sheet_hbond.range_1_label_asym_id 
_pdbx_struct_sheet_hbond.range_1_label_seq_id 
_pdbx_struct_sheet_hbond.range_1_PDB_ins_code 
_pdbx_struct_sheet_hbond.range_1_auth_atom_id 
_pdbx_struct_sheet_hbond.range_1_auth_comp_id 
_pdbx_struct_sheet_hbond.range_1_auth_asym_id 
_pdbx_struct_sheet_hbond.range_1_auth_seq_id 
_pdbx_struct_sheet_hbond.range_2_label_atom_id 
_pdbx_struct_sheet_hbond.range_2_label_comp_id 
_pdbx_struct_sheet_hbond.range_2_label_asym_id 
_pdbx_struct_sheet_hbond.range_2_label_seq_id 
_pdbx_struct_sheet_hbond.range_2_PDB_ins_code 
_pdbx_struct_sheet_hbond.range_2_auth_atom_id 
_pdbx_struct_sheet_hbond.range_2_auth_comp_id 
_pdbx_struct_sheet_hbond.range_2_auth_asym_id 
_pdbx_struct_sheet_hbond.range_2_auth_seq_id 
AA 1 2 N ALA A 18  ? N ALA A 14  O TYR A 27  ? O TYR A 23  
AA 2 3 N TYR A 28  ? N TYR A 24  O GLN A 37  ? O GLN A 33  
AB 1 2 N PHE A 129 ? N PHE A 125 O VAL A 59  ? O VAL A 55  
AB 2 3 N VAL A 66  ? N VAL A 62  O ILE A 160 ? O ILE A 156 
AB 3 4 N HIS A 161 ? N HIS A 157 O VAL A 154 ? O VAL A 150 
# 
loop_
_struct_site.id 
_struct_site.pdbx_evidence_code 
_struct_site.pdbx_auth_asym_id 
_struct_site.pdbx_auth_comp_id 
_struct_site.pdbx_auth_seq_id 
_struct_site.pdbx_auth_ins_code 
_struct_site.pdbx_num_residues 
_struct_site.details 
AC1 Software A 12P 1164 ? 6 'BINDING SITE FOR RESIDUE 12P A 1164' 
AC2 Software A 4FY 1165 ? 8 'BINDING SITE FOR RESIDUE 4FY A 1165' 
# 
loop_
_struct_site_gen.id 
_struct_site_gen.site_id 
_struct_site_gen.pdbx_num_res 
_struct_site_gen.label_comp_id 
_struct_site_gen.label_asym_id 
_struct_site_gen.label_seq_id 
_struct_site_gen.pdbx_auth_ins_code 
_struct_site_gen.auth_comp_id 
_struct_site_gen.auth_asym_id 
_struct_site_gen.auth_seq_id 
_struct_site_gen.label_atom_id 
_struct_site_gen.label_alt_id 
_struct_site_gen.symmetry 
_struct_site_gen.details 
1  AC1 6 ARG A 21  ? ARG A 17   . ? 1_555 ? 
2  AC1 6 TYR A 27  ? TYR A 23   . ? 1_555 ? 
3  AC1 6 TRP A 38  ? TRP A 34   . ? 1_555 ? 
4  AC1 6 LYS A 101 ? LYS A 97   . ? 5_555 ? 
5  AC1 6 LYS A 101 ? LYS A 97   . ? 1_555 ? 
6  AC1 6 SER A 102 ? SER A 98   . ? 5_555 ? 
7  AC2 8 LYS A 67  ? LYS A 63   . ? 1_555 ? 
8  AC2 8 ARG A 72  ? ARG A 68   . ? 1_555 ? 
9  AC2 8 CYS A 117 ? CYS A 113  . ? 1_555 ? 
10 AC2 8 SER A 118 ? SER A 114  . ? 1_555 ? 
11 AC2 8 LEU A 126 ? LEU A 122  . ? 1_555 ? 
12 AC2 8 GLN A 135 ? GLN A 131  . ? 1_555 ? 
13 AC2 8 SER A 158 ? SER A 154  . ? 1_555 ? 
14 AC2 8 HOH D .   ? HOH A 2016 . ? 1_555 ? 
# 
_atom_sites.entry_id                    2XP8 
_atom_sites.fract_transf_matrix[1][1]   0.00752371 
_atom_sites.fract_transf_matrix[1][2]   -0.01026933 
_atom_sites.fract_transf_matrix[1][3]   0.01122606 
_atom_sites.fract_transf_matrix[2][1]   0.00532163 
_atom_sites.fract_transf_matrix[2][2]   -0.01538352 
_atom_sites.fract_transf_matrix[2][3]   -0.00480730 
_atom_sites.fract_transf_matrix[3][1]   0.01122666 
_atom_sites.fract_transf_matrix[3][2]   0.00484880 
_atom_sites.fract_transf_matrix[3][3]   -0.00308854 
_atom_sites.fract_transf_vector[1]      -0.368368 
_atom_sites.fract_transf_vector[2]      0.240042 
_atom_sites.fract_transf_vector[3]      0.350519 
# 
loop_
_atom_type.symbol 
C 
N 
O 
S 
# 
loop_
_atom_site.group_PDB 
_atom_site.id 
_atom_site.type_symbol 
_atom_site.label_atom_id 
_atom_site.label_alt_id 
_atom_site.label_comp_id 
_atom_site.label_asym_id 
_atom_site.label_entity_id 
_atom_site.label_seq_id 
_atom_site.pdbx_PDB_ins_code 
_atom_site.Cartn_x 
_atom_site.Cartn_y 
_atom_site.Cartn_z 
_atom_site.occupancy 
_atom_site.B_iso_or_equiv 
_atom_site.pdbx_formal_charge 
_atom_site.auth_seq_id 
_atom_site.auth_comp_id 
_atom_site.auth_asym_id 
_atom_site.auth_atom_id 
_atom_site.pdbx_PDB_model_num 
ATOM   1    N N   . LEU A 1 11  ? 10.039  12.295  17.217  1.00 84.16 ? 7    LEU A N   1 
ATOM   2    C CA  . LEU A 1 11  ? 9.422   11.399  16.178  1.00 84.28 ? 7    LEU A CA  1 
ATOM   3    C C   . LEU A 1 11  ? 9.569   9.918   16.520  1.00 83.99 ? 7    LEU A C   1 
ATOM   4    O O   . LEU A 1 11  ? 10.651  9.491   16.932  1.00 84.01 ? 7    LEU A O   1 
ATOM   5    C CB  . LEU A 1 11  ? 10.029  11.662  14.789  1.00 84.27 ? 7    LEU A CB  1 
ATOM   6    C CG  . LEU A 1 11  ? 9.711   13.000  14.117  1.00 83.89 ? 7    LEU A CG  1 
ATOM   7    C CD1 . LEU A 1 11  ? 10.403  13.110  12.774  1.00 82.83 ? 7    LEU A CD1 1 
ATOM   8    C CD2 . LEU A 1 11  ? 8.202   13.170  13.973  1.00 82.82 ? 7    LEU A CD2 1 
ATOM   9    N N   . PRO A 1 12  ? 8.481   9.131   16.373  1.00 83.71 ? 8    PRO A N   1 
ATOM   10   C CA  . PRO A 1 12  ? 8.658   7.685   16.501  1.00 83.37 ? 8    PRO A CA  1 
ATOM   11   C C   . PRO A 1 12  ? 9.528   7.168   15.354  1.00 82.82 ? 8    PRO A C   1 
ATOM   12   O O   . PRO A 1 12  ? 9.493   7.733   14.239  1.00 82.80 ? 8    PRO A O   1 
ATOM   13   C CB  . PRO A 1 12  ? 7.226   7.131   16.421  1.00 83.47 ? 8    PRO A CB  1 
ATOM   14   C CG  . PRO A 1 12  ? 6.364   8.280   16.873  1.00 84.05 ? 8    PRO A CG  1 
ATOM   15   C CD  . PRO A 1 12  ? 7.056   9.503   16.302  1.00 83.90 ? 8    PRO A CD  1 
ATOM   16   N N   . PRO A 1 13  ? 10.347  6.135   15.638  1.00 82.13 ? 9    PRO A N   1 
ATOM   17   C CA  . PRO A 1 13  ? 11.255  5.558   14.634  1.00 81.42 ? 9    PRO A CA  1 
ATOM   18   C C   . PRO A 1 13  ? 10.595  5.207   13.268  1.00 80.39 ? 9    PRO A C   1 
ATOM   19   O O   . PRO A 1 13  ? 9.481   4.666   13.237  1.00 80.47 ? 9    PRO A O   1 
ATOM   20   C CB  . PRO A 1 13  ? 11.811  4.320   15.357  1.00 81.64 ? 9    PRO A CB  1 
ATOM   21   C CG  . PRO A 1 13  ? 11.869  4.768   16.843  1.00 82.09 ? 9    PRO A CG  1 
ATOM   22   C CD  . PRO A 1 13  ? 10.618  5.617   17.006  1.00 82.23 ? 9    PRO A CD  1 
ATOM   23   N N   . GLY A 1 14  ? 11.290  5.529   12.169  1.00 78.84 ? 10   GLY A N   1 
ATOM   24   C CA  . GLY A 1 14  ? 10.816  5.260   10.801  1.00 76.72 ? 10   GLY A CA  1 
ATOM   25   C C   . GLY A 1 14  ? 10.284  6.505   10.125  1.00 75.54 ? 10   GLY A C   1 
ATOM   26   O O   . GLY A 1 14  ? 10.198  6.596   8.896   1.00 74.41 ? 10   GLY A O   1 
ATOM   27   N N   . TRP A 1 15  ? 9.936   7.477   10.953  1.00 74.70 ? 11   TRP A N   1 
ATOM   28   C CA  . TRP A 1 15  ? 9.303   8.691   10.481  1.00 74.44 ? 11   TRP A CA  1 
ATOM   29   C C   . TRP A 1 15  ? 10.300  9.830   10.308  1.00 75.32 ? 11   TRP A C   1 
ATOM   30   O O   . TRP A 1 15  ? 10.896  10.306  11.282  1.00 75.54 ? 11   TRP A O   1 
ATOM   31   C CB  . TRP A 1 15  ? 8.179   9.106   11.451  1.00 73.72 ? 11   TRP A CB  1 
ATOM   32   C CG  . TRP A 1 15  ? 6.874   8.416   11.189  1.00 69.55 ? 11   TRP A CG  1 
ATOM   33   C CD1 . TRP A 1 15  ? 6.362   7.354   11.864  1.00 66.51 ? 11   TRP A CD1 1 
ATOM   34   C CD2 . TRP A 1 15  ? 5.927   8.737   10.159  1.00 65.82 ? 11   TRP A CD2 1 
ATOM   35   N NE1 . TRP A 1 15  ? 5.155   6.988   11.324  1.00 64.71 ? 11   TRP A NE1 1 
ATOM   36   C CE2 . TRP A 1 15  ? 4.864   7.820   10.275  1.00 65.16 ? 11   TRP A CE2 1 
ATOM   37   C CE3 . TRP A 1 15  ? 5.873   9.715   9.159   1.00 63.43 ? 11   TRP A CE3 1 
ATOM   38   C CZ2 . TRP A 1 15  ? 3.752   7.851   9.423   1.00 63.36 ? 11   TRP A CZ2 1 
ATOM   39   C CZ3 . TRP A 1 15  ? 4.777   9.748   8.317   1.00 62.80 ? 11   TRP A CZ3 1 
ATOM   40   C CH2 . TRP A 1 15  ? 3.728   8.826   8.457   1.00 62.86 ? 11   TRP A CH2 1 
ATOM   41   N N   . GLU A 1 16  ? 10.494  10.280  9.080   1.00 75.97 ? 12   GLU A N   1 
ATOM   42   C CA  . GLU A 1 16  ? 11.324  11.461  8.914   1.00 77.25 ? 12   GLU A CA  1 
ATOM   43   C C   . GLU A 1 16  ? 10.528  12.726  8.639   1.00 78.20 ? 12   GLU A C   1 
ATOM   44   O O   . GLU A 1 16  ? 9.811   12.822  7.634   1.00 78.51 ? 12   GLU A O   1 
ATOM   45   C CB  . GLU A 1 16  ? 12.416  11.260  7.859   1.00 77.08 ? 12   GLU A CB  1 
ATOM   46   C CG  . GLU A 1 16  ? 12.078  11.669  6.427   1.00 77.31 ? 12   GLU A CG  1 
ATOM   47   C CD  . GLU A 1 16  ? 13.195  11.300  5.479   1.00 78.09 ? 12   GLU A CD  1 
ATOM   48   O OE1 . GLU A 1 16  ? 13.937  12.210  5.041   1.00 81.27 ? 12   GLU A OE1 1 
ATOM   49   O OE2 . GLU A 1 16  ? 13.362  10.096  5.202   1.00 76.25 ? 12   GLU A OE2 1 
ATOM   50   N N   . LYS A 1 17  ? 10.673  13.701  9.541   1.00 79.05 ? 13   LYS A N   1 
ATOM   51   C CA  . LYS A 1 17  ? 10.285  15.084  9.259   1.00 79.76 ? 13   LYS A CA  1 
ATOM   52   C C   . LYS A 1 17  ? 10.876  15.514  7.898   1.00 79.96 ? 13   LYS A C   1 
ATOM   53   O O   . LYS A 1 17  ? 11.997  15.142  7.529   1.00 80.04 ? 13   LYS A O   1 
ATOM   54   C CB  . LYS A 1 17  ? 10.713  16.012  10.410  1.00 79.76 ? 13   LYS A CB  1 
ATOM   55   C CG  . LYS A 1 17  ? 9.949   17.355  10.516  1.00 81.01 ? 13   LYS A CG  1 
ATOM   56   C CD  . LYS A 1 17  ? 10.351  18.160  11.794  1.00 83.10 ? 13   LYS A CD  1 
ATOM   57   C CE  . LYS A 1 17  ? 10.355  19.687  11.552  1.00 83.64 ? 13   LYS A CE  1 
ATOM   58   N NZ  . LYS A 1 17  ? 10.449  20.525  12.796  1.00 83.70 ? 13   LYS A NZ  1 
ATOM   59   N N   . ALA A 1 18  ? 10.073  16.237  7.130   1.00 80.37 ? 14   ALA A N   1 
ATOM   60   C CA  . ALA A 1 18  ? 10.469  16.769  5.840   1.00 80.53 ? 14   ALA A CA  1 
ATOM   61   C C   . ALA A 1 18  ? 9.648   18.035  5.632   1.00 80.94 ? 14   ALA A C   1 
ATOM   62   O O   . ALA A 1 18  ? 8.654   18.245  6.326   1.00 80.55 ? 14   ALA A O   1 
ATOM   63   C CB  . ALA A 1 18  ? 10.199  15.756  4.736   1.00 80.36 ? 14   ALA A CB  1 
ATOM   64   N N   . MET A 1 19  ? 10.084  18.891  4.710   1.00 81.73 ? 15   MET A N   1 
ATOM   65   C CA  . MET A 1 19  ? 9.300   20.060  4.323   1.00 82.20 ? 15   MET A CA  1 
ATOM   66   C C   . MET A 1 19  ? 8.710   19.836  2.928   1.00 81.78 ? 15   MET A C   1 
ATOM   67   O O   . MET A 1 19  ? 9.324   19.180  2.067   1.00 80.97 ? 15   MET A O   1 
ATOM   68   C CB  . MET A 1 19  ? 10.128  21.367  4.391   1.00 82.89 ? 15   MET A CB  1 
ATOM   69   C CG  . MET A 1 19  ? 9.242   22.655  4.398   1.00 84.81 ? 15   MET A CG  1 
ATOM   70   S SD  . MET A 1 19  ? 9.804   24.184  3.553   1.00 88.76 ? 15   MET A SD  1 
ATOM   71   C CE  . MET A 1 19  ? 10.413  23.606  1.938   1.00 88.00 ? 15   MET A CE  1 
ATOM   72   N N   . SER A 1 20  ? 7.517   20.395  2.734   1.00 81.67 ? 16   SER A N   1 
ATOM   73   C CA  . SER A 1 20  ? 6.762   20.274  1.508   1.00 81.80 ? 16   SER A CA  1 
ATOM   74   C C   . SER A 1 20  ? 7.342   21.159  0.417   1.00 81.88 ? 16   SER A C   1 
ATOM   75   O O   . SER A 1 20  ? 7.465   22.375  0.592   1.00 82.08 ? 16   SER A O   1 
ATOM   76   C CB  . SER A 1 20  ? 5.315   20.659  1.778   1.00 82.10 ? 16   SER A CB  1 
ATOM   77   O OG  . SER A 1 20  ? 4.406   19.966  0.928   1.00 83.01 ? 16   SER A OG  1 
ATOM   78   N N   . ARG A 1 21  ? 7.678   20.519  -0.704  1.00 81.94 ? 17   ARG A N   1 
ATOM   79   C CA  . ARG A 1 21  ? 8.362   21.109  -1.868  1.00 82.16 ? 17   ARG A CA  1 
ATOM   80   C C   . ARG A 1 21  ? 7.588   22.266  -2.492  1.00 81.93 ? 17   ARG A C   1 
ATOM   81   O O   . ARG A 1 21  ? 8.103   23.376  -2.617  1.00 81.87 ? 17   ARG A O   1 
ATOM   82   C CB  . ARG A 1 21  ? 8.587   20.005  -2.932  1.00 82.37 ? 17   ARG A CB  1 
ATOM   83   C CG  . ARG A 1 21  ? 9.681   20.252  -3.999  1.00 83.03 ? 17   ARG A CG  1 
ATOM   84   C CD  . ARG A 1 21  ? 11.110  20.267  -3.401  1.00 84.15 ? 17   ARG A CD  1 
ATOM   85   N NE  . ARG A 1 21  ? 11.202  19.537  -2.130  1.00 83.66 ? 17   ARG A NE  1 
ATOM   86   C CZ  . ARG A 1 21  ? 12.023  18.519  -1.892  1.00 83.35 ? 17   ARG A CZ  1 
ATOM   87   N NH1 . ARG A 1 21  ? 12.859  18.091  -2.832  1.00 82.52 ? 17   ARG A NH1 1 
ATOM   88   N NH2 . ARG A 1 21  ? 12.007  17.932  -0.701  1.00 83.11 ? 17   ARG A NH2 1 
ATOM   89   N N   . SER A 1 22  ? 6.356   21.960  -2.897  1.00 81.98 ? 18   SER A N   1 
ATOM   90   C CA  . SER A 1 22  ? 5.393   22.886  -3.497  1.00 81.79 ? 18   SER A CA  1 
ATOM   91   C C   . SER A 1 22  ? 4.834   23.984  -2.542  1.00 81.77 ? 18   SER A C   1 
ATOM   92   O O   . SER A 1 22  ? 4.574   25.131  -2.957  1.00 81.91 ? 18   SER A O   1 
ATOM   93   C CB  . SER A 1 22  ? 4.248   22.048  -4.084  1.00 81.55 ? 18   SER A CB  1 
ATOM   94   O OG  . SER A 1 22  ? 3.200   22.863  -4.545  1.00 81.31 ? 18   SER A OG  1 
ATOM   95   N N   . SER A 1 23  ? 4.666   23.644  -1.267  1.00 81.41 ? 19   SER A N   1 
ATOM   96   C CA  . SER A 1 23  ? 3.891   24.498  -0.366  1.00 81.27 ? 19   SER A CA  1 
ATOM   97   C C   . SER A 1 23  ? 4.656   25.152  0.776   1.00 80.77 ? 19   SER A C   1 
ATOM   98   O O   . SER A 1 23  ? 4.356   26.290  1.157   1.00 80.31 ? 19   SER A O   1 
ATOM   99   C CB  . SER A 1 23  ? 2.682   23.726  0.210   1.00 81.77 ? 19   SER A CB  1 
ATOM   100  O OG  . SER A 1 23  ? 3.025   22.589  0.999   1.00 81.32 ? 19   SER A OG  1 
ATOM   101  N N   . GLY A 1 24  ? 5.601   24.422  1.353   1.00 80.36 ? 20   GLY A N   1 
ATOM   102  C CA  . GLY A 1 24  ? 6.241   24.880  2.579   1.00 80.35 ? 20   GLY A CA  1 
ATOM   103  C C   . GLY A 1 24  ? 5.487   24.547  3.865   1.00 80.16 ? 20   GLY A C   1 
ATOM   104  O O   . GLY A 1 24  ? 5.781   25.137  4.922   1.00 80.37 ? 20   GLY A O   1 
ATOM   105  N N   . ARG A 1 25  ? 4.507   23.630  3.785   1.00 79.74 ? 21   ARG A N   1 
ATOM   106  C CA  . ARG A 1 25  ? 3.997   22.940  4.987   1.00 78.75 ? 21   ARG A CA  1 
ATOM   107  C C   . ARG A 1 25  ? 4.948   21.764  5.296   1.00 78.12 ? 21   ARG A C   1 
ATOM   108  O O   . ARG A 1 25  ? 5.060   20.821  4.488   1.00 77.67 ? 21   ARG A O   1 
ATOM   109  C CB  . ARG A 1 25  ? 2.505   22.486  4.895   1.00 78.85 ? 21   ARG A CB  1 
ATOM   110  C CG  . ARG A 1 25  ? 1.828   22.238  6.317   1.00 78.64 ? 21   ARG A CG  1 
ATOM   111  C CD  . ARG A 1 25  ? 0.504   21.412  6.384   1.00 78.60 ? 21   ARG A CD  1 
ATOM   112  N NE  . ARG A 1 25  ? -0.271  21.485  5.142   1.00 79.40 ? 21   ARG A NE  1 
ATOM   113  C CZ  . ARG A 1 25  ? -1.523  21.049  4.963   1.00 79.22 ? 21   ARG A CZ  1 
ATOM   114  N NH1 . ARG A 1 25  ? -2.216  20.484  5.954   1.00 78.02 ? 21   ARG A NH1 1 
ATOM   115  N NH2 . ARG A 1 25  ? -2.087  21.180  3.762   1.00 77.00 ? 21   ARG A NH2 1 
ATOM   116  N N   . VAL A 1 26  ? 5.673   21.871  6.429   1.00 76.79 ? 22   VAL A N   1 
ATOM   117  C CA  . VAL A 1 26  ? 6.466   20.756  7.015   1.00 74.94 ? 22   VAL A CA  1 
ATOM   118  C C   . VAL A 1 26  ? 5.564   19.519  7.300   1.00 73.51 ? 22   VAL A C   1 
ATOM   119  O O   . VAL A 1 26  ? 4.503   19.634  7.949   1.00 73.18 ? 22   VAL A O   1 
ATOM   120  C CB  . VAL A 1 26  ? 7.274   21.198  8.302   1.00 75.38 ? 22   VAL A CB  1 
ATOM   121  C CG1 . VAL A 1 26  ? 7.984   20.003  8.978   1.00 75.53 ? 22   VAL A CG1 1 
ATOM   122  C CG2 . VAL A 1 26  ? 8.298   22.323  7.991   1.00 75.09 ? 22   VAL A CG2 1 
ATOM   123  N N   . TYR A 1 27  ? 5.968   18.351  6.786   1.00 71.28 ? 23   TYR A N   1 
ATOM   124  C CA  . TYR A 1 27  ? 5.191   17.131  6.993   1.00 68.88 ? 23   TYR A CA  1 
ATOM   125  C C   . TYR A 1 27  ? 5.969   16.039  7.694   1.00 67.00 ? 23   TYR A C   1 
ATOM   126  O O   . TYR A 1 27  ? 6.787   16.343  8.561   1.00 66.63 ? 23   TYR A O   1 
ATOM   127  C CB  . TYR A 1 27  ? 4.540   16.642  5.703   1.00 69.18 ? 23   TYR A CB  1 
ATOM   128  C CG  . TYR A 1 27  ? 5.456   16.233  4.580   1.00 69.84 ? 23   TYR A CG  1 
ATOM   129  C CD1 . TYR A 1 27  ? 5.771   14.887  4.364   1.00 70.18 ? 23   TYR A CD1 1 
ATOM   130  C CD2 . TYR A 1 27  ? 5.951   17.187  3.683   1.00 71.29 ? 23   TYR A CD2 1 
ATOM   131  C CE1 . TYR A 1 27  ? 6.575   14.496  3.303   1.00 71.44 ? 23   TYR A CE1 1 
ATOM   132  C CE2 . TYR A 1 27  ? 6.761   16.813  2.622   1.00 72.64 ? 23   TYR A CE2 1 
ATOM   133  C CZ  . TYR A 1 27  ? 7.072   15.465  2.437   1.00 73.17 ? 23   TYR A CZ  1 
ATOM   134  O OH  . TYR A 1 27  ? 7.875   15.110  1.370   1.00 75.94 ? 23   TYR A OH  1 
ATOM   135  N N   . TYR A 1 28  ? 5.667   14.784  7.335   1.00 64.79 ? 24   TYR A N   1 
ATOM   136  C CA  . TYR A 1 28  ? 6.252   13.577  7.908   1.00 63.03 ? 24   TYR A CA  1 
ATOM   137  C C   . TYR A 1 28  ? 6.204   12.445  6.860   1.00 61.10 ? 24   TYR A C   1 
ATOM   138  O O   . TYR A 1 28  ? 5.267   12.359  6.071   1.00 61.29 ? 24   TYR A O   1 
ATOM   139  C CB  . TYR A 1 28  ? 5.567   13.193  9.248   1.00 63.79 ? 24   TYR A CB  1 
ATOM   140  C CG  . TYR A 1 28  ? 5.723   14.248  10.361  1.00 66.75 ? 24   TYR A CG  1 
ATOM   141  C CD1 . TYR A 1 28  ? 4.683   15.145  10.677  1.00 69.82 ? 24   TYR A CD1 1 
ATOM   142  C CD2 . TYR A 1 28  ? 6.929   14.368  11.078  1.00 69.93 ? 24   TYR A CD2 1 
ATOM   143  C CE1 . TYR A 1 28  ? 4.845   16.130  11.690  1.00 71.58 ? 24   TYR A CE1 1 
ATOM   144  C CE2 . TYR A 1 28  ? 7.101   15.345  12.089  1.00 70.97 ? 24   TYR A CE2 1 
ATOM   145  C CZ  . TYR A 1 28  ? 6.061   16.212  12.391  1.00 72.08 ? 24   TYR A CZ  1 
ATOM   146  O OH  . TYR A 1 28  ? 6.254   17.150  13.383  1.00 72.59 ? 24   TYR A OH  1 
ATOM   147  N N   . PHE A 1 29  ? 7.241   11.602  6.842   1.00 58.39 ? 25   PHE A N   1 
ATOM   148  C CA  . PHE A 1 29  ? 7.436   10.549  5.825   1.00 55.92 ? 25   PHE A CA  1 
ATOM   149  C C   . PHE A 1 29  ? 7.976   9.307   6.515   1.00 53.49 ? 25   PHE A C   1 
ATOM   150  O O   . PHE A 1 29  ? 8.977   9.360   7.248   1.00 53.79 ? 25   PHE A O   1 
ATOM   151  C CB  . PHE A 1 29  ? 8.412   11.014  4.743   1.00 55.49 ? 25   PHE A CB  1 
ATOM   152  C CG  . PHE A 1 29  ? 8.808   9.944   3.759   1.00 56.56 ? 25   PHE A CG  1 
ATOM   153  C CD1 . PHE A 1 29  ? 9.987   9.190   3.942   1.00 56.90 ? 25   PHE A CD1 1 
ATOM   154  C CD2 . PHE A 1 29  ? 8.038   9.706   2.622   1.00 56.76 ? 25   PHE A CD2 1 
ATOM   155  C CE1 . PHE A 1 29  ? 10.371  8.190   3.010   1.00 55.95 ? 25   PHE A CE1 1 
ATOM   156  C CE2 . PHE A 1 29  ? 8.410   8.701   1.691   1.00 55.97 ? 25   PHE A CE2 1 
ATOM   157  C CZ  . PHE A 1 29  ? 9.578   7.944   1.898   1.00 55.57 ? 25   PHE A CZ  1 
ATOM   158  N N   . ASN A 1 30  ? 7.301   8.195   6.299   1.00 50.57 ? 26   ASN A N   1 
ATOM   159  C CA  . ASN A 1 30  ? 7.784   6.902   6.787   1.00 48.58 ? 26   ASN A CA  1 
ATOM   160  C C   . ASN A 1 30  ? 8.441   6.088   5.656   1.00 47.34 ? 26   ASN A C   1 
ATOM   161  O O   . ASN A 1 30  ? 7.796   5.714   4.664   1.00 48.29 ? 26   ASN A O   1 
ATOM   162  C CB  . ASN A 1 30  ? 6.631   6.126   7.472   1.00 48.26 ? 26   ASN A CB  1 
ATOM   163  C CG  . ASN A 1 30  ? 7.102   4.876   8.168   1.00 48.32 ? 26   ASN A CG  1 
ATOM   164  O OD1 . ASN A 1 30  ? 7.580   3.939   7.532   1.00 46.97 ? 26   ASN A OD1 1 
ATOM   165  N ND2 . ASN A 1 30  ? 6.972   4.849   9.487   1.00 47.57 ? 26   ASN A ND2 1 
ATOM   166  N N   . HIS A 1 31  ? 9.734   5.824   5.783   1.00 45.34 ? 27   HIS A N   1 
ATOM   167  C CA  . HIS A 1 31  ? 10.476  5.158   4.714   1.00 43.03 ? 27   HIS A CA  1 
ATOM   168  C C   . HIS A 1 31  ? 10.175  3.690   4.678   1.00 41.56 ? 27   HIS A C   1 
ATOM   169  O O   . HIS A 1 31  ? 10.646  3.002   3.797   1.00 41.21 ? 27   HIS A O   1 
ATOM   170  C CB  . HIS A 1 31  ? 11.995  5.379   4.849   1.00 42.88 ? 27   HIS A CB  1 
ATOM   171  C CG  . HIS A 1 31  ? 12.589  4.874   6.129   1.00 41.16 ? 27   HIS A CG  1 
ATOM   172  N ND1 . HIS A 1 31  ? 12.832  5.702   7.211   1.00 40.81 ? 27   HIS A ND1 1 
ATOM   173  C CD2 . HIS A 1 31  ? 13.039  3.639   6.495   1.00 42.20 ? 27   HIS A CD2 1 
ATOM   174  C CE1 . HIS A 1 31  ? 13.380  5.000   8.194   1.00 37.43 ? 27   HIS A CE1 1 
ATOM   175  N NE2 . HIS A 1 31  ? 13.529  3.751   7.787   1.00 39.22 ? 27   HIS A NE2 1 
ATOM   176  N N   . ILE A 1 32  ? 9.399   3.202   5.640   1.00 41.16 ? 28   ILE A N   1 
ATOM   177  C CA  . ILE A 1 32  ? 8.983   1.804   5.610   1.00 40.53 ? 28   ILE A CA  1 
ATOM   178  C C   . ILE A 1 32  ? 7.641   1.579   4.910   1.00 40.05 ? 28   ILE A C   1 
ATOM   179  O O   . ILE A 1 32  ? 7.530   0.707   4.063   1.00 39.67 ? 28   ILE A O   1 
ATOM   180  C CB  . ILE A 1 32  ? 9.010   1.113   6.965   1.00 40.59 ? 28   ILE A CB  1 
ATOM   181  C CG1 . ILE A 1 32  ? 9.985   1.833   7.908   1.00 39.71 ? 28   ILE A CG1 1 
ATOM   182  C CG2 . ILE A 1 32  ? 9.395   -0.358  6.721   1.00 38.80 ? 28   ILE A CG2 1 
ATOM   183  C CD1 . ILE A 1 32  ? 10.197  1.205   9.258   1.00 39.87 ? 28   ILE A CD1 1 
ATOM   184  N N   . THR A 1 33  ? 6.652   2.370   5.262   1.00 39.25 ? 29   THR A N   1 
ATOM   185  C CA  . THR A 1 33  ? 5.320   2.202   4.789   1.00 40.32 ? 29   THR A CA  1 
ATOM   186  C C   . THR A 1 33  ? 5.191   2.991   3.487   1.00 40.45 ? 29   THR A C   1 
ATOM   187  O O   . THR A 1 33  ? 4.292   2.724   2.693   1.00 40.14 ? 29   THR A O   1 
ATOM   188  C CB  . THR A 1 33  ? 4.383   2.841   5.781   1.00 40.75 ? 29   THR A CB  1 
ATOM   189  O OG1 . THR A 1 33  ? 4.648   4.252   5.815   1.00 44.53 ? 29   THR A OG1 1 
ATOM   190  C CG2 . THR A 1 33  ? 4.631   2.302   7.174   1.00 40.22 ? 29   THR A CG2 1 
ATOM   191  N N   . ASN A 1 34  ? 6.137   3.913   3.283   1.00 41.31 ? 30   ASN A N   1 
ATOM   192  C CA  . ASN A 1 34  ? 6.042   5.087   2.352   1.00 43.27 ? 30   ASN A CA  1 
ATOM   193  C C   . ASN A 1 34  ? 4.888   6.049   2.593   1.00 43.66 ? 30   ASN A C   1 
ATOM   194  O O   . ASN A 1 34  ? 4.575   6.891   1.756   1.00 44.71 ? 30   ASN A O   1 
ATOM   195  C CB  . ASN A 1 34  ? 6.111   4.658   0.902   1.00 42.43 ? 30   ASN A CB  1 
ATOM   196  C CG  . ASN A 1 34  ? 7.491   4.191   0.523   1.00 45.21 ? 30   ASN A CG  1 
ATOM   197  O OD1 . ASN A 1 34  ? 7.644   3.204   -0.214  1.00 46.97 ? 30   ASN A OD1 1 
ATOM   198  N ND2 . ASN A 1 34  ? 8.524   4.899   1.019   1.00 45.49 ? 30   ASN A ND2 1 
ATOM   199  N N   . ALA A 1 35  ? 4.261   5.950   3.754   1.00 45.00 ? 31   ALA A N   1 
ATOM   200  C CA  . ALA A 1 35  ? 3.223   6.911   4.122   1.00 46.62 ? 31   ALA A CA  1 
ATOM   201  C C   . ALA A 1 35  ? 3.731   8.369   4.109   1.00 47.26 ? 31   ALA A C   1 
ATOM   202  O O   . ALA A 1 35  ? 4.890   8.625   4.476   1.00 47.19 ? 31   ALA A O   1 
ATOM   203  C CB  . ALA A 1 35  ? 2.665   6.568   5.487   1.00 46.08 ? 31   ALA A CB  1 
ATOM   204  N N   . SER A 1 36  ? 2.863   9.302   3.709   1.00 48.49 ? 32   SER A N   1 
ATOM   205  C CA  . SER A 1 36  ? 3.033   10.755  4.006   1.00 50.29 ? 32   SER A CA  1 
ATOM   206  C C   . SER A 1 36  ? 1.829   11.325  4.728   1.00 51.26 ? 32   SER A C   1 
ATOM   207  O O   . SER A 1 36  ? 0.699   11.126  4.311   1.00 51.78 ? 32   SER A O   1 
ATOM   208  C CB  . SER A 1 36  ? 3.212   11.571  2.745   1.00 49.43 ? 32   SER A CB  1 
ATOM   209  O OG  . SER A 1 36  ? 3.822   10.785  1.777   1.00 49.71 ? 32   SER A OG  1 
ATOM   210  N N   . GLN A 1 37  ? 2.055   12.055  5.807   1.00 53.25 ? 33   GLN A N   1 
ATOM   211  C CA  . GLN A 1 37  ? 0.939   12.653  6.530   1.00 54.66 ? 33   GLN A CA  1 
ATOM   212  C C   . GLN A 1 37  ? 1.369   14.007  7.082   1.00 56.74 ? 33   GLN A C   1 
ATOM   213  O O   . GLN A 1 37  ? 2.554   14.220  7.322   1.00 57.05 ? 33   GLN A O   1 
ATOM   214  C CB  . GLN A 1 37  ? 0.452   11.723  7.643   1.00 54.22 ? 33   GLN A CB  1 
ATOM   215  C CG  . GLN A 1 37  ? 1.242   11.840  8.897   1.00 52.33 ? 33   GLN A CG  1 
ATOM   216  C CD  . GLN A 1 37  ? 0.864   10.799  9.894   1.00 51.98 ? 33   GLN A CD  1 
ATOM   217  O OE1 . GLN A 1 37  ? 0.208   9.822   9.566   1.00 47.85 ? 33   GLN A OE1 1 
ATOM   218  N NE2 . GLN A 1 37  ? 1.317   10.981  11.135  1.00 51.72 ? 33   GLN A NE2 1 
ATOM   219  N N   . TRP A 1 38  ? 0.425   14.928  7.269   1.00 58.78 ? 34   TRP A N   1 
ATOM   220  C CA  . TRP A 1 38  ? 0.777   16.222  7.853   1.00 61.08 ? 34   TRP A CA  1 
ATOM   221  C C   . TRP A 1 38  ? 1.006   16.258  9.378   1.00 61.97 ? 34   TRP A C   1 
ATOM   222  O O   . TRP A 1 38  ? 2.033   16.775  9.808   1.00 62.47 ? 34   TRP A O   1 
ATOM   223  C CB  . TRP A 1 38  ? -0.209  17.274  7.431   1.00 61.39 ? 34   TRP A CB  1 
ATOM   224  C CG  . TRP A 1 38  ? -0.361  17.381  5.944   1.00 63.08 ? 34   TRP A CG  1 
ATOM   225  C CD1 . TRP A 1 38  ? -1.375  16.867  5.189   1.00 64.98 ? 34   TRP A CD1 1 
ATOM   226  C CD2 . TRP A 1 38  ? 0.512   18.059  5.036   1.00 63.68 ? 34   TRP A CD2 1 
ATOM   227  N NE1 . TRP A 1 38  ? -1.209  17.208  3.858   1.00 65.87 ? 34   TRP A NE1 1 
ATOM   228  C CE2 . TRP A 1 38  ? -0.052  17.930  3.736   1.00 64.96 ? 34   TRP A CE2 1 
ATOM   229  C CE3 . TRP A 1 38  ? 1.712   18.754  5.189   1.00 63.44 ? 34   TRP A CE3 1 
ATOM   230  C CZ2 . TRP A 1 38  ? 0.540   18.474  2.602   1.00 63.48 ? 34   TRP A CZ2 1 
ATOM   231  C CZ3 . TRP A 1 38  ? 2.294   19.298  4.066   1.00 64.91 ? 34   TRP A CZ3 1 
ATOM   232  C CH2 . TRP A 1 38  ? 1.710   19.151  2.780   1.00 64.91 ? 34   TRP A CH2 1 
ATOM   233  N N   . GLU A 1 39  ? 0.095   15.703  10.184  1.00 63.31 ? 35   GLU A N   1 
ATOM   234  C CA  . GLU A 1 39  ? 0.240   15.733  11.652  1.00 64.63 ? 35   GLU A CA  1 
ATOM   235  C C   . GLU A 1 39  ? 1.449   14.926  12.147  1.00 66.89 ? 35   GLU A C   1 
ATOM   236  O O   . GLU A 1 39  ? 1.917   13.991  11.466  1.00 66.42 ? 35   GLU A O   1 
ATOM   237  C CB  . GLU A 1 39  ? -1.013  15.249  12.380  1.00 64.55 ? 35   GLU A CB  1 
ATOM   238  C CG  . GLU A 1 39  ? -2.334  15.688  11.796  1.00 62.94 ? 35   GLU A CG  1 
ATOM   239  C CD  . GLU A 1 39  ? -2.965  14.629  10.924  1.00 63.19 ? 35   GLU A CD  1 
ATOM   240  O OE1 . GLU A 1 39  ? -4.117  14.241  11.140  1.00 64.57 ? 35   GLU A OE1 1 
ATOM   241  O OE2 . GLU A 1 39  ? -2.218  14.142  9.935   1.00 62.38 ? 35   GLU A OE2 1 
ATOM   242  N N   . ARG A 1 40  ? 1.968   15.287  13.326  1.00 69.00 ? 36   ARG A N   1 
ATOM   243  C CA  . ARG A 1 40  ? 3.043   14.489  13.883  1.00 71.24 ? 36   ARG A CA  1 
ATOM   244  C C   . ARG A 1 40  ? 2.500   13.110  14.244  1.00 72.06 ? 36   ARG A C   1 
ATOM   245  O O   . ARG A 1 40  ? 1.363   12.971  14.713  1.00 72.03 ? 36   ARG A O   1 
ATOM   246  C CB  . ARG A 1 40  ? 3.708   15.156  15.086  1.00 72.12 ? 36   ARG A CB  1 
ATOM   247  C CG  . ARG A 1 40  ? 5.104   14.565  15.417  1.00 74.43 ? 36   ARG A CG  1 
ATOM   248  C CD  . ARG A 1 40  ? 5.856   15.431  16.432  1.00 80.18 ? 36   ARG A CD  1 
ATOM   249  N NE  . ARG A 1 40  ? 7.275   15.589  16.083  1.00 83.49 ? 36   ARG A NE  1 
ATOM   250  C CZ  . ARG A 1 40  ? 8.306   15.134  16.799  1.00 84.82 ? 36   ARG A CZ  1 
ATOM   251  N NH1 . ARG A 1 40  ? 8.111   14.480  17.943  1.00 86.58 ? 36   ARG A NH1 1 
ATOM   252  N NH2 . ARG A 1 40  ? 9.547   15.343  16.371  1.00 84.75 ? 36   ARG A NH2 1 
ATOM   253  N N   . PRO A 1 41  ? 3.282   12.073  13.940  1.00 73.07 ? 37   PRO A N   1 
ATOM   254  C CA  . PRO A 1 41  ? 3.026   10.703  14.458  1.00 73.76 ? 37   PRO A CA  1 
ATOM   255  C C   . PRO A 1 41  ? 2.996   10.610  16.014  1.00 74.33 ? 37   PRO A C   1 
ATOM   256  O O   . PRO A 1 41  ? 3.781   11.294  16.689  1.00 74.39 ? 37   PRO A O   1 
ATOM   257  C CB  . PRO A 1 41  ? 4.195   9.905   13.883  1.00 73.78 ? 37   PRO A CB  1 
ATOM   258  C CG  . PRO A 1 41  ? 4.542   10.661  12.594  1.00 73.24 ? 37   PRO A CG  1 
ATOM   259  C CD  . PRO A 1 41  ? 4.209   12.093  12.791  1.00 72.42 ? 37   PRO A CD  1 
ATOM   260  N N   . SER A 1 42  ? 2.102   9.775   16.568  1.00 74.87 ? 38   SER A N   1 
ATOM   261  C CA  . SER A 1 42  ? 1.939   9.641   18.043  1.00 75.27 ? 38   SER A CA  1 
ATOM   262  C C   . SER A 1 42  ? 1.185   10.810  18.684  1.00 75.20 ? 38   SER A C   1 
ATOM   263  O O   . SER A 1 42  ? 1.073   10.887  19.911  1.00 75.34 ? 38   SER A O   1 
ATOM   264  C CB  . SER A 1 42  ? 3.295   9.436   18.763  1.00 75.34 ? 38   SER A CB  1 
ATOM   265  O OG  . SER A 1 42  ? 3.548   8.070   19.054  1.00 75.07 ? 38   SER A OG  1 
ATOM   266  N N   . GLU A 1 55  ? 5.291   -3.557  19.461  1.00 66.76 ? 51   GLU A N   1 
ATOM   267  C CA  . GLU A 1 55  ? 4.945   -4.243  18.210  1.00 67.03 ? 51   GLU A CA  1 
ATOM   268  C C   . GLU A 1 55  ? 4.365   -5.647  18.441  1.00 66.93 ? 51   GLU A C   1 
ATOM   269  O O   . GLU A 1 55  ? 5.014   -6.467  19.095  1.00 67.58 ? 51   GLU A O   1 
ATOM   270  C CB  . GLU A 1 55  ? 6.145   -4.342  17.247  1.00 67.01 ? 51   GLU A CB  1 
ATOM   271  C CG  . GLU A 1 55  ? 5.741   -4.661  15.777  1.00 67.34 ? 51   GLU A CG  1 
ATOM   272  C CD  . GLU A 1 55  ? 6.763   -5.504  15.017  1.00 67.72 ? 51   GLU A CD  1 
ATOM   273  O OE1 . GLU A 1 55  ? 6.853   -6.731  15.259  1.00 67.35 ? 51   GLU A OE1 1 
ATOM   274  O OE2 . GLU A 1 55  ? 7.462   -4.937  14.152  1.00 68.20 ? 51   GLU A OE2 1 
ATOM   275  N N   . PRO A 1 56  ? 3.149   -5.925  17.875  1.00 66.29 ? 52   PRO A N   1 
ATOM   276  C CA  . PRO A 1 56  ? 2.347   -7.167  18.039  1.00 65.08 ? 52   PRO A CA  1 
ATOM   277  C C   . PRO A 1 56  ? 2.738   -8.394  17.176  1.00 63.47 ? 52   PRO A C   1 
ATOM   278  O O   . PRO A 1 56  ? 3.225   -8.242  16.046  1.00 63.91 ? 52   PRO A O   1 
ATOM   279  C CB  . PRO A 1 56  ? 0.939   -6.708  17.657  1.00 65.43 ? 52   PRO A CB  1 
ATOM   280  C CG  . PRO A 1 56  ? 1.190   -5.631  16.603  1.00 66.12 ? 52   PRO A CG  1 
ATOM   281  C CD  . PRO A 1 56  ? 2.411   -4.900  17.095  1.00 66.28 ? 52   PRO A CD  1 
ATOM   282  N N   . ALA A 1 57  ? 2.500   -9.594  17.717  1.00 61.12 ? 53   ALA A N   1 
ATOM   283  C CA  . ALA A 1 57  ? 2.750   -10.840 17.006  1.00 59.10 ? 53   ALA A CA  1 
ATOM   284  C C   . ALA A 1 57  ? 1.984   -10.955 15.667  1.00 57.78 ? 53   ALA A C   1 
ATOM   285  O O   . ALA A 1 57  ? 2.529   -11.455 14.683  1.00 57.88 ? 53   ALA A O   1 
ATOM   286  C CB  . ALA A 1 57  ? 2.474   -12.055 17.915  1.00 59.21 ? 53   ALA A CB  1 
ATOM   287  N N   . ARG A 1 58  ? 0.743   -10.483 15.611  1.00 55.70 ? 54   ARG A N   1 
ATOM   288  C CA  . ARG A 1 58  ? -0.047  -10.605 14.377  1.00 54.36 ? 54   ARG A CA  1 
ATOM   289  C C   . ARG A 1 58  ? -0.660  -9.267  13.989  1.00 52.67 ? 54   ARG A C   1 
ATOM   290  O O   . ARG A 1 58  ? -0.983  -8.465  14.864  1.00 52.43 ? 54   ARG A O   1 
ATOM   291  C CB  . ARG A 1 58  ? -1.171  -11.648 14.527  1.00 54.39 ? 54   ARG A CB  1 
ATOM   292  C CG  . ARG A 1 58  ? -0.713  -13.027 14.958  1.00 57.08 ? 54   ARG A CG  1 
ATOM   293  C CD  . ARG A 1 58  ? -1.809  -14.094 14.942  1.00 60.97 ? 54   ARG A CD  1 
ATOM   294  N NE  . ARG A 1 58  ? -1.901  -14.851 13.676  1.00 66.19 ? 54   ARG A NE  1 
ATOM   295  C CZ  . ARG A 1 58  ? -0.920  -15.572 13.093  1.00 68.01 ? 54   ARG A CZ  1 
ATOM   296  N NH1 . ARG A 1 58  ? 0.320   -15.649 13.594  1.00 67.46 ? 54   ARG A NH1 1 
ATOM   297  N NH2 . ARG A 1 58  ? -1.178  -16.213 11.952  1.00 68.68 ? 54   ARG A NH2 1 
ATOM   298  N N   . VAL A 1 59  ? -0.808  -9.031  12.686  1.00 50.30 ? 55   VAL A N   1 
ATOM   299  C CA  . VAL A 1 59  ? -1.552  -7.872  12.214  1.00 48.76 ? 55   VAL A CA  1 
ATOM   300  C C   . VAL A 1 59  ? -2.486  -8.328  11.113  1.00 47.31 ? 55   VAL A C   1 
ATOM   301  O O   . VAL A 1 59  ? -2.279  -9.375  10.520  1.00 47.90 ? 55   VAL A O   1 
ATOM   302  C CB  . VAL A 1 59  ? -0.637  -6.749  11.659  1.00 48.93 ? 55   VAL A CB  1 
ATOM   303  C CG1 . VAL A 1 59  ? 0.258   -6.122  12.778  1.00 49.05 ? 55   VAL A CG1 1 
ATOM   304  C CG2 . VAL A 1 59  ? 0.222   -7.283  10.505  1.00 49.03 ? 55   VAL A CG2 1 
ATOM   305  N N   . ARG A 1 60  ? -3.512  -7.532  10.838  1.00 45.20 ? 56   ARG A N   1 
ATOM   306  C CA  . ARG A 1 60  ? -4.406  -7.790  9.707   1.00 42.60 ? 56   ARG A CA  1 
ATOM   307  C C   . ARG A 1 60  ? -4.431  -6.603  8.734   1.00 41.31 ? 56   ARG A C   1 
ATOM   308  O O   . ARG A 1 60  ? -4.565  -5.445  9.172   1.00 39.20 ? 56   ARG A O   1 
ATOM   309  C CB  . ARG A 1 60  ? -5.819  -8.050  10.209  1.00 43.02 ? 56   ARG A CB  1 
ATOM   310  C CG  . ARG A 1 60  ? -6.803  -8.507  9.172   1.00 42.25 ? 56   ARG A CG  1 
ATOM   311  C CD  . ARG A 1 60  ? -8.124  -8.736  9.840   1.00 47.59 ? 56   ARG A CD  1 
ATOM   312  N NE  . ARG A 1 60  ? -9.070  -9.299  8.895   1.00 50.06 ? 56   ARG A NE  1 
ATOM   313  C CZ  . ARG A 1 60  ? -10.305 -9.653  9.199   1.00 50.22 ? 56   ARG A CZ  1 
ATOM   314  N NH1 . ARG A 1 60  ? -10.776 -9.518  10.439  1.00 51.29 ? 56   ARG A NH1 1 
ATOM   315  N NH2 . ARG A 1 60  ? -11.068 -10.139 8.259   1.00 48.76 ? 56   ARG A NH2 1 
ATOM   316  N N   . CYS A 1 61  ? -4.310  -6.912  7.437   1.00 38.29 ? 57   CYS A N   1 
ATOM   317  C CA  . CYS A 1 61  ? -4.252  -5.904  6.396   1.00 37.83 ? 57   CYS A CA  1 
ATOM   318  C C   . CYS A 1 61  ? -4.960  -6.429  5.212   1.00 37.74 ? 57   CYS A C   1 
ATOM   319  O O   . CYS A 1 61  ? -5.067  -7.642  5.022   1.00 35.67 ? 57   CYS A O   1 
ATOM   320  C CB  . CYS A 1 61  ? -2.815  -5.599  5.924   1.00 37.97 ? 57   CYS A CB  1 
ATOM   321  S SG  . CYS A 1 61  ? -1.590  -5.291  7.201   1.00 37.89 ? 57   CYS A SG  1 
ATOM   322  N N   . SER A 1 62  ? -5.463  -5.478  4.443   1.00 36.92 ? 58   SER A N   1 
ATOM   323  C CA  . SER A 1 62  ? -5.907  -5.693  3.108   1.00 37.31 ? 58   SER A CA  1 
ATOM   324  C C   . SER A 1 62  ? -4.934  -4.910  2.255   1.00 36.22 ? 58   SER A C   1 
ATOM   325  O O   . SER A 1 62  ? -4.117  -4.130  2.756   1.00 35.92 ? 58   SER A O   1 
ATOM   326  C CB  . SER A 1 62  ? -7.315  -5.122  2.952   1.00 37.85 ? 58   SER A CB  1 
ATOM   327  O OG  . SER A 1 62  ? -8.041  -5.400  4.124   1.00 38.84 ? 58   SER A OG  1 
ATOM   328  N N   . HIS A 1 63  ? -5.021  -5.082  0.952   1.00 36.41 ? 59   HIS A N   1 
ATOM   329  C CA  . HIS A 1 63  ? -4.088  -4.430  0.043   1.00 34.97 ? 59   HIS A CA  1 
ATOM   330  C C   . HIS A 1 63  ? -4.738  -4.413  -1.311  1.00 34.71 ? 59   HIS A C   1 
ATOM   331  O O   . HIS A 1 63  ? -5.678  -5.140  -1.558  1.00 34.65 ? 59   HIS A O   1 
ATOM   332  C CB  . HIS A 1 63  ? -2.709  -5.160  -0.018  1.00 34.82 ? 59   HIS A CB  1 
ATOM   333  C CG  . HIS A 1 63  ? -2.747  -6.424  -0.827  1.00 29.80 ? 59   HIS A CG  1 
ATOM   334  N ND1 . HIS A 1 63  ? -1.651  -6.940  -1.460  1.00 30.38 ? 59   HIS A ND1 1 
ATOM   335  C CD2 . HIS A 1 63  ? -3.769  -7.265  -1.112  1.00 24.33 ? 59   HIS A CD2 1 
ATOM   336  C CE1 . HIS A 1 63  ? -2.000  -8.021  -2.153  1.00 17.61 ? 59   HIS A CE1 1 
ATOM   337  N NE2 . HIS A 1 63  ? -3.276  -8.256  -1.941  1.00 22.05 ? 59   HIS A NE2 1 
ATOM   338  N N   . LEU A 1 64  ? -4.207  -3.559  -2.171  1.00 35.41 ? 60   LEU A N   1 
ATOM   339  C CA  . LEU A 1 64  ? -4.673  -3.367  -3.526  1.00 35.84 ? 60   LEU A CA  1 
ATOM   340  C C   . LEU A 1 64  ? -3.399  -3.474  -4.327  1.00 34.94 ? 60   LEU A C   1 
ATOM   341  O O   . LEU A 1 64  ? -2.422  -2.720  -4.148  1.00 36.62 ? 60   LEU A O   1 
ATOM   342  C CB  . LEU A 1 64  ? -5.295  -1.979  -3.700  1.00 36.04 ? 60   LEU A CB  1 
ATOM   343  C CG  . LEU A 1 64  ? -5.910  -1.714  -5.067  1.00 38.04 ? 60   LEU A CG  1 
ATOM   344  C CD1 . LEU A 1 64  ? -6.777  -0.404  -5.089  1.00 34.54 ? 60   LEU A CD1 1 
ATOM   345  C CD2 . LEU A 1 64  ? -4.867  -1.668  -6.133  1.00 35.02 ? 60   LEU A CD2 1 
ATOM   346  N N   . LEU A 1 65  ? -3.354  -4.462  -5.166  1.00 34.37 ? 61   LEU A N   1 
ATOM   347  C CA  . LEU A 1 65  ? -2.129  -4.757  -5.878  1.00 33.24 ? 61   LEU A CA  1 
ATOM   348  C C   . LEU A 1 65  ? -2.365  -4.281  -7.267  1.00 33.39 ? 61   LEU A C   1 
ATOM   349  O O   . LEU A 1 65  ? -3.366  -4.604  -7.852  1.00 34.69 ? 61   LEU A O   1 
ATOM   350  C CB  . LEU A 1 65  ? -1.942  -6.267  -5.935  1.00 30.90 ? 61   LEU A CB  1 
ATOM   351  C CG  . LEU A 1 65  ? -0.743  -6.807  -6.724  1.00 34.53 ? 61   LEU A CG  1 
ATOM   352  C CD1 . LEU A 1 65  ? 0.620   -6.293  -6.175  1.00 33.38 ? 61   LEU A CD1 1 
ATOM   353  C CD2 . LEU A 1 65  ? -0.757  -8.356  -6.831  1.00 32.26 ? 61   LEU A CD2 1 
ATOM   354  N N   . VAL A 1 66  ? -1.406  -3.565  -7.823  1.00 35.47 ? 62   VAL A N   1 
ATOM   355  C CA  . VAL A 1 66  ? -1.382  -3.309  -9.223  1.00 35.03 ? 62   VAL A CA  1 
ATOM   356  C C   . VAL A 1 66  ? -0.121  -3.896  -9.771  1.00 35.00 ? 62   VAL A C   1 
ATOM   357  O O   . VAL A 1 66  ? 0.942   -3.389  -9.510  1.00 33.93 ? 62   VAL A O   1 
ATOM   358  C CB  . VAL A 1 66  ? -1.389  -1.793  -9.471  1.00 36.95 ? 62   VAL A CB  1 
ATOM   359  C CG1 . VAL A 1 66  ? -1.278  -1.495  -10.960 1.00 32.70 ? 62   VAL A CG1 1 
ATOM   360  C CG2 . VAL A 1 66  ? -2.662  -1.229  -8.920  1.00 35.01 ? 62   VAL A CG2 1 
ATOM   361  N N   . LYS A 1 67  ? -0.247  -4.962  -10.554 1.00 36.48 ? 63   LYS A N   1 
ATOM   362  C CA  . LYS A 1 67  ? 0.925   -5.583  -11.220 1.00 38.49 ? 63   LYS A CA  1 
ATOM   363  C C   . LYS A 1 67  ? 1.435   -4.801  -12.417 1.00 40.40 ? 63   LYS A C   1 
ATOM   364  O O   . LYS A 1 67  ? 0.820   -3.784  -12.842 1.00 41.24 ? 63   LYS A O   1 
ATOM   365  C CB  . LYS A 1 67  ? 0.629   -7.021  -11.699 1.00 37.60 ? 63   LYS A CB  1 
ATOM   366  C CG  . LYS A 1 67  ? 0.142   -7.937  -10.666 1.00 37.69 ? 63   LYS A CG  1 
ATOM   367  C CD  . LYS A 1 67  ? 0.225   -9.453  -11.104 1.00 33.49 ? 63   LYS A CD  1 
ATOM   368  C CE  . LYS A 1 67  ? 0.290   -10.286 -9.834  1.00 36.87 ? 63   LYS A CE  1 
ATOM   369  N NZ  . LYS A 1 67  ? -0.084  -11.756 -10.017 1.00 40.95 ? 63   LYS A NZ  1 
ATOM   370  N N   . HIS A 1 68  ? 2.576   -5.269  -12.939 1.00 41.81 ? 64   HIS A N   1 
ATOM   371  C CA  . HIS A 1 68  ? 3.307   -4.663  -14.063 1.00 43.32 ? 64   HIS A CA  1 
ATOM   372  C C   . HIS A 1 68  ? 4.077   -5.771  -14.806 1.00 44.61 ? 64   HIS A C   1 
ATOM   373  O O   . HIS A 1 68  ? 3.945   -6.965  -14.474 1.00 44.65 ? 64   HIS A O   1 
ATOM   374  C CB  . HIS A 1 68  ? 4.232   -3.460  -13.654 1.00 43.52 ? 64   HIS A CB  1 
ATOM   375  C CG  . HIS A 1 68  ? 5.324   -3.820  -12.697 1.00 42.96 ? 64   HIS A CG  1 
ATOM   376  N ND1 . HIS A 1 68  ? 6.400   -4.607  -13.046 1.00 44.80 ? 64   HIS A ND1 1 
ATOM   377  C CD2 . HIS A 1 68  ? 5.504   -3.501  -11.395 1.00 45.27 ? 64   HIS A CD2 1 
ATOM   378  C CE1 . HIS A 1 68  ? 7.183   -4.779  -11.994 1.00 45.87 ? 64   HIS A CE1 1 
ATOM   379  N NE2 . HIS A 1 68  ? 6.664   -4.111  -10.977 1.00 44.70 ? 64   HIS A NE2 1 
ATOM   380  N N   . SER A 1 69  ? 4.843   -5.367  -15.816 1.00 45.83 ? 65   SER A N   1 
ATOM   381  C CA  . SER A 1 69  ? 5.324   -6.295  -16.851 1.00 47.34 ? 65   SER A CA  1 
ATOM   382  C C   . SER A 1 69  ? 6.511   -7.069  -16.300 1.00 48.03 ? 65   SER A C   1 
ATOM   383  O O   . SER A 1 69  ? 6.727   -8.232  -16.634 1.00 46.56 ? 65   SER A O   1 
ATOM   384  C CB  . SER A 1 69  ? 5.684   -5.540  -18.132 1.00 46.66 ? 65   SER A CB  1 
ATOM   385  O OG  . SER A 1 69  ? 6.669   -4.554  -17.859 1.00 45.69 ? 65   SER A OG  1 
ATOM   386  N N   . GLN A 1 70  ? 7.220   -6.409  -15.391 1.00 49.95 ? 66   GLN A N   1 
ATOM   387  C CA  . GLN A 1 70  ? 8.306   -7.031  -14.660 1.00 52.16 ? 66   GLN A CA  1 
ATOM   388  C C   . GLN A 1 70  ? 7.817   -7.760  -13.396 1.00 53.54 ? 66   GLN A C   1 
ATOM   389  O O   . GLN A 1 70  ? 8.641   -8.305  -12.649 1.00 54.21 ? 66   GLN A O   1 
ATOM   390  C CB  . GLN A 1 70  ? 9.394   -5.992  -14.310 1.00 52.85 ? 66   GLN A CB  1 
ATOM   391  C CG  . GLN A 1 70  ? 9.696   -4.915  -15.400 1.00 53.32 ? 66   GLN A CG  1 
ATOM   392  C CD  . GLN A 1 70  ? 10.857  -4.006  -14.981 1.00 56.44 ? 66   GLN A CD  1 
ATOM   393  O OE1 . GLN A 1 70  ? 11.980  -4.489  -14.754 1.00 57.29 ? 66   GLN A OE1 1 
ATOM   394  N NE2 . GLN A 1 70  ? 10.583  -2.691  -14.846 1.00 54.61 ? 66   GLN A NE2 1 
ATOM   395  N N   . SER A 1 71  ? 6.499   -7.799  -13.158 1.00 54.12 ? 67   SER A N   1 
ATOM   396  C CA  . SER A 1 71  ? 5.951   -8.514  -11.979 1.00 55.16 ? 67   SER A CA  1 
ATOM   397  C C   . SER A 1 71  ? 6.338   -9.988  -12.010 1.00 55.41 ? 67   SER A C   1 
ATOM   398  O O   . SER A 1 71  ? 6.449   -10.553 -13.077 1.00 56.14 ? 67   SER A O   1 
ATOM   399  C CB  . SER A 1 71  ? 4.420   -8.354  -11.852 1.00 54.91 ? 67   SER A CB  1 
ATOM   400  O OG  . SER A 1 71  ? 4.051   -7.153  -11.176 1.00 55.36 ? 67   SER A OG  1 
ATOM   401  N N   . ARG A 1 72  ? 6.543   -10.597 -10.839 1.00 56.28 ? 68   ARG A N   1 
ATOM   402  C CA  . ARG A 1 72  ? 6.939   -11.978 -10.750 1.00 56.50 ? 68   ARG A CA  1 
ATOM   403  C C   . ARG A 1 72  ? 5.945   -12.762 -11.546 1.00 56.98 ? 68   ARG A C   1 
ATOM   404  O O   . ARG A 1 72  ? 6.340   -13.500 -12.434 1.00 57.57 ? 68   ARG A O   1 
ATOM   405  C CB  . ARG A 1 72  ? 6.971   -12.462 -9.313  1.00 56.95 ? 68   ARG A CB  1 
ATOM   406  C CG  . ARG A 1 72  ? 7.623   -13.833 -9.171  1.00 60.00 ? 68   ARG A CG  1 
ATOM   407  C CD  . ARG A 1 72  ? 9.025   -13.745 -8.537  1.00 65.08 ? 68   ARG A CD  1 
ATOM   408  N NE  . ARG A 1 72  ? 10.094  -13.384 -9.487  1.00 67.54 ? 68   ARG A NE  1 
ATOM   409  C CZ  . ARG A 1 72  ? 11.212  -12.713 -9.167  1.00 69.61 ? 68   ARG A CZ  1 
ATOM   410  N NH1 . ARG A 1 72  ? 11.425  -12.296 -7.918  1.00 70.21 ? 68   ARG A NH1 1 
ATOM   411  N NH2 . ARG A 1 72  ? 12.120  -12.448 -10.098 1.00 67.78 ? 68   ARG A NH2 1 
ATOM   412  N N   . ARG A 1 73  ? 4.651   -12.601 -11.280 1.00 56.70 ? 69   ARG A N   1 
ATOM   413  C CA  . ARG A 1 73  ? 3.657   -13.293 -12.120 1.00 57.22 ? 69   ARG A CA  1 
ATOM   414  C C   . ARG A 1 73  ? 2.698   -12.330 -12.848 1.00 56.72 ? 69   ARG A C   1 
ATOM   415  O O   . ARG A 1 73  ? 1.624   -12.016 -12.312 1.00 56.50 ? 69   ARG A O   1 
ATOM   416  C CB  . ARG A 1 73  ? 2.898   -14.351 -11.325 1.00 57.06 ? 69   ARG A CB  1 
ATOM   417  C CG  . ARG A 1 73  ? 2.312   -15.397 -12.208 1.00 61.85 ? 69   ARG A CG  1 
ATOM   418  C CD  . ARG A 1 73  ? 1.382   -16.326 -11.430 1.00 70.89 ? 69   ARG A CD  1 
ATOM   419  N NE  . ARG A 1 73  ? 0.101   -15.687 -11.092 1.00 77.00 ? 69   ARG A NE  1 
ATOM   420  C CZ  . ARG A 1 73  ? -0.940  -15.544 -11.928 1.00 79.39 ? 69   ARG A CZ  1 
ATOM   421  N NH1 . ARG A 1 73  ? -0.874  -15.978 -13.186 1.00 79.40 ? 69   ARG A NH1 1 
ATOM   422  N NH2 . ARG A 1 73  ? -2.057  -14.949 -11.506 1.00 79.96 ? 69   ARG A NH2 1 
ATOM   423  N N   . PRO A 1 74  ? 3.098   -11.856 -14.061 1.00 57.01 ? 70   PRO A N   1 
ATOM   424  C CA  . PRO A 1 74  ? 2.549   -10.704 -14.848 1.00 57.20 ? 70   PRO A CA  1 
ATOM   425  C C   . PRO A 1 74  ? 1.129   -10.925 -15.393 1.00 57.49 ? 70   PRO A C   1 
ATOM   426  O O   . PRO A 1 74  ? 0.835   -10.677 -16.592 1.00 57.44 ? 70   PRO A O   1 
ATOM   427  C CB  . PRO A 1 74  ? 3.551   -10.546 -16.002 1.00 57.44 ? 70   PRO A CB  1 
ATOM   428  C CG  . PRO A 1 74  ? 4.162   -11.954 -16.152 1.00 57.25 ? 70   PRO A CG  1 
ATOM   429  C CD  . PRO A 1 74  ? 4.230   -12.509 -14.762 1.00 56.98 ? 70   PRO A CD  1 
ATOM   430  N N   . SER A 1 75  ? 0.259   -11.346 -14.478 1.00 56.61 ? 71   SER A N   1 
ATOM   431  C CA  . SER A 1 75  ? -0.986  -11.971 -14.816 1.00 56.10 ? 71   SER A CA  1 
ATOM   432  C C   . SER A 1 75  ? -1.879  -11.981 -13.584 1.00 55.78 ? 71   SER A C   1 
ATOM   433  O O   . SER A 1 75  ? -1.405  -12.249 -12.463 1.00 55.63 ? 71   SER A O   1 
ATOM   434  C CB  . SER A 1 75  ? -0.698  -13.408 -15.228 1.00 56.40 ? 71   SER A CB  1 
ATOM   435  O OG  . SER A 1 75  ? -1.848  -14.019 -15.777 1.00 56.21 ? 71   SER A OG  1 
ATOM   436  N N   . SER A 1 76  ? -3.168  -11.686 -13.786 1.00 55.10 ? 72   SER A N   1 
ATOM   437  C CA  . SER A 1 76  ? -4.168  -11.763 -12.705 1.00 54.19 ? 72   SER A CA  1 
ATOM   438  C C   . SER A 1 76  ? -5.538  -12.167 -13.220 1.00 53.34 ? 72   SER A C   1 
ATOM   439  O O   . SER A 1 76  ? -5.714  -12.523 -14.375 1.00 52.43 ? 72   SER A O   1 
ATOM   440  C CB  . SER A 1 76  ? -4.280  -10.431 -11.971 1.00 53.85 ? 72   SER A CB  1 
ATOM   441  O OG  . SER A 1 76  ? -4.950  -9.485  -12.781 1.00 54.73 ? 72   SER A OG  1 
ATOM   442  N N   . TRP A 1 77  ? -6.502  -12.101 -12.319 1.00 53.70 ? 73   TRP A N   1 
ATOM   443  C CA  . TRP A 1 77  ? -7.895  -12.283 -12.646 1.00 53.64 ? 73   TRP A CA  1 
ATOM   444  C C   . TRP A 1 77  ? -8.374  -11.141 -13.558 1.00 54.00 ? 73   TRP A C   1 
ATOM   445  O O   . TRP A 1 77  ? -9.172  -11.366 -14.449 1.00 54.47 ? 73   TRP A O   1 
ATOM   446  C CB  . TRP A 1 77  ? -8.710  -12.393 -11.356 1.00 53.60 ? 73   TRP A CB  1 
ATOM   447  C CG  . TRP A 1 77  ? -8.928  -11.074 -10.584 1.00 52.57 ? 73   TRP A CG  1 
ATOM   448  C CD1 . TRP A 1 77  ? -8.217  -10.621 -9.499  1.00 49.29 ? 73   TRP A CD1 1 
ATOM   449  C CD2 . TRP A 1 77  ? -9.970  -10.082 -10.824 1.00 51.39 ? 73   TRP A CD2 1 
ATOM   450  N NE1 . TRP A 1 77  ? -8.722  -9.389  -9.084  1.00 48.69 ? 73   TRP A NE1 1 
ATOM   451  C CE2 . TRP A 1 77  ? -9.796  -9.049  -9.870  1.00 48.46 ? 73   TRP A CE2 1 
ATOM   452  C CE3 . TRP A 1 77  ? -11.014 -9.964  -11.770 1.00 52.90 ? 73   TRP A CE3 1 
ATOM   453  C CZ2 . TRP A 1 77  ? -10.641 -7.918  -9.822  1.00 51.12 ? 73   TRP A CZ2 1 
ATOM   454  C CZ3 . TRP A 1 77  ? -11.853 -8.824  -11.736 1.00 51.59 ? 73   TRP A CZ3 1 
ATOM   455  C CH2 . TRP A 1 77  ? -11.658 -7.823  -10.761 1.00 51.44 ? 73   TRP A CH2 1 
ATOM   456  N N   . ARG A 1 78  ? -7.868  -9.929  -13.347 1.00 54.39 ? 74   ARG A N   1 
ATOM   457  C CA  . ARG A 1 78  ? -8.241  -8.772  -14.154 1.00 55.05 ? 74   ARG A CA  1 
ATOM   458  C C   . ARG A 1 78  ? -7.807  -8.857  -15.612 1.00 55.92 ? 74   ARG A C   1 
ATOM   459  O O   . ARG A 1 78  ? -8.453  -8.280  -16.490 1.00 55.85 ? 74   ARG A O   1 
ATOM   460  C CB  . ARG A 1 78  ? -7.599  -7.491  -13.591 1.00 55.00 ? 74   ARG A CB  1 
ATOM   461  C CG  . ARG A 1 78  ? -8.396  -6.756  -12.531 1.00 54.80 ? 74   ARG A CG  1 
ATOM   462  C CD  . ARG A 1 78  ? -7.965  -5.326  -12.427 1.00 54.78 ? 74   ARG A CD  1 
ATOM   463  N NE  . ARG A 1 78  ? -8.681  -4.432  -13.340 1.00 56.45 ? 74   ARG A NE  1 
ATOM   464  C CZ  . ARG A 1 78  ? -8.133  -3.339  -13.870 1.00 59.35 ? 74   ARG A CZ  1 
ATOM   465  N NH1 . ARG A 1 78  ? -6.860  -3.035  -13.594 1.00 57.12 ? 74   ARG A NH1 1 
ATOM   466  N NH2 . ARG A 1 78  ? -8.843  -2.538  -14.675 1.00 61.35 ? 74   ARG A NH2 1 
ATOM   467  N N   . GLN A 1 79  ? -6.676  -9.510  -15.870 1.00 56.50 ? 75   GLN A N   1 
ATOM   468  C CA  . GLN A 1 79  ? -6.029  -9.341  -17.163 1.00 56.88 ? 75   GLN A CA  1 
ATOM   469  C C   . GLN A 1 79  ? -5.112  -10.509 -17.391 1.00 57.14 ? 75   GLN A C   1 
ATOM   470  O O   . GLN A 1 79  ? -4.338  -10.872 -16.513 1.00 57.12 ? 75   GLN A O   1 
ATOM   471  C CB  . GLN A 1 79  ? -5.242  -8.031  -17.169 1.00 57.13 ? 75   GLN A CB  1 
ATOM   472  C CG  . GLN A 1 79  ? -4.661  -7.618  -18.523 1.00 58.70 ? 75   GLN A CG  1 
ATOM   473  C CD  . GLN A 1 79  ? -4.065  -6.210  -18.520 1.00 61.71 ? 75   GLN A CD  1 
ATOM   474  O OE1 . GLN A 1 79  ? -3.513  -5.727  -17.511 1.00 62.62 ? 75   GLN A OE1 1 
ATOM   475  N NE2 . GLN A 1 79  ? -4.158  -5.548  -19.663 1.00 62.31 ? 75   GLN A NE2 1 
ATOM   476  N N   . GLU A 1 80  ? -5.199  -11.113 -18.566 1.00 58.01 ? 76   GLU A N   1 
ATOM   477  C CA  . GLU A 1 80  ? -4.447  -12.340 -18.805 1.00 58.47 ? 76   GLU A CA  1 
ATOM   478  C C   . GLU A 1 80  ? -2.919  -12.148 -18.877 1.00 58.28 ? 76   GLU A C   1 
ATOM   479  O O   . GLU A 1 80  ? -2.165  -12.800 -18.150 1.00 58.36 ? 76   GLU A O   1 
ATOM   480  C CB  . GLU A 1 80  ? -4.975  -13.104 -20.014 1.00 58.67 ? 76   GLU A CB  1 
ATOM   481  C CG  . GLU A 1 80  ? -4.234  -14.434 -20.215 1.00 59.69 ? 76   GLU A CG  1 
ATOM   482  C CD  . GLU A 1 80  ? -5.028  -15.428 -21.032 1.00 63.09 ? 76   GLU A CD  1 
ATOM   483  O OE1 . GLU A 1 80  ? -4.661  -16.624 -21.007 1.00 64.45 ? 76   GLU A OE1 1 
ATOM   484  O OE2 . GLU A 1 80  ? -6.020  -15.014 -21.692 1.00 61.95 ? 76   GLU A OE2 1 
ATOM   485  N N   . LYS A 1 81  ? -2.455  -11.275 -19.754 1.00 58.20 ? 77   LYS A N   1 
ATOM   486  C CA  . LYS A 1 81  ? -1.055  -10.845 -19.651 1.00 58.14 ? 77   LYS A CA  1 
ATOM   487  C C   . LYS A 1 81  ? -0.999  -9.374  -19.227 1.00 57.88 ? 77   LYS A C   1 
ATOM   488  O O   . LYS A 1 81  ? -1.649  -8.496  -19.826 1.00 57.82 ? 77   LYS A O   1 
ATOM   489  C CB  . LYS A 1 81  ? -0.226  -11.178 -20.920 1.00 58.14 ? 77   LYS A CB  1 
ATOM   490  C CG  . LYS A 1 81  ? 0.645   -10.036 -21.467 1.00 57.15 ? 77   LYS A CG  1 
ATOM   491  C CD  . LYS A 1 81  ? 1.461   -10.460 -22.673 1.00 56.52 ? 77   LYS A CD  1 
ATOM   492  C CE  . LYS A 1 81  ? 2.940   -10.532 -22.340 1.00 54.60 ? 77   LYS A CE  1 
ATOM   493  N NZ  . LYS A 1 81  ? 3.807   -10.321 -23.541 1.00 51.66 ? 77   LYS A NZ  1 
ATOM   494  N N   . ILE A 1 82  ? -0.258  -9.110  -18.162 1.00 57.32 ? 78   ILE A N   1 
ATOM   495  C CA  . ILE A 1 82  ? -0.084  -7.727  -17.775 1.00 57.36 ? 78   ILE A CA  1 
ATOM   496  C C   . ILE A 1 82  ? 1.119   -7.076  -18.496 1.00 57.09 ? 78   ILE A C   1 
ATOM   497  O O   . ILE A 1 82  ? 2.204   -7.652  -18.606 1.00 56.76 ? 78   ILE A O   1 
ATOM   498  C CB  . ILE A 1 82  ? -0.186  -7.525  -16.253 1.00 57.17 ? 78   ILE A CB  1 
ATOM   499  C CG1 . ILE A 1 82  ? -1.488  -8.188  -15.776 1.00 57.21 ? 78   ILE A CG1 1 
ATOM   500  C CG2 . ILE A 1 82  ? -0.155  -6.039  -15.923 1.00 57.74 ? 78   ILE A CG2 1 
ATOM   501  C CD1 . ILE A 1 82  ? -2.078  -7.690  -14.467 1.00 57.81 ? 78   ILE A CD1 1 
ATOM   502  N N   . THR A 1 83  ? 0.877   -5.906  -19.057 1.00 56.93 ? 79   THR A N   1 
ATOM   503  C CA  . THR A 1 83  ? 1.844   -5.304  -19.944 1.00 57.21 ? 79   THR A CA  1 
ATOM   504  C C   . THR A 1 83  ? 2.220   -3.875  -19.536 1.00 56.90 ? 79   THR A C   1 
ATOM   505  O O   . THR A 1 83  ? 3.221   -3.332  -20.028 1.00 57.37 ? 79   THR A O   1 
ATOM   506  C CB  . THR A 1 83  ? 1.346   -5.322  -21.394 1.00 57.54 ? 79   THR A CB  1 
ATOM   507  O OG1 . THR A 1 83  ? 0.123   -4.572  -21.484 1.00 57.72 ? 79   THR A OG1 1 
ATOM   508  C CG2 . THR A 1 83  ? 1.101   -6.758  -21.850 1.00 57.49 ? 79   THR A CG2 1 
ATOM   509  N N   . ARG A 1 84  ? 1.427   -3.264  -18.649 1.00 55.85 ? 80   ARG A N   1 
ATOM   510  C CA  . ARG A 1 84  ? 1.784   -1.950  -18.107 1.00 54.14 ? 80   ARG A CA  1 
ATOM   511  C C   . ARG A 1 84  ? 3.204   -1.986  -17.528 1.00 52.64 ? 80   ARG A C   1 
ATOM   512  O O   . ARG A 1 84  ? 3.657   -3.030  -17.049 1.00 53.21 ? 80   ARG A O   1 
ATOM   513  C CB  . ARG A 1 84  ? 0.762   -1.497  -17.050 1.00 53.79 ? 80   ARG A CB  1 
ATOM   514  C CG  . ARG A 1 84  ? 0.742   -2.342  -15.766 1.00 54.13 ? 80   ARG A CG  1 
ATOM   515  C CD  . ARG A 1 84  ? -0.177  -1.762  -14.684 1.00 51.67 ? 80   ARG A CD  1 
ATOM   516  N NE  . ARG A 1 84  ? -1.600  -1.813  -15.055 1.00 52.61 ? 80   ARG A NE  1 
ATOM   517  C CZ  . ARG A 1 84  ? -2.417  -2.831  -14.777 1.00 52.14 ? 80   ARG A CZ  1 
ATOM   518  N NH1 . ARG A 1 84  ? -1.942  -3.888  -14.122 1.00 51.08 ? 80   ARG A NH1 1 
ATOM   519  N NH2 . ARG A 1 84  ? -3.701  -2.799  -15.155 1.00 46.78 ? 80   ARG A NH2 1 
ATOM   520  N N   . THR A 1 85  ? 3.891   -0.855  -17.570 1.00 50.83 ? 81   THR A N   1 
ATOM   521  C CA  . THR A 1 85  ? 5.248   -0.754  -17.062 1.00 49.91 ? 81   THR A CA  1 
ATOM   522  C C   . THR A 1 85  ? 5.176   -0.437  -15.591 1.00 49.61 ? 81   THR A C   1 
ATOM   523  O O   . THR A 1 85  ? 4.141   0.043   -15.126 1.00 50.14 ? 81   THR A O   1 
ATOM   524  C CB  . THR A 1 85  ? 5.999   0.403   -17.738 1.00 50.23 ? 81   THR A CB  1 
ATOM   525  O OG1 . THR A 1 85  ? 5.538   1.648   -17.194 1.00 49.43 ? 81   THR A OG1 1 
ATOM   526  C CG2 . THR A 1 85  ? 5.798   0.383   -19.280 1.00 49.72 ? 81   THR A CG2 1 
ATOM   527  N N   . LYS A 1 86  ? 6.259   -0.667  -14.856 1.00 48.71 ? 82   LYS A N   1 
ATOM   528  C CA  . LYS A 1 86  ? 6.287   -0.295  -13.449 1.00 48.74 ? 82   LYS A CA  1 
ATOM   529  C C   . LYS A 1 86  ? 5.867   1.166   -13.199 1.00 49.34 ? 82   LYS A C   1 
ATOM   530  O O   . LYS A 1 86  ? 5.227   1.487   -12.175 1.00 49.21 ? 82   LYS A O   1 
ATOM   531  C CB  . LYS A 1 86  ? 7.664   -0.552  -12.843 1.00 48.73 ? 82   LYS A CB  1 
ATOM   532  C CG  . LYS A 1 86  ? 7.710   -0.280  -11.348 1.00 49.09 ? 82   LYS A CG  1 
ATOM   533  C CD  . LYS A 1 86  ? 9.106   -0.169  -10.823 1.00 49.29 ? 82   LYS A CD  1 
ATOM   534  C CE  . LYS A 1 86  ? 9.636   -1.497  -10.414 1.00 49.25 ? 82   LYS A CE  1 
ATOM   535  N NZ  . LYS A 1 86  ? 11.066  -1.235  -10.095 1.00 51.62 ? 82   LYS A NZ  1 
ATOM   536  N N   . GLU A 1 87  ? 6.205   2.042   -14.145 1.00 49.83 ? 83   GLU A N   1 
ATOM   537  C CA  . GLU A 1 87  ? 5.958   3.477   -14.000 1.00 49.94 ? 83   GLU A CA  1 
ATOM   538  C C   . GLU A 1 87  ? 4.464   3.758   -14.077 1.00 48.81 ? 83   GLU A C   1 
ATOM   539  O O   . GLU A 1 87  ? 3.958   4.633   -13.382 1.00 47.98 ? 83   GLU A O   1 
ATOM   540  C CB  . GLU A 1 87  ? 6.645   4.223   -15.124 1.00 50.49 ? 83   GLU A CB  1 
ATOM   541  C CG  . GLU A 1 87  ? 7.404   5.457   -14.724 1.00 55.79 ? 83   GLU A CG  1 
ATOM   542  C CD  . GLU A 1 87  ? 8.164   6.041   -15.928 1.00 62.94 ? 83   GLU A CD  1 
ATOM   543  O OE1 . GLU A 1 87  ? 7.512   6.267   -16.983 1.00 64.64 ? 83   GLU A OE1 1 
ATOM   544  O OE2 . GLU A 1 87  ? 9.407   6.251   -15.835 1.00 65.54 ? 83   GLU A OE2 1 
ATOM   545  N N   . GLU A 1 88  ? 3.788   3.002   -14.951 1.00 48.17 ? 84   GLU A N   1 
ATOM   546  C CA  . GLU A 1 88  ? 2.334   3.065   -15.176 1.00 47.16 ? 84   GLU A CA  1 
ATOM   547  C C   . GLU A 1 88  ? 1.557   2.449   -14.022 1.00 45.96 ? 84   GLU A C   1 
ATOM   548  O O   . GLU A 1 88  ? 0.580   3.029   -13.568 1.00 45.73 ? 84   GLU A O   1 
ATOM   549  C CB  . GLU A 1 88  ? 1.963   2.355   -16.477 1.00 47.52 ? 84   GLU A CB  1 
ATOM   550  C CG  . GLU A 1 88  ? 2.186   3.187   -17.732 1.00 49.45 ? 84   GLU A CG  1 
ATOM   551  C CD  . GLU A 1 88  ? 2.092   2.356   -19.006 1.00 50.24 ? 84   GLU A CD  1 
ATOM   552  O OE1 . GLU A 1 88  ? 2.120   2.952   -20.094 1.00 53.79 ? 84   GLU A OE1 1 
ATOM   553  O OE2 . GLU A 1 88  ? 1.981   1.117   -18.933 1.00 50.58 ? 84   GLU A OE2 1 
ATOM   554  N N   . ALA A 1 89  ? 1.997   1.272   -13.563 1.00 45.31 ? 85   ALA A N   1 
ATOM   555  C CA  . ALA A 1 89  ? 1.642   0.721   -12.245 1.00 44.23 ? 85   ALA A CA  1 
ATOM   556  C C   . ALA A 1 89  ? 1.657   1.794   -11.148 1.00 43.93 ? 85   ALA A C   1 
ATOM   557  O O   . ALA A 1 89  ? 0.777   1.870   -10.332 1.00 44.31 ? 85   ALA A O   1 
ATOM   558  C CB  . ALA A 1 89  ? 2.624   -0.407  -11.869 1.00 43.45 ? 85   ALA A CB  1 
ATOM   559  N N   . LEU A 1 90  ? 2.693   2.611   -11.117 1.00 45.12 ? 86   LEU A N   1 
ATOM   560  C CA  . LEU A 1 90  ? 2.822   3.603   -10.067 1.00 45.88 ? 86   LEU A CA  1 
ATOM   561  C C   . LEU A 1 90  ? 1.855   4.781   -10.242 1.00 46.88 ? 86   LEU A C   1 
ATOM   562  O O   . LEU A 1 90  ? 1.454   5.398   -9.239  1.00 47.32 ? 86   LEU A O   1 
ATOM   563  C CB  . LEU A 1 90  ? 4.252   4.115   -10.021 1.00 45.74 ? 86   LEU A CB  1 
ATOM   564  C CG  . LEU A 1 90  ? 4.619   5.131   -8.915  1.00 46.45 ? 86   LEU A CG  1 
ATOM   565  C CD1 . LEU A 1 90  ? 4.219   4.606   -7.509  1.00 44.41 ? 86   LEU A CD1 1 
ATOM   566  C CD2 . LEU A 1 90  ? 6.103   5.482   -8.985  1.00 42.82 ? 86   LEU A CD2 1 
ATOM   567  N N   . GLU A 1 91  ? 1.525   5.131   -11.491 1.00 47.36 ? 87   GLU A N   1 
ATOM   568  C CA  . GLU A 1 91  ? 0.548   6.210   -11.707 1.00 48.33 ? 87   GLU A CA  1 
ATOM   569  C C   . GLU A 1 91  ? -0.810  5.721   -11.303 1.00 47.34 ? 87   GLU A C   1 
ATOM   570  O O   . GLU A 1 91  ? -1.570  6.462   -10.637 1.00 47.54 ? 87   GLU A O   1 
ATOM   571  C CB  . GLU A 1 91  ? 0.538   6.801   -13.135 1.00 49.68 ? 87   GLU A CB  1 
ATOM   572  C CG  . GLU A 1 91  ? 1.119   8.245   -13.174 1.00 55.54 ? 87   GLU A CG  1 
ATOM   573  C CD  . GLU A 1 91  ? 0.883   9.035   -11.829 1.00 63.03 ? 87   GLU A CD  1 
ATOM   574  O OE1 . GLU A 1 91  ? 1.871   9.242   -11.032 1.00 63.70 ? 87   GLU A OE1 1 
ATOM   575  O OE2 . GLU A 1 91  ? -0.308  9.399   -11.559 1.00 64.89 ? 87   GLU A OE2 1 
ATOM   576  N N   . LEU A 1 92  ? -1.094  4.450   -11.641 1.00 45.61 ? 88   LEU A N   1 
ATOM   577  C CA  . LEU A 1 92  ? -2.378  3.857   -11.261 1.00 43.37 ? 88   LEU A CA  1 
ATOM   578  C C   . LEU A 1 92  ? -2.501  3.930   -9.752  1.00 41.28 ? 88   LEU A C   1 
ATOM   579  O O   . LEU A 1 92  ? -3.483  4.451   -9.261  1.00 42.64 ? 88   LEU A O   1 
ATOM   580  C CB  . LEU A 1 92  ? -2.564  2.432   -11.784 1.00 42.56 ? 88   LEU A CB  1 
ATOM   581  C CG  . LEU A 1 92  ? -2.669  2.330   -13.308 1.00 42.30 ? 88   LEU A CG  1 
ATOM   582  C CD1 . LEU A 1 92  ? -2.121  1.021   -13.792 1.00 39.19 ? 88   LEU A CD1 1 
ATOM   583  C CD2 . LEU A 1 92  ? -4.068  2.497   -13.794 1.00 40.46 ? 88   LEU A CD2 1 
ATOM   584  N N   . ILE A 1 93  ? -1.490  3.442   -9.025  1.00 39.13 ? 89   ILE A N   1 
ATOM   585  C CA  . ILE A 1 93  ? -1.535  3.401   -7.542  1.00 36.02 ? 89   ILE A CA  1 
ATOM   586  C C   . ILE A 1 93  ? -1.695  4.832   -6.942  1.00 36.57 ? 89   ILE A C   1 
ATOM   587  O O   . ILE A 1 93  ? -2.364  5.069   -5.918  1.00 36.12 ? 89   ILE A O   1 
ATOM   588  C CB  . ILE A 1 93  ? -0.210  2.788   -7.006  1.00 35.07 ? 89   ILE A CB  1 
ATOM   589  C CG1 . ILE A 1 93  ? -0.110  1.299   -7.311  1.00 29.36 ? 89   ILE A CG1 1 
ATOM   590  C CG2 . ILE A 1 93  ? -0.043  3.069   -5.554  1.00 34.08 ? 89   ILE A CG2 1 
ATOM   591  C CD1 . ILE A 1 93  ? -0.875  0.436   -6.296  1.00 22.71 ? 89   ILE A CD1 1 
ATOM   592  N N   . ASN A 1 94  ? -1.016  5.786   -7.545  1.00 37.55 ? 90   ASN A N   1 
ATOM   593  C CA  . ASN A 1 94  ? -1.036  7.119   -6.975  1.00 37.55 ? 90   ASN A CA  1 
ATOM   594  C C   . ASN A 1 94  ? -2.453  7.675   -7.119  1.00 38.12 ? 90   ASN A C   1 
ATOM   595  O O   . ASN A 1 94  ? -3.013  8.110   -6.132  1.00 38.98 ? 90   ASN A O   1 
ATOM   596  C CB  . ASN A 1 94  ? 0.106   8.003   -7.529  1.00 37.38 ? 90   ASN A CB  1 
ATOM   597  C CG  . ASN A 1 94  ? 1.479   7.718   -6.856  1.00 37.75 ? 90   ASN A CG  1 
ATOM   598  O OD1 . ASN A 1 94  ? 1.569   7.215   -5.725  1.00 40.49 ? 90   ASN A OD1 1 
ATOM   599  N ND2 . ASN A 1 94  ? 2.548   8.050   -7.566  1.00 38.09 ? 90   ASN A ND2 1 
ATOM   600  N N   . GLY A 1 95  ? -3.080  7.507   -8.289  1.00 38.32 ? 91   GLY A N   1 
ATOM   601  C CA  . GLY A 1 95  ? -4.523  7.763   -8.439  1.00 38.56 ? 91   GLY A CA  1 
ATOM   602  C C   . GLY A 1 95  ? -5.356  7.113   -7.344  1.00 39.46 ? 91   GLY A C   1 
ATOM   603  O O   . GLY A 1 95  ? -6.088  7.792   -6.594  1.00 40.06 ? 91   GLY A O   1 
ATOM   604  N N   . TYR A 1 96  ? -5.222  5.793   -7.194  1.00 39.43 ? 92   TYR A N   1 
ATOM   605  C CA  . TYR A 1 96  ? -5.990  5.117   -6.192  1.00 38.65 ? 92   TYR A CA  1 
ATOM   606  C C   . TYR A 1 96  ? -5.700  5.827   -4.872  1.00 39.90 ? 92   TYR A C   1 
ATOM   607  O O   . TYR A 1 96  ? -6.635  6.180   -4.165  1.00 38.70 ? 92   TYR A O   1 
ATOM   608  C CB  . TYR A 1 96  ? -5.682  3.610   -6.161  1.00 37.51 ? 92   TYR A CB  1 
ATOM   609  C CG  . TYR A 1 96  ? -6.000  2.883   -7.485  1.00 38.54 ? 92   TYR A CG  1 
ATOM   610  C CD1 . TYR A 1 96  ? -5.203  1.841   -7.932  1.00 37.90 ? 92   TYR A CD1 1 
ATOM   611  C CD2 . TYR A 1 96  ? -7.073  3.260   -8.307  1.00 36.99 ? 92   TYR A CD2 1 
ATOM   612  C CE1 . TYR A 1 96  ? -5.445  1.186   -9.126  1.00 36.28 ? 92   TYR A CE1 1 
ATOM   613  C CE2 . TYR A 1 96  ? -7.310  2.596   -9.537  1.00 32.33 ? 92   TYR A CE2 1 
ATOM   614  C CZ  . TYR A 1 96  ? -6.481  1.557   -9.907  1.00 33.66 ? 92   TYR A CZ  1 
ATOM   615  O OH  . TYR A 1 96  ? -6.645  0.837   -11.057 1.00 35.74 ? 92   TYR A OH  1 
ATOM   616  N N   . ILE A 1 97  ? -4.427  6.128   -4.576  1.00 40.47 ? 93   ILE A N   1 
ATOM   617  C CA  . ILE A 1 97  ? -4.087  6.598   -3.217  1.00 42.08 ? 93   ILE A CA  1 
ATOM   618  C C   . ILE A 1 97  ? -4.697  7.966   -2.935  1.00 43.94 ? 93   ILE A C   1 
ATOM   619  O O   . ILE A 1 97  ? -4.970  8.326   -1.777  1.00 44.13 ? 93   ILE A O   1 
ATOM   620  C CB  . ILE A 1 97  ? -2.583  6.599   -2.973  1.00 41.09 ? 93   ILE A CB  1 
ATOM   621  C CG1 . ILE A 1 97  ? -2.092  5.146   -2.874  1.00 41.87 ? 93   ILE A CG1 1 
ATOM   622  C CG2 . ILE A 1 97  ? -2.218  7.378   -1.701  1.00 39.63 ? 93   ILE A CG2 1 
ATOM   623  C CD1 . ILE A 1 97  ? -0.603  5.031   -2.953  1.00 37.10 ? 93   ILE A CD1 1 
ATOM   624  N N   . GLN A 1 98  ? -4.963  8.697   -4.011  1.00 45.81 ? 94   GLN A N   1 
ATOM   625  C CA  . GLN A 1 98  ? -5.415  10.054  -3.888  1.00 48.06 ? 94   GLN A CA  1 
ATOM   626  C C   . GLN A 1 98  ? -6.900  10.064  -3.697  1.00 48.74 ? 94   GLN A C   1 
ATOM   627  O O   . GLN A 1 98  ? -7.441  10.734  -2.781  1.00 48.86 ? 94   GLN A O   1 
ATOM   628  C CB  . GLN A 1 98  ? -5.037  10.816  -5.150  1.00 48.52 ? 94   GLN A CB  1 
ATOM   629  C CG  . GLN A 1 98  ? -3.574  11.191  -5.163  1.00 51.68 ? 94   GLN A CG  1 
ATOM   630  C CD  . GLN A 1 98  ? -3.296  12.282  -6.182  1.00 57.44 ? 94   GLN A CD  1 
ATOM   631  O OE1 . GLN A 1 98  ? -4.247  12.807  -6.817  1.00 55.48 ? 94   GLN A OE1 1 
ATOM   632  N NE2 . GLN A 1 98  ? -1.992  12.628  -6.369  1.00 55.88 ? 94   GLN A NE2 1 
ATOM   633  N N   . LYS A 1 99  ? -7.570  9.290   -4.550  1.00 49.65 ? 95   LYS A N   1 
ATOM   634  C CA  . LYS A 1 99  ? -9.023  9.128   -4.458  1.00 50.38 ? 95   LYS A CA  1 
ATOM   635  C C   . LYS A 1 99  ? -9.491  8.547   -3.120  1.00 50.16 ? 95   LYS A C   1 
ATOM   636  O O   . LYS A 1 99  ? -10.525 8.949   -2.605  1.00 50.24 ? 95   LYS A O   1 
ATOM   637  C CB  . LYS A 1 99  ? -9.538  8.307   -5.638  1.00 50.67 ? 95   LYS A CB  1 
ATOM   638  C CG  . LYS A 1 99  ? -9.348  8.946   -6.977  1.00 51.18 ? 95   LYS A CG  1 
ATOM   639  C CD  . LYS A 1 99  ? -9.574  7.879   -8.023  1.00 55.20 ? 95   LYS A CD  1 
ATOM   640  C CE  . LYS A 1 99  ? -10.617 8.314   -9.036  1.00 56.69 ? 95   LYS A CE  1 
ATOM   641  N NZ  . LYS A 1 99  ? -10.143 9.467   -9.823  1.00 55.63 ? 95   LYS A NZ  1 
ATOM   642  N N   . ILE A 1 100 ? -8.734  7.594   -2.563  1.00 50.26 ? 96   ILE A N   1 
ATOM   643  C CA  . ILE A 1 100 ? -8.996  7.103   -1.204  1.00 49.64 ? 96   ILE A CA  1 
ATOM   644  C C   . ILE A 1 100 ? -8.796  8.170   -0.152  1.00 49.52 ? 96   ILE A C   1 
ATOM   645  O O   . ILE A 1 100 ? -9.626  8.343   0.702   1.00 49.63 ? 96   ILE A O   1 
ATOM   646  C CB  . ILE A 1 100 ? -8.086  5.926   -0.806  1.00 49.88 ? 96   ILE A CB  1 
ATOM   647  C CG1 . ILE A 1 100 ? -8.430  4.672   -1.632  1.00 49.34 ? 96   ILE A CG1 1 
ATOM   648  C CG2 . ILE A 1 100 ? -8.149  5.710   0.727   1.00 48.75 ? 96   ILE A CG2 1 
ATOM   649  C CD1 . ILE A 1 100 ? -7.419  3.497   -1.553  1.00 47.79 ? 96   ILE A CD1 1 
ATOM   650  N N   . LYS A 1 101 ? -7.673  8.872   -0.217  1.00 50.33 ? 97   LYS A N   1 
ATOM   651  C CA  . LYS A 1 101 ? -7.303  9.875   0.777   1.00 50.40 ? 97   LYS A CA  1 
ATOM   652  C C   . LYS A 1 101 ? -8.280  11.041  0.837   1.00 50.87 ? 97   LYS A C   1 
ATOM   653  O O   . LYS A 1 101 ? -8.580  11.566  1.933   1.00 51.03 ? 97   LYS A O   1 
ATOM   654  C CB  . LYS A 1 101 ? -5.881  10.385  0.511   1.00 50.45 ? 97   LYS A CB  1 
ATOM   655  C CG  . LYS A 1 101 ? -4.840  9.683   1.365   1.00 49.99 ? 97   LYS A CG  1 
ATOM   656  C CD  . LYS A 1 101 ? -3.444  9.989   0.913   1.00 51.56 ? 97   LYS A CD  1 
ATOM   657  C CE  . LYS A 1 101 ? -2.420  9.535   1.975   1.00 52.73 ? 97   LYS A CE  1 
ATOM   658  N NZ  . LYS A 1 101 ? -1.031  10.084  1.743   1.00 55.31 ? 97   LYS A NZ  1 
ATOM   659  N N   . SER A 1 102 ? -8.766  11.441  -0.331  1.00 50.62 ? 98   SER A N   1 
ATOM   660  C CA  . SER A 1 102 ? -9.735  12.526  -0.438  1.00 51.56 ? 98   SER A CA  1 
ATOM   661  C C   . SER A 1 102 ? -11.158 12.103  -0.027  1.00 51.90 ? 98   SER A C   1 
ATOM   662  O O   . SER A 1 102 ? -11.998 12.928  0.342   1.00 52.13 ? 98   SER A O   1 
ATOM   663  C CB  . SER A 1 102 ? -9.740  13.049  -1.874  1.00 51.36 ? 98   SER A CB  1 
ATOM   664  O OG  . SER A 1 102 ? -10.202 12.060  -2.765  1.00 50.58 ? 98   SER A OG  1 
ATOM   665  N N   . GLY A 1 103 ? -11.420 10.805  -0.122  1.00 52.94 ? 99   GLY A N   1 
ATOM   666  C CA  . GLY A 1 103 ? -12.667 10.223  0.351   1.00 53.61 ? 99   GLY A CA  1 
ATOM   667  C C   . GLY A 1 103 ? -13.509 9.812   -0.823  1.00 53.91 ? 99   GLY A C   1 
ATOM   668  O O   . GLY A 1 103 ? -14.477 9.080   -0.673  1.00 54.43 ? 99   GLY A O   1 
ATOM   669  N N   . GLU A 1 104 ? -13.106 10.270  -1.995  1.00 54.64 ? 100  GLU A N   1 
ATOM   670  C CA  . GLU A 1 104 ? -13.825 10.061  -3.254  1.00 55.38 ? 100  GLU A CA  1 
ATOM   671  C C   . GLU A 1 104 ? -13.851 8.592   -3.841  1.00 55.54 ? 100  GLU A C   1 
ATOM   672  O O   . GLU A 1 104 ? -14.477 8.319   -4.886  1.00 55.74 ? 100  GLU A O   1 
ATOM   673  C CB  . GLU A 1 104 ? -13.341 11.138  -4.233  1.00 55.11 ? 100  GLU A CB  1 
ATOM   674  C CG  . GLU A 1 104 ? -12.989 10.699  -5.618  1.00 58.73 ? 100  GLU A CG  1 
ATOM   675  C CD  . GLU A 1 104 ? -13.084 11.855  -6.601  1.00 64.07 ? 100  GLU A CD  1 
ATOM   676  O OE1 . GLU A 1 104 ? -12.209 12.771  -6.557  1.00 66.12 ? 100  GLU A OE1 1 
ATOM   677  O OE2 . GLU A 1 104 ? -14.050 11.857  -7.406  1.00 65.89 ? 100  GLU A OE2 1 
ATOM   678  N N   . GLU A 1 105 ? -13.179 7.653   -3.177  1.00 54.79 ? 101  GLU A N   1 
ATOM   679  C CA  . GLU A 1 105 ? -13.578 6.237   -3.230  1.00 54.16 ? 101  GLU A CA  1 
ATOM   680  C C   . GLU A 1 105 ? -13.160 5.660   -1.890  1.00 53.60 ? 101  GLU A C   1 
ATOM   681  O O   . GLU A 1 105 ? -12.528 6.353   -1.073  1.00 54.27 ? 101  GLU A O   1 
ATOM   682  C CB  . GLU A 1 105 ? -12.887 5.443   -4.345  1.00 54.63 ? 101  GLU A CB  1 
ATOM   683  C CG  . GLU A 1 105 ? -12.963 5.994   -5.754  1.00 56.04 ? 101  GLU A CG  1 
ATOM   684  C CD  . GLU A 1 105 ? -14.324 5.808   -6.405  1.00 58.38 ? 101  GLU A CD  1 
ATOM   685  O OE1 . GLU A 1 105 ? -14.829 6.804   -6.937  1.00 60.03 ? 101  GLU A OE1 1 
ATOM   686  O OE2 . GLU A 1 105 ? -14.888 4.690   -6.401  1.00 58.09 ? 101  GLU A OE2 1 
ATOM   687  N N   . ASP A 1 106 ? -13.496 4.412   -1.621  1.00 52.55 ? 102  ASP A N   1 
ATOM   688  C CA  . ASP A 1 106 ? -12.863 3.797   -0.471  1.00 52.07 ? 102  ASP A CA  1 
ATOM   689  C C   . ASP A 1 106 ? -11.951 2.646   -0.848  1.00 49.30 ? 102  ASP A C   1 
ATOM   690  O O   . ASP A 1 106 ? -11.950 2.185   -1.968  1.00 47.98 ? 102  ASP A O   1 
ATOM   691  C CB  . ASP A 1 106 ? -13.866 3.425   0.608   1.00 53.76 ? 102  ASP A CB  1 
ATOM   692  C CG  . ASP A 1 106 ? -15.049 2.660   0.070   1.00 57.67 ? 102  ASP A CG  1 
ATOM   693  O OD1 . ASP A 1 106 ? -16.178 3.200   0.177   1.00 62.84 ? 102  ASP A OD1 1 
ATOM   694  O OD2 . ASP A 1 106 ? -14.867 1.506   -0.419  1.00 63.40 ? 102  ASP A OD2 1 
ATOM   695  N N   . PHE A 1 107 ? -11.142 2.226   0.111   1.00 47.88 ? 103  PHE A N   1 
ATOM   696  C CA  . PHE A 1 107 ? -10.117 1.241   -0.152  1.00 45.68 ? 103  PHE A CA  1 
ATOM   697  C C   . PHE A 1 107 ? -10.725 -0.027  -0.739  1.00 45.33 ? 103  PHE A C   1 
ATOM   698  O O   . PHE A 1 107 ? -10.282 -0.554  -1.774  1.00 44.54 ? 103  PHE A O   1 
ATOM   699  C CB  . PHE A 1 107 ? -9.347  0.910   1.122   1.00 44.90 ? 103  PHE A CB  1 
ATOM   700  C CG  . PHE A 1 107 ? -8.334  -0.130  0.917   1.00 44.77 ? 103  PHE A CG  1 
ATOM   701  C CD1 . PHE A 1 107 ? -7.125  0.179   0.285   1.00 45.82 ? 103  PHE A CD1 1 
ATOM   702  C CD2 . PHE A 1 107 ? -8.588  -1.420  1.271   1.00 43.22 ? 103  PHE A CD2 1 
ATOM   703  C CE1 . PHE A 1 107 ? -6.184  -0.753  0.051   1.00 43.05 ? 103  PHE A CE1 1 
ATOM   704  C CE2 . PHE A 1 107 ? -7.636  -2.394  1.031   1.00 44.83 ? 103  PHE A CE2 1 
ATOM   705  C CZ  . PHE A 1 107 ? -6.427  -2.058  0.430   1.00 43.03 ? 103  PHE A CZ  1 
ATOM   706  N N   . GLU A 1 108 ? -11.745 -0.503  -0.043  1.00 44.18 ? 104  GLU A N   1 
ATOM   707  C CA  . GLU A 1 108 ? -12.326 -1.775  -0.286  1.00 43.28 ? 104  GLU A CA  1 
ATOM   708  C C   . GLU A 1 108 ? -12.956 -1.711  -1.658  1.00 43.81 ? 104  GLU A C   1 
ATOM   709  O O   . GLU A 1 108 ? -12.892 -2.687  -2.420  1.00 44.00 ? 104  GLU A O   1 
ATOM   710  C CB  . GLU A 1 108 ? -13.375 -2.080  0.804   1.00 44.01 ? 104  GLU A CB  1 
ATOM   711  C CG  . GLU A 1 108 ? -12.834 -2.369  2.223   1.00 45.22 ? 104  GLU A CG  1 
ATOM   712  C CD  . GLU A 1 108 ? -12.567 -1.129  3.148   1.00 50.79 ? 104  GLU A CD  1 
ATOM   713  O OE1 . GLU A 1 108 ? -12.712 0.097   2.748   1.00 49.74 ? 104  GLU A OE1 1 
ATOM   714  O OE2 . GLU A 1 108 ? -12.172 -1.434  4.317   1.00 50.60 ? 104  GLU A OE2 1 
ATOM   715  N N   . SER A 1 109 ? -13.555 -0.575  -2.006  1.00 42.89 ? 105  SER A N   1 
ATOM   716  C CA  . SER A 1 109 ? -14.245 -0.507  -3.283  1.00 43.34 ? 105  SER A CA  1 
ATOM   717  C C   . SER A 1 109 ? -13.265 -0.652  -4.450  1.00 43.01 ? 105  SER A C   1 
ATOM   718  O O   . SER A 1 109 ? -13.457 -1.509  -5.353  1.00 43.24 ? 105  SER A O   1 
ATOM   719  C CB  . SER A 1 109 ? -15.026 0.785   -3.431  1.00 43.17 ? 105  SER A CB  1 
ATOM   720  O OG  . SER A 1 109 ? -15.236 1.015   -4.813  1.00 44.24 ? 105  SER A OG  1 
ATOM   721  N N   . LEU A 1 110 ? -12.208 0.175   -4.395  1.00 41.85 ? 106  LEU A N   1 
ATOM   722  C CA  . LEU A 1 110 ? -11.109 0.180   -5.365  1.00 40.53 ? 106  LEU A CA  1 
ATOM   723  C C   . LEU A 1 110 ? -10.397 -1.126  -5.390  1.00 39.39 ? 106  LEU A C   1 
ATOM   724  O O   . LEU A 1 110 ? -10.111 -1.650  -6.484  1.00 39.15 ? 106  LEU A O   1 
ATOM   725  C CB  . LEU A 1 110 ? -10.133 1.304   -5.084  1.00 40.29 ? 106  LEU A CB  1 
ATOM   726  C CG  . LEU A 1 110 ? -10.771 2.636   -5.454  1.00 43.22 ? 106  LEU A CG  1 
ATOM   727  C CD1 . LEU A 1 110 ? -9.918  3.781   -4.959  1.00 44.39 ? 106  LEU A CD1 1 
ATOM   728  C CD2 . LEU A 1 110 ? -10.946 2.692   -6.957  1.00 45.59 ? 106  LEU A CD2 1 
ATOM   729  N N   . ALA A 1 111 ? -10.117 -1.672  -4.212  1.00 38.07 ? 107  ALA A N   1 
ATOM   730  C CA  . ALA A 1 111 ? -9.428  -2.985  -4.129  1.00 38.59 ? 107  ALA A CA  1 
ATOM   731  C C   . ALA A 1 111 ? -10.245 -4.067  -4.825  1.00 39.61 ? 107  ALA A C   1 
ATOM   732  O O   . ALA A 1 111 ? -9.681  -4.943  -5.489  1.00 39.92 ? 107  ALA A O   1 
ATOM   733  C CB  . ALA A 1 111 ? -9.212  -3.369  -2.725  1.00 36.62 ? 107  ALA A CB  1 
ATOM   734  N N   . SER A 1 112 ? -11.574 -4.007  -4.646  1.00 41.15 ? 108  SER A N   1 
ATOM   735  C CA  . SER A 1 112 ? -12.517 -4.919  -5.268  1.00 41.97 ? 108  SER A CA  1 
ATOM   736  C C   . SER A 1 112 ? -12.489 -4.847  -6.801  1.00 42.37 ? 108  SER A C   1 
ATOM   737  O O   . SER A 1 112 ? -12.543 -5.884  -7.465  1.00 43.47 ? 108  SER A O   1 
ATOM   738  C CB  . SER A 1 112 ? -13.924 -4.673  -4.747  1.00 42.30 ? 108  SER A CB  1 
ATOM   739  O OG  . SER A 1 112 ? -14.073 -5.129  -3.396  1.00 46.07 ? 108  SER A OG  1 
ATOM   740  N N   . GLN A 1 113 ? -12.418 -3.642  -7.361  1.00 42.08 ? 109  GLN A N   1 
ATOM   741  C CA  . GLN A 1 113 ? -12.492 -3.464  -8.826  1.00 41.74 ? 109  GLN A CA  1 
ATOM   742  C C   . GLN A 1 113 ? -11.138 -3.639  -9.424  1.00 41.08 ? 109  GLN A C   1 
ATOM   743  O O   . GLN A 1 113 ? -10.975 -4.184  -10.507 1.00 42.20 ? 109  GLN A O   1 
ATOM   744  C CB  . GLN A 1 113 ? -12.956 -2.042  -9.188  1.00 41.32 ? 109  GLN A CB  1 
ATOM   745  C CG  . GLN A 1 113 ? -14.319 -1.739  -8.640  1.00 40.07 ? 109  GLN A CG  1 
ATOM   746  C CD  . GLN A 1 113 ? -14.674 -0.312  -8.716  1.00 40.15 ? 109  GLN A CD  1 
ATOM   747  O OE1 . GLN A 1 113 ? -14.706 0.391   -7.690  1.00 39.25 ? 109  GLN A OE1 1 
ATOM   748  N NE2 . GLN A 1 113 ? -14.970 0.150   -9.918  1.00 37.89 ? 109  GLN A NE2 1 
ATOM   749  N N   . PHE A 1 114 ? -10.145 -3.137  -8.728  1.00 40.18 ? 110  PHE A N   1 
ATOM   750  C CA  . PHE A 1 114 ? -8.886  -2.902  -9.394  1.00 38.55 ? 110  PHE A CA  1 
ATOM   751  C C   . PHE A 1 114 ? -7.689  -3.694  -8.945  1.00 38.04 ? 110  PHE A C   1 
ATOM   752  O O   . PHE A 1 114 ? -6.730  -3.724  -9.699  1.00 38.24 ? 110  PHE A O   1 
ATOM   753  C CB  . PHE A 1 114 ? -8.582  -1.449  -9.346  1.00 36.32 ? 110  PHE A CB  1 
ATOM   754  C CG  . PHE A 1 114 ? -9.641  -0.628  -9.945  1.00 38.11 ? 110  PHE A CG  1 
ATOM   755  C CD1 . PHE A 1 114 ? -10.235 0.384   -9.219  1.00 35.37 ? 110  PHE A CD1 1 
ATOM   756  C CD2 . PHE A 1 114 ? -10.069 -0.887  -11.268 1.00 38.25 ? 110  PHE A CD2 1 
ATOM   757  C CE1 . PHE A 1 114 ? -11.203 1.155   -9.786  1.00 36.13 ? 110  PHE A CE1 1 
ATOM   758  C CE2 . PHE A 1 114 ? -11.049 -0.139  -11.829 1.00 36.07 ? 110  PHE A CE2 1 
ATOM   759  C CZ  . PHE A 1 114 ? -11.625 0.879   -11.092 1.00 38.40 ? 110  PHE A CZ  1 
ATOM   760  N N   . SER A 1 115 ? -7.721  -4.314  -7.753  1.00 38.04 ? 111  SER A N   1 
ATOM   761  C CA  . SER A 1 115 ? -6.563  -5.104  -7.325  1.00 38.49 ? 111  SER A CA  1 
ATOM   762  C C   . SER A 1 115 ? -6.328  -6.323  -8.285  1.00 39.59 ? 111  SER A C   1 
ATOM   763  O O   . SER A 1 115 ? -7.291  -6.928  -8.784  1.00 40.56 ? 111  SER A O   1 
ATOM   764  C CB  . SER A 1 115 ? -6.625  -5.545  -5.852  1.00 37.50 ? 111  SER A CB  1 
ATOM   765  O OG  . SER A 1 115 ? -5.694  -6.608  -5.632  1.00 36.46 ? 111  SER A OG  1 
ATOM   766  N N   . ASP A 1 116 ? -5.051  -6.626  -8.540  1.00 40.03 ? 112  ASP A N   1 
ATOM   767  C CA  . ASP A 1 116 ? -4.593  -7.802  -9.318  1.00 39.90 ? 112  ASP A CA  1 
ATOM   768  C C   . ASP A 1 116 ? -4.273  -8.985  -8.412  1.00 40.36 ? 112  ASP A C   1 
ATOM   769  O O   . ASP A 1 116 ? -3.722  -9.985  -8.885  1.00 40.78 ? 112  ASP A O   1 
ATOM   770  C CB  . ASP A 1 116 ? -3.295  -7.485  -10.028 1.00 39.59 ? 112  ASP A CB  1 
ATOM   771  C CG  . ASP A 1 116 ? -3.473  -6.629  -11.318 1.00 44.01 ? 112  ASP A CG  1 
ATOM   772  O OD1 . ASP A 1 116 ? -4.346  -6.969  -12.181 1.00 47.68 ? 112  ASP A OD1 1 
ATOM   773  O OD2 . ASP A 1 116 ? -2.684  -5.648  -11.480 1.00 42.91 ? 112  ASP A OD2 1 
ATOM   774  N N   . CYS A 1 117 ? -4.558  -8.884  -7.116  1.00 39.43 ? 113  CYS A N   1 
ATOM   775  C CA  . CYS A 1 117 ? -4.428  -10.076 -6.258  1.00 39.10 ? 113  CYS A CA  1 
ATOM   776  C C   . CYS A 1 117 ? -5.729  -10.883 -6.194  1.00 40.13 ? 113  CYS A C   1 
ATOM   777  O O   . CYS A 1 117 ? -6.839  -10.343 -6.336  1.00 39.39 ? 113  CYS A O   1 
ATOM   778  C CB  . CYS A 1 117 ? -3.990  -9.642  -4.878  1.00 38.88 ? 113  CYS A CB  1 
ATOM   779  S SG  . CYS A 1 117 ? -3.960  -11.005 -3.734  1.00 38.31 ? 113  CYS A SG  1 
ATOM   780  N N   . SER A 1 118 ? -5.639  -12.203 -6.002  1.00 41.16 ? 114  SER A N   1 
ATOM   781  C CA  . SER A 1 118 ? -6.883  -12.967 -5.952  1.00 40.57 ? 114  SER A CA  1 
ATOM   782  C C   . SER A 1 118 ? -7.688  -12.579 -4.719  1.00 39.74 ? 114  SER A C   1 
ATOM   783  O O   . SER A 1 118 ? -8.876  -12.916 -4.608  1.00 40.53 ? 114  SER A O   1 
ATOM   784  C CB  . SER A 1 118 ? -6.648  -14.487 -5.996  1.00 41.93 ? 114  SER A CB  1 
ATOM   785  O OG  . SER A 1 118 ? -6.040  -14.976 -4.797  1.00 44.19 ? 114  SER A OG  1 
ATOM   786  N N   . SER A 1 119 ? -7.085  -11.826 -3.815  1.00 38.26 ? 115  SER A N   1 
ATOM   787  C CA  . SER A 1 119 ? -7.819  -11.411 -2.633  1.00 37.48 ? 115  SER A CA  1 
ATOM   788  C C   . SER A 1 119 ? -8.755  -10.211 -2.922  1.00 38.17 ? 115  SER A C   1 
ATOM   789  O O   . SER A 1 119 ? -9.456  -9.739  -2.003  1.00 38.27 ? 115  SER A O   1 
ATOM   790  C CB  . SER A 1 119 ? -6.872  -11.104 -1.479  1.00 36.89 ? 115  SER A CB  1 
ATOM   791  O OG  . SER A 1 119 ? -6.289  -9.838  -1.638  1.00 34.64 ? 115  SER A OG  1 
ATOM   792  N N   . ALA A 1 120 ? -8.780  -9.730  -4.180  1.00 38.31 ? 116  ALA A N   1 
ATOM   793  C CA  . ALA A 1 120 ? -9.696  -8.633  -4.596  1.00 37.85 ? 116  ALA A CA  1 
ATOM   794  C C   . ALA A 1 120 ? -11.122 -8.896  -4.170  1.00 37.63 ? 116  ALA A C   1 
ATOM   795  O O   . ALA A 1 120 ? -11.823 -8.021  -3.657  1.00 38.54 ? 116  ALA A O   1 
ATOM   796  C CB  . ALA A 1 120 ? -9.663  -8.477  -6.096  1.00 38.95 ? 116  ALA A CB  1 
ATOM   797  N N   . LYS A 1 121 ? -11.562 -10.122 -4.394  1.00 36.52 ? 117  LYS A N   1 
ATOM   798  C CA  . LYS A 1 121 ? -12.925 -10.507 -4.095  1.00 36.08 ? 117  LYS A CA  1 
ATOM   799  C C   . LYS A 1 121 ? -13.233 -10.506 -2.569  1.00 35.48 ? 117  LYS A C   1 
ATOM   800  O O   . LYS A 1 121 ? -14.361 -10.746 -2.149  1.00 34.93 ? 117  LYS A O   1 
ATOM   801  C CB  . LYS A 1 121 ? -13.182 -11.910 -4.685  1.00 36.09 ? 117  LYS A CB  1 
ATOM   802  C CG  . LYS A 1 121 ? -12.066 -12.874 -4.421  1.00 37.01 ? 117  LYS A CG  1 
ATOM   803  C CD  . LYS A 1 121 ? -12.475 -14.329 -4.476  1.00 38.60 ? 117  LYS A CD  1 
ATOM   804  C CE  . LYS A 1 121 ? -11.261 -15.222 -4.316  1.00 44.63 ? 117  LYS A CE  1 
ATOM   805  N NZ  . LYS A 1 121 ? -10.367 -15.264 -5.537  1.00 43.79 ? 117  LYS A NZ  1 
ATOM   806  N N   . ALA A 1 122 ? -12.230 -10.256 -1.749  1.00 35.00 ? 118  ALA A N   1 
ATOM   807  C CA  . ALA A 1 122 ? -12.453 -10.248 -0.313  1.00 34.81 ? 118  ALA A CA  1 
ATOM   808  C C   . ALA A 1 122 ? -12.117 -8.834  0.147   1.00 36.21 ? 118  ALA A C   1 
ATOM   809  O O   . ALA A 1 122 ? -11.745 -8.600  1.309   1.00 36.39 ? 118  ALA A O   1 
ATOM   810  C CB  . ALA A 1 122 ? -11.600 -11.266 0.360   1.00 32.75 ? 118  ALA A CB  1 
ATOM   811  N N   . ARG A 1 123 ? -12.261 -7.882  -0.783  1.00 38.12 ? 119  ARG A N   1 
ATOM   812  C CA  . ARG A 1 123 ? -12.013 -6.456  -0.526  1.00 39.09 ? 119  ARG A CA  1 
ATOM   813  C C   . ARG A 1 123 ? -10.610 -6.215  -0.050  1.00 40.28 ? 119  ARG A C   1 
ATOM   814  O O   . ARG A 1 123 ? -10.340 -5.480  0.936   1.00 42.93 ? 119  ARG A O   1 
ATOM   815  C CB  . ARG A 1 123 ? -13.040 -5.900  0.463   1.00 39.40 ? 119  ARG A CB  1 
ATOM   816  C CG  . ARG A 1 123 ? -14.462 -5.937  -0.108  1.00 39.86 ? 119  ARG A CG  1 
ATOM   817  C CD  . ARG A 1 123 ? -15.536 -5.752  0.913   1.00 39.38 ? 119  ARG A CD  1 
ATOM   818  N NE  . ARG A 1 123 ? -15.124 -6.425  2.117   1.00 47.07 ? 119  ARG A NE  1 
ATOM   819  C CZ  . ARG A 1 123 ? -15.373 -7.704  2.396   1.00 46.98 ? 119  ARG A CZ  1 
ATOM   820  N NH1 . ARG A 1 123 ? -16.064 -8.464  1.549   1.00 50.53 ? 119  ARG A NH1 1 
ATOM   821  N NH2 . ARG A 1 123 ? -14.945 -8.217  3.537   1.00 51.06 ? 119  ARG A NH2 1 
ATOM   822  N N   . GLY A 1 124 ? -9.710  -6.865  -0.753  1.00 40.18 ? 120  GLY A N   1 
ATOM   823  C CA  . GLY A 1 124 ? -8.331  -6.913  -0.420  1.00 40.06 ? 120  GLY A CA  1 
ATOM   824  C C   . GLY A 1 124 ? -7.873  -7.689  0.787   1.00 41.21 ? 120  GLY A C   1 
ATOM   825  O O   . GLY A 1 124 ? -6.722  -8.042  0.829   1.00 40.90 ? 120  GLY A O   1 
ATOM   826  N N   . ASP A 1 125 ? -8.754  -7.944  1.759   1.00 42.37 ? 121  ASP A N   1 
ATOM   827  C CA  . ASP A 1 125 ? -8.379  -8.514  3.062   1.00 43.72 ? 121  ASP A CA  1 
ATOM   828  C C   . ASP A 1 125 ? -7.693  -9.880  3.050   1.00 42.98 ? 121  ASP A C   1 
ATOM   829  O O   . ASP A 1 125 ? -8.094  -10.760 2.317   1.00 43.35 ? 121  ASP A O   1 
ATOM   830  C CB  . ASP A 1 125 ? -9.592  -8.614  3.990   1.00 43.75 ? 121  ASP A CB  1 
ATOM   831  C CG  . ASP A 1 125 ? -9.259  -9.346  5.251   1.00 46.38 ? 121  ASP A CG  1 
ATOM   832  O OD1 . ASP A 1 125 ? -8.346  -8.916  5.971   1.00 46.00 ? 121  ASP A OD1 1 
ATOM   833  O OD2 . ASP A 1 125 ? -9.893  -10.391 5.526   1.00 50.63 ? 121  ASP A OD2 1 
ATOM   834  N N   . LEU A 1 126 ? -6.701  -10.051 3.924   1.00 42.34 ? 122  LEU A N   1 
ATOM   835  C CA  . LEU A 1 126 ? -5.774  -11.211 3.881   1.00 41.67 ? 122  LEU A CA  1 
ATOM   836  C C   . LEU A 1 126 ? -5.765  -11.919 5.197   1.00 42.15 ? 122  LEU A C   1 
ATOM   837  O O   . LEU A 1 126 ? -5.098  -12.915 5.373   1.00 42.54 ? 122  LEU A O   1 
ATOM   838  C CB  . LEU A 1 126 ? -4.326  -10.767 3.617   1.00 40.10 ? 122  LEU A CB  1 
ATOM   839  C CG  . LEU A 1 126 ? -3.996  -10.190 2.244   1.00 39.00 ? 122  LEU A CG  1 
ATOM   840  C CD1 . LEU A 1 126 ? -2.709  -9.320  2.332   1.00 35.63 ? 122  LEU A CD1 1 
ATOM   841  C CD2 . LEU A 1 126 ? -3.946  -11.285 1.110   1.00 35.89 ? 122  LEU A CD2 1 
ATOM   842  N N   . GLY A 1 127 ? -6.504  -11.385 6.144   1.00 44.07 ? 123  GLY A N   1 
ATOM   843  C CA  . GLY A 1 127 ? -6.501  -11.964 7.477   1.00 44.64 ? 123  GLY A CA  1 
ATOM   844  C C   . GLY A 1 127 ? -5.212  -11.607 8.182   1.00 45.72 ? 123  GLY A C   1 
ATOM   845  O O   . GLY A 1 127 ? -4.339  -10.928 7.634   1.00 46.56 ? 123  GLY A O   1 
ATOM   846  N N   . ALA A 1 128 ? -5.119  -12.051 9.420   1.00 46.52 ? 124  ALA A N   1 
ATOM   847  C CA  . ALA A 1 128 ? -3.978  -11.838 10.266  1.00 46.93 ? 124  ALA A CA  1 
ATOM   848  C C   . ALA A 1 128 ? -2.843  -12.643 9.706   1.00 47.46 ? 124  ALA A C   1 
ATOM   849  O O   . ALA A 1 128 ? -3.063  -13.660 9.025   1.00 48.04 ? 124  ALA A O   1 
ATOM   850  C CB  . ALA A 1 128 ? -4.293  -12.281 11.696  1.00 46.51 ? 124  ALA A CB  1 
ATOM   851  N N   . PHE A 1 129 ? -1.631  -12.149 9.966   1.00 48.51 ? 125  PHE A N   1 
ATOM   852  C CA  . PHE A 1 129 ? -0.376  -12.886 9.722   1.00 48.85 ? 125  PHE A CA  1 
ATOM   853  C C   . PHE A 1 129 ? 0.645   -12.311 10.741  1.00 49.52 ? 125  PHE A C   1 
ATOM   854  O O   . PHE A 1 129 ? 0.438   -11.209 11.297  1.00 49.51 ? 125  PHE A O   1 
ATOM   855  C CB  . PHE A 1 129 ? 0.083   -12.735 8.246   1.00 49.28 ? 125  PHE A CB  1 
ATOM   856  C CG  . PHE A 1 129 ? 0.152   -11.280 7.776   1.00 46.99 ? 125  PHE A CG  1 
ATOM   857  C CD1 . PHE A 1 129 ? 1.294   -10.526 7.985   1.00 46.22 ? 125  PHE A CD1 1 
ATOM   858  C CD2 . PHE A 1 129 ? -0.953  -10.674 7.181   1.00 45.95 ? 125  PHE A CD2 1 
ATOM   859  C CE1 . PHE A 1 129 ? 1.347   -9.182  7.609   1.00 46.17 ? 125  PHE A CE1 1 
ATOM   860  C CE2 . PHE A 1 129 ? -0.913  -9.338  6.777   1.00 46.02 ? 125  PHE A CE2 1 
ATOM   861  C CZ  . PHE A 1 129 ? 0.245   -8.586  7.013   1.00 47.13 ? 125  PHE A CZ  1 
ATOM   862  N N   . SER A 1 130 ? 1.685   -13.086 11.041  1.00 49.84 ? 126  SER A N   1 
ATOM   863  C CA  . SER A 1 130 ? 2.813   -12.573 11.799  1.00 51.01 ? 126  SER A CA  1 
ATOM   864  C C   . SER A 1 130 ? 4.040   -12.571 10.914  1.00 51.15 ? 126  SER A C   1 
ATOM   865  O O   . SER A 1 130 ? 4.023   -13.039 9.769   1.00 51.88 ? 126  SER A O   1 
ATOM   866  C CB  . SER A 1 130 ? 3.087   -13.454 12.995  1.00 50.93 ? 126  SER A CB  1 
ATOM   867  O OG  . SER A 1 130 ? 3.238   -14.774 12.539  1.00 53.41 ? 126  SER A OG  1 
ATOM   868  N N   . ARG A 1 131 ? 5.117   -12.063 11.453  1.00 51.99 ? 127  ARG A N   1 
ATOM   869  C CA  . ARG A 1 131 ? 6.355   -11.959 10.701  1.00 52.80 ? 127  ARG A CA  1 
ATOM   870  C C   . ARG A 1 131 ? 6.927   -13.288 10.296  1.00 52.89 ? 127  ARG A C   1 
ATOM   871  O O   . ARG A 1 131 ? 6.998   -14.211 11.087  1.00 53.55 ? 127  ARG A O   1 
ATOM   872  C CB  . ARG A 1 131 ? 7.391   -11.197 11.518  1.00 53.20 ? 127  ARG A CB  1 
ATOM   873  C CG  . ARG A 1 131 ? 7.259   -9.688  11.479  1.00 52.81 ? 127  ARG A CG  1 
ATOM   874  C CD  . ARG A 1 131 ? 8.491   -9.094  12.126  1.00 52.15 ? 127  ARG A CD  1 
ATOM   875  N NE  . ARG A 1 131 ? 8.351   -7.665  12.287  1.00 49.09 ? 127  ARG A NE  1 
ATOM   876  C CZ  . ARG A 1 131 ? 8.613   -6.787  11.331  1.00 50.14 ? 127  ARG A CZ  1 
ATOM   877  N NH1 . ARG A 1 131 ? 9.031   -7.208  10.135  1.00 47.42 ? 127  ARG A NH1 1 
ATOM   878  N NH2 . ARG A 1 131 ? 8.454   -5.479  11.578  1.00 49.43 ? 127  ARG A NH2 1 
ATOM   879  N N   . GLY A 1 132 ? 7.352   -13.368 9.051   1.00 52.87 ? 128  GLY A N   1 
ATOM   880  C CA  . GLY A 1 132 ? 7.953   -14.575 8.528   1.00 52.99 ? 128  GLY A CA  1 
ATOM   881  C C   . GLY A 1 132 ? 7.147   -15.096 7.366   1.00 53.19 ? 128  GLY A C   1 
ATOM   882  O O   . GLY A 1 132 ? 7.618   -15.930 6.604   1.00 53.44 ? 128  GLY A O   1 
ATOM   883  N N   . GLN A 1 133 ? 5.932   -14.581 7.205   1.00 53.80 ? 129  GLN A N   1 
ATOM   884  C CA  . GLN A 1 133 ? 4.971   -15.154 6.245   1.00 53.55 ? 129  GLN A CA  1 
ATOM   885  C C   . GLN A 1 133 ? 4.939   -14.466 4.897   1.00 53.10 ? 129  GLN A C   1 
ATOM   886  O O   . GLN A 1 133 ? 4.743   -15.126 3.870   1.00 53.18 ? 129  GLN A O   1 
ATOM   887  C CB  . GLN A 1 133 ? 3.567   -15.147 6.830   1.00 53.68 ? 129  GLN A CB  1 
ATOM   888  C CG  . GLN A 1 133 ? 3.392   -16.081 8.019   1.00 57.10 ? 129  GLN A CG  1 
ATOM   889  C CD  . GLN A 1 133 ? 2.047   -15.881 8.698   1.00 58.43 ? 129  GLN A CD  1 
ATOM   890  O OE1 . GLN A 1 133 ? 1.957   -15.711 9.930   1.00 60.16 ? 129  GLN A OE1 1 
ATOM   891  N NE2 . GLN A 1 133 ? 0.994   -15.858 7.890   1.00 57.74 ? 129  GLN A NE2 1 
ATOM   892  N N   . MET A 1 134 ? 5.117   -13.150 4.887   1.00 51.94 ? 130  MET A N   1 
ATOM   893  C CA  . MET A 1 134 ? 5.046   -12.421 3.629   1.00 51.31 ? 130  MET A CA  1 
ATOM   894  C C   . MET A 1 134 ? 6.416   -12.027 3.064   1.00 50.06 ? 130  MET A C   1 
ATOM   895  O O   . MET A 1 134 ? 7.445   -12.092 3.759   1.00 49.33 ? 130  MET A O   1 
ATOM   896  C CB  . MET A 1 134 ? 4.180   -11.166 3.805   1.00 51.79 ? 130  MET A CB  1 
ATOM   897  C CG  . MET A 1 134 ? 2.817   -11.446 4.406   1.00 54.12 ? 130  MET A CG  1 
ATOM   898  S SD  . MET A 1 134 ? 1.551   -12.019 3.242   1.00 55.82 ? 130  MET A SD  1 
ATOM   899  C CE  . MET A 1 134 ? 0.292   -12.533 4.406   1.00 53.30 ? 130  MET A CE  1 
ATOM   900  N N   . GLN A 1 135 ? 6.415   -11.652 1.785   1.00 48.59 ? 131  GLN A N   1 
ATOM   901  C CA  . GLN A 1 135 ? 7.455   -10.811 1.230   1.00 47.45 ? 131  GLN A CA  1 
ATOM   902  C C   . GLN A 1 135 ? 7.760   -9.706  2.274   1.00 46.69 ? 131  GLN A C   1 
ATOM   903  O O   . GLN A 1 135 ? 6.829   -9.091  2.875   1.00 46.59 ? 131  GLN A O   1 
ATOM   904  C CB  . GLN A 1 135 ? 6.987   -10.180 -0.086  1.00 47.85 ? 131  GLN A CB  1 
ATOM   905  C CG  . GLN A 1 135 ? 6.923   -11.123 -1.314  1.00 49.96 ? 131  GLN A CG  1 
ATOM   906  C CD  . GLN A 1 135 ? 5.949   -10.630 -2.462  1.00 54.38 ? 131  GLN A CD  1 
ATOM   907  O OE1 . GLN A 1 135 ? 6.167   -10.913 -3.658  1.00 54.06 ? 131  GLN A OE1 1 
ATOM   908  N NE2 . GLN A 1 135 ? 4.875   -9.922  -2.079  1.00 54.92 ? 131  GLN A NE2 1 
ATOM   909  N N   . LYS A 1 136 ? 9.061   -9.480  2.484   1.00 44.95 ? 132  LYS A N   1 
ATOM   910  C CA  . LYS A 1 136 ? 9.604   -8.703  3.611   1.00 43.81 ? 132  LYS A CA  1 
ATOM   911  C C   . LYS A 1 136 ? 9.309   -7.197  3.507   1.00 42.78 ? 132  LYS A C   1 
ATOM   912  O O   . LYS A 1 136 ? 9.105   -6.526  4.540   1.00 43.46 ? 132  LYS A O   1 
ATOM   913  C CB  . LYS A 1 136 ? 11.104  -9.009  3.743   1.00 43.74 ? 132  LYS A CB  1 
ATOM   914  C CG  . LYS A 1 136 ? 11.872  -8.239  4.758   1.00 44.43 ? 132  LYS A CG  1 
ATOM   915  C CD  . LYS A 1 136 ? 11.727  -8.801  6.218   1.00 45.69 ? 132  LYS A CD  1 
ATOM   916  C CE  . LYS A 1 136 ? 12.430  -7.822  7.181   1.00 48.53 ? 132  LYS A CE  1 
ATOM   917  N NZ  . LYS A 1 136 ? 11.936  -7.657  8.590   1.00 44.27 ? 132  LYS A NZ  1 
ATOM   918  N N   . PRO A 1 137 ? 9.294   -6.648  2.284   1.00 41.36 ? 133  PRO A N   1 
ATOM   919  C CA  . PRO A 1 137 ? 8.831   -5.271  2.172   1.00 40.88 ? 133  PRO A CA  1 
ATOM   920  C C   . PRO A 1 137 ? 7.334   -5.143  2.544   1.00 40.78 ? 133  PRO A C   1 
ATOM   921  O O   . PRO A 1 137 ? 6.980   -4.293  3.348   1.00 42.41 ? 133  PRO A O   1 
ATOM   922  C CB  . PRO A 1 137 ? 9.065   -4.939  0.704   1.00 41.68 ? 133  PRO A CB  1 
ATOM   923  C CG  . PRO A 1 137 ? 9.915   -6.049  0.161   1.00 39.98 ? 133  PRO A CG  1 
ATOM   924  C CD  . PRO A 1 137 ? 9.780   -7.195  1.009   1.00 41.29 ? 133  PRO A CD  1 
ATOM   925  N N   . PHE A 1 138 ? 6.451   -5.995  2.007   1.00 39.83 ? 134  PHE A N   1 
ATOM   926  C CA  . PHE A 1 138 ? 5.047   -6.019  2.434   1.00 36.89 ? 134  PHE A CA  1 
ATOM   927  C C   . PHE A 1 138 ? 4.965   -6.174  3.971   1.00 37.60 ? 134  PHE A C   1 
ATOM   928  O O   . PHE A 1 138 ? 4.272   -5.408  4.646   1.00 37.70 ? 134  PHE A O   1 
ATOM   929  C CB  . PHE A 1 138 ? 4.274   -7.126  1.717   1.00 35.32 ? 134  PHE A CB  1 
ATOM   930  C CG  . PHE A 1 138 ? 2.764   -7.001  1.809   1.00 33.92 ? 134  PHE A CG  1 
ATOM   931  C CD1 . PHE A 1 138 ? 2.006   -6.622  0.689   1.00 32.04 ? 134  PHE A CD1 1 
ATOM   932  C CD2 . PHE A 1 138 ? 2.087   -7.316  2.983   1.00 28.89 ? 134  PHE A CD2 1 
ATOM   933  C CE1 . PHE A 1 138 ? 0.586   -6.515  0.768   1.00 34.77 ? 134  PHE A CE1 1 
ATOM   934  C CE2 . PHE A 1 138 ? 0.705   -7.238  3.078   1.00 31.40 ? 134  PHE A CE2 1 
ATOM   935  C CZ  . PHE A 1 138 ? -0.081  -6.853  1.943   1.00 32.66 ? 134  PHE A CZ  1 
ATOM   936  N N   . GLU A 1 139 ? 5.705   -7.123  4.521   1.00 36.50 ? 135  GLU A N   1 
ATOM   937  C CA  . GLU A 1 139 ? 5.698   -7.375  5.951   1.00 36.30 ? 135  GLU A CA  1 
ATOM   938  C C   . GLU A 1 139 ? 6.241   -6.222  6.798   1.00 36.50 ? 135  GLU A C   1 
ATOM   939  O O   . GLU A 1 139 ? 5.646   -5.912  7.832   1.00 37.55 ? 135  GLU A O   1 
ATOM   940  C CB  . GLU A 1 139 ? 6.459   -8.676  6.268   1.00 36.62 ? 135  GLU A CB  1 
ATOM   941  C CG  . GLU A 1 139 ? 6.780   -8.854  7.767   1.00 36.05 ? 135  GLU A CG  1 
ATOM   942  C CD  . GLU A 1 139 ? 7.814   -9.947  8.004   1.00 38.90 ? 135  GLU A CD  1 
ATOM   943  O OE1 . GLU A 1 139 ? 7.548   -11.113 7.649   1.00 40.61 ? 135  GLU A OE1 1 
ATOM   944  O OE2 . GLU A 1 139 ? 8.894   -9.626  8.526   1.00 38.84 ? 135  GLU A OE2 1 
ATOM   945  N N   . ASP A 1 140 ? 7.345   -5.604  6.399   1.00 36.33 ? 136  ASP A N   1 
ATOM   946  C CA  . ASP A 1 140 ? 7.895   -4.464  7.176   1.00 37.02 ? 136  ASP A CA  1 
ATOM   947  C C   . ASP A 1 140 ? 6.958   -3.244  7.116   1.00 37.27 ? 136  ASP A C   1 
ATOM   948  O O   . ASP A 1 140 ? 6.796   -2.491  8.088   1.00 36.51 ? 136  ASP A O   1 
ATOM   949  C CB  . ASP A 1 140 ? 9.280   -3.993  6.692   1.00 35.82 ? 136  ASP A CB  1 
ATOM   950  C CG  . ASP A 1 140 ? 10.388  -4.997  6.925   1.00 37.58 ? 136  ASP A CG  1 
ATOM   951  O OD1 . ASP A 1 140 ? 10.264  -5.838  7.834   1.00 37.47 ? 136  ASP A OD1 1 
ATOM   952  O OD2 . ASP A 1 140 ? 11.396  -4.903  6.174   1.00 32.20 ? 136  ASP A OD2 1 
ATOM   953  N N   . ALA A 1 141 ? 6.406   -3.029  5.939   1.00 37.78 ? 137  ALA A N   1 
ATOM   954  C CA  . ALA A 1 141 ? 5.428   -1.989  5.723   1.00 38.46 ? 137  ALA A CA  1 
ATOM   955  C C   . ALA A 1 141 ? 4.194   -2.383  6.561   1.00 39.70 ? 137  ALA A C   1 
ATOM   956  O O   . ALA A 1 141 ? 3.678   -1.556  7.375   1.00 40.39 ? 137  ALA A O   1 
ATOM   957  C CB  . ALA A 1 141 ? 5.098   -1.934  4.219   1.00 38.54 ? 137  ALA A CB  1 
ATOM   958  N N   . SER A 1 142 ? 3.707   -3.626  6.412   1.00 39.59 ? 138  SER A N   1 
ATOM   959  C CA  . SER A 1 142 ? 2.547   -4.063  7.219   1.00 40.41 ? 138  SER A CA  1 
ATOM   960  C C   . SER A 1 142 ? 2.696   -3.833  8.733   1.00 41.29 ? 138  SER A C   1 
ATOM   961  O O   . SER A 1 142 ? 1.709   -3.475  9.362   1.00 41.92 ? 138  SER A O   1 
ATOM   962  C CB  . SER A 1 142 ? 2.149   -5.517  7.007   1.00 40.88 ? 138  SER A CB  1 
ATOM   963  O OG  . SER A 1 142 ? 1.716   -5.790  5.691   1.00 40.03 ? 138  SER A OG  1 
ATOM   964  N N   . PHE A 1 143 ? 3.878   -4.091  9.313   1.00 42.22 ? 139  PHE A N   1 
ATOM   965  C CA  . PHE A 1 143 ? 4.108   -3.950  10.814  1.00 43.35 ? 139  PHE A CA  1 
ATOM   966  C C   . PHE A 1 143 ? 4.412   -2.524  11.301  1.00 43.49 ? 139  PHE A C   1 
ATOM   967  O O   . PHE A 1 143 ? 4.346   -2.223  12.523  1.00 42.60 ? 139  PHE A O   1 
ATOM   968  C CB  . PHE A 1 143 ? 5.188   -4.920  11.342  1.00 42.90 ? 139  PHE A CB  1 
ATOM   969  C CG  . PHE A 1 143 ? 4.686   -6.338  11.513  1.00 43.91 ? 139  PHE A CG  1 
ATOM   970  C CD1 . PHE A 1 143 ? 4.347   -7.107  10.411  1.00 41.28 ? 139  PHE A CD1 1 
ATOM   971  C CD2 . PHE A 1 143 ? 4.514   -6.881  12.778  1.00 42.08 ? 139  PHE A CD2 1 
ATOM   972  C CE1 . PHE A 1 143 ? 3.852   -8.399  10.559  1.00 42.50 ? 139  PHE A CE1 1 
ATOM   973  C CE2 . PHE A 1 143 ? 4.001   -8.203  12.947  1.00 41.07 ? 139  PHE A CE2 1 
ATOM   974  C CZ  . PHE A 1 143 ? 3.689   -8.954  11.850  1.00 40.47 ? 139  PHE A CZ  1 
ATOM   975  N N   . ALA A 1 144 ? 4.751   -1.658  10.351  1.00 43.07 ? 140  ALA A N   1 
ATOM   976  C CA  . ALA A 1 144 ? 5.064   -0.283  10.682  1.00 43.64 ? 140  ALA A CA  1 
ATOM   977  C C   . ALA A 1 144 ? 3.829   0.620   10.707  1.00 43.84 ? 140  ALA A C   1 
ATOM   978  O O   . ALA A 1 144 ? 3.843   1.703   11.293  1.00 43.47 ? 140  ALA A O   1 
ATOM   979  C CB  . ALA A 1 144 ? 6.135   0.249   9.726   1.00 43.18 ? 140  ALA A CB  1 
ATOM   980  N N   . LEU A 1 145 ? 2.759   0.175   10.055  1.00 45.82 ? 141  LEU A N   1 
ATOM   981  C CA  . LEU A 1 145 ? 1.493   0.939   10.054  1.00 46.78 ? 141  LEU A CA  1 
ATOM   982  C C   . LEU A 1 145 ? 0.807   0.850   11.425  1.00 48.20 ? 141  LEU A C   1 
ATOM   983  O O   . LEU A 1 145 ? 0.839   -0.192  12.052  1.00 48.37 ? 141  LEU A O   1 
ATOM   984  C CB  . LEU A 1 145 ? 0.558   0.390   8.973   1.00 46.09 ? 141  LEU A CB  1 
ATOM   985  C CG  . LEU A 1 145 ? 0.927   0.626   7.503   1.00 45.09 ? 141  LEU A CG  1 
ATOM   986  C CD1 . LEU A 1 145 ? 0.191   -0.340  6.585   1.00 44.08 ? 141  LEU A CD1 1 
ATOM   987  C CD2 . LEU A 1 145 ? 0.714   2.107   7.072   1.00 43.68 ? 141  LEU A CD2 1 
ATOM   988  N N   . ARG A 1 146 ? 0.197   1.921   11.921  1.00 49.70 ? 142  ARG A N   1 
ATOM   989  C CA  . ARG A 1 146 ? -0.705  1.695   13.047  1.00 51.51 ? 142  ARG A CA  1 
ATOM   990  C C   . ARG A 1 146 ? -2.059  1.154   12.514  1.00 51.84 ? 142  ARG A C   1 
ATOM   991  O O   . ARG A 1 146 ? -2.319  1.221   11.291  1.00 52.30 ? 142  ARG A O   1 
ATOM   992  C CB  . ARG A 1 146 ? -0.858  2.918   13.983  1.00 52.76 ? 142  ARG A CB  1 
ATOM   993  C CG  . ARG A 1 146 ? -0.266  4.255   13.518  1.00 52.98 ? 142  ARG A CG  1 
ATOM   994  C CD  . ARG A 1 146 ? -1.273  5.332   13.935  1.00 59.42 ? 142  ARG A CD  1 
ATOM   995  N NE  . ARG A 1 146 ? -0.823  6.707   13.737  1.00 63.45 ? 142  ARG A NE  1 
ATOM   996  C CZ  . ARG A 1 146 ? -0.301  7.188   12.605  1.00 66.94 ? 142  ARG A CZ  1 
ATOM   997  N NH1 . ARG A 1 146 ? -0.128  6.398   11.559  1.00 65.56 ? 142  ARG A NH1 1 
ATOM   998  N NH2 . ARG A 1 146 ? 0.076   8.465   12.532  1.00 67.39 ? 142  ARG A NH2 1 
ATOM   999  N N   . THR A 1 147 ? -2.896  0.602   13.408  1.00 50.96 ? 143  THR A N   1 
ATOM   1000 C CA  . THR A 1 147 ? -4.211  0.120   13.017  1.00 50.08 ? 143  THR A CA  1 
ATOM   1001 C C   . THR A 1 147 ? -4.967  1.250   12.365  1.00 48.66 ? 143  THR A C   1 
ATOM   1002 O O   . THR A 1 147 ? -5.143  2.293   12.979  1.00 49.26 ? 143  THR A O   1 
ATOM   1003 C CB  . THR A 1 147 ? -5.030  -0.385  14.219  1.00 50.43 ? 143  THR A CB  1 
ATOM   1004 O OG1 . THR A 1 147 ? -4.199  -1.197  15.056  1.00 51.27 ? 143  THR A OG1 1 
ATOM   1005 C CG2 . THR A 1 147 ? -6.234  -1.254  13.727  1.00 52.12 ? 143  THR A CG2 1 
ATOM   1006 N N   . GLY A 1 148 ? -5.385  1.037   11.122  1.00 47.63 ? 144  GLY A N   1 
ATOM   1007 C CA  . GLY A 1 148 ? -6.254  1.969   10.378  1.00 47.31 ? 144  GLY A CA  1 
ATOM   1008 C C   . GLY A 1 148 ? -5.588  2.752   9.246   1.00 47.51 ? 144  GLY A C   1 
ATOM   1009 O O   . GLY A 1 148 ? -6.256  3.373   8.379   1.00 48.04 ? 144  GLY A O   1 
ATOM   1010 N N   . GLU A 1 149 ? -4.253  2.710   9.260   1.00 46.68 ? 145  GLU A N   1 
ATOM   1011 C CA  . GLU A 1 149 ? -3.401  3.509   8.399   1.00 44.72 ? 145  GLU A CA  1 
ATOM   1012 C C   . GLU A 1 149 ? -3.172  2.760   7.143   1.00 43.93 ? 145  GLU A C   1 
ATOM   1013 O O   . GLU A 1 149 ? -2.904  1.562   7.193   1.00 44.43 ? 145  GLU A O   1 
ATOM   1014 C CB  . GLU A 1 149 ? -2.063  3.656   9.083   1.00 44.38 ? 145  GLU A CB  1 
ATOM   1015 C CG  . GLU A 1 149 ? -1.156  4.689   8.506   1.00 43.99 ? 145  GLU A CG  1 
ATOM   1016 C CD  . GLU A 1 149 ? 0.066   4.868   9.384   1.00 43.65 ? 145  GLU A CD  1 
ATOM   1017 O OE1 . GLU A 1 149 ? 0.245   4.015   10.283  1.00 42.83 ? 145  GLU A OE1 1 
ATOM   1018 O OE2 . GLU A 1 149 ? 0.833   5.836   9.189   1.00 41.55 ? 145  GLU A OE2 1 
ATOM   1019 N N   . MET A 1 150 ? -3.262  3.479   6.032   1.00 42.37 ? 146  MET A N   1 
ATOM   1020 C CA  . MET A 1 150 ? -2.837  3.003   4.712   1.00 42.02 ? 146  MET A CA  1 
ATOM   1021 C C   . MET A 1 150 ? -1.363  3.361   4.471   1.00 42.57 ? 146  MET A C   1 
ATOM   1022 O O   . MET A 1 150 ? -0.914  4.489   4.813   1.00 42.26 ? 146  MET A O   1 
ATOM   1023 C CB  . MET A 1 150 ? -3.663  3.744   3.664   1.00 41.40 ? 146  MET A CB  1 
ATOM   1024 C CG  . MET A 1 150 ? -3.812  3.083   2.315   1.00 42.30 ? 146  MET A CG  1 
ATOM   1025 S SD  . MET A 1 150 ? -4.988  4.048   1.366   1.00 44.49 ? 146  MET A SD  1 
ATOM   1026 C CE  . MET A 1 150 ? -4.259  5.698   1.451   1.00 45.93 ? 146  MET A CE  1 
ATOM   1027 N N   . SER A 1 151 ? -0.611  2.438   3.842   1.00 41.68 ? 147  SER A N   1 
ATOM   1028 C CA  . SER A 1 151 ? 0.763   2.703   3.441   1.00 39.71 ? 147  SER A CA  1 
ATOM   1029 C C   . SER A 1 151 ? 0.725   3.582   2.158   1.00 40.36 ? 147  SER A C   1 
ATOM   1030 O O   . SER A 1 151 ? -0.363  3.824   1.639   1.00 41.24 ? 147  SER A O   1 
ATOM   1031 C CB  . SER A 1 151 ? 1.440   1.374   3.107   1.00 40.15 ? 147  SER A CB  1 
ATOM   1032 O OG  . SER A 1 151 ? 0.956   0.961   1.843   1.00 35.03 ? 147  SER A OG  1 
ATOM   1033 N N   . GLY A 1 152 ? 1.903   4.034   1.676   1.00 38.58 ? 148  GLY A N   1 
ATOM   1034 C CA  . GLY A 1 152 ? 2.120   4.624   0.339   1.00 37.78 ? 148  GLY A CA  1 
ATOM   1035 C C   . GLY A 1 152 ? 2.457   3.494   -0.638  1.00 37.89 ? 148  GLY A C   1 
ATOM   1036 O O   . GLY A 1 152 ? 2.179   2.335   -0.352  1.00 36.97 ? 148  GLY A O   1 
ATOM   1037 N N   . PRO A 1 153 ? 3.018   3.804   -1.818  1.00 38.63 ? 149  PRO A N   1 
ATOM   1038 C CA  . PRO A 1 153 ? 3.258   2.617   -2.675  1.00 38.93 ? 149  PRO A CA  1 
ATOM   1039 C C   . PRO A 1 153 ? 4.372   1.768   -2.108  1.00 39.29 ? 149  PRO A C   1 
ATOM   1040 O O   . PRO A 1 153 ? 5.413   2.310   -1.745  1.00 41.80 ? 149  PRO A O   1 
ATOM   1041 C CB  . PRO A 1 153 ? 3.634   3.202   -4.041  1.00 38.90 ? 149  PRO A CB  1 
ATOM   1042 C CG  . PRO A 1 153 ? 3.973   4.712   -3.752  1.00 39.55 ? 149  PRO A CG  1 
ATOM   1043 C CD  . PRO A 1 153 ? 3.143   5.081   -2.551  1.00 38.33 ? 149  PRO A CD  1 
ATOM   1044 N N   . VAL A 1 154 ? 4.138   0.467   -2.012  1.00 38.19 ? 150  VAL A N   1 
ATOM   1045 C CA  . VAL A 1 154 ? 5.105   -0.496  -1.470  1.00 38.11 ? 150  VAL A CA  1 
ATOM   1046 C C   . VAL A 1 154 ? 5.450   -1.529  -2.545  1.00 38.81 ? 150  VAL A C   1 
ATOM   1047 O O   . VAL A 1 154 ? 4.553   -2.132  -3.126  1.00 40.21 ? 150  VAL A O   1 
ATOM   1048 C CB  . VAL A 1 154 ? 4.528   -1.223  -0.260  1.00 36.84 ? 150  VAL A CB  1 
ATOM   1049 C CG1 . VAL A 1 154 ? 5.391   -2.345  0.150   1.00 34.39 ? 150  VAL A CG1 1 
ATOM   1050 C CG2 . VAL A 1 154 ? 4.299   -0.198  0.882   1.00 37.72 ? 150  VAL A CG2 1 
ATOM   1051 N N   . PHE A 1 155 ? 6.734   -1.730  -2.838  1.00 38.93 ? 151  PHE A N   1 
ATOM   1052 C CA  . PHE A 1 155 ? 7.091   -2.546  -3.995  1.00 38.90 ? 151  PHE A CA  1 
ATOM   1053 C C   . PHE A 1 155 ? 7.569   -3.878  -3.507  1.00 38.91 ? 151  PHE A C   1 
ATOM   1054 O O   . PHE A 1 155 ? 8.347   -3.913  -2.562  1.00 38.47 ? 151  PHE A O   1 
ATOM   1055 C CB  . PHE A 1 155 ? 8.236   -1.896  -4.744  1.00 37.75 ? 151  PHE A CB  1 
ATOM   1056 C CG  . PHE A 1 155 ? 7.890   -0.575  -5.324  1.00 39.52 ? 151  PHE A CG  1 
ATOM   1057 C CD1 . PHE A 1 155 ? 7.626   0.537   -4.492  1.00 33.98 ? 151  PHE A CD1 1 
ATOM   1058 C CD2 . PHE A 1 155 ? 7.832   -0.417  -6.701  1.00 34.78 ? 151  PHE A CD2 1 
ATOM   1059 C CE1 . PHE A 1 155 ? 7.308   1.783   -5.057  1.00 33.19 ? 151  PHE A CE1 1 
ATOM   1060 C CE2 . PHE A 1 155 ? 7.505   0.848   -7.241  1.00 38.50 ? 151  PHE A CE2 1 
ATOM   1061 C CZ  . PHE A 1 155 ? 7.256   1.938   -6.381  1.00 32.42 ? 151  PHE A CZ  1 
ATOM   1062 N N   . THR A 1 156 ? 7.122   -4.951  -4.164  1.00 38.66 ? 152  THR A N   1 
ATOM   1063 C CA  . THR A 1 156 ? 7.638   -6.281  -3.929  1.00 39.46 ? 152  THR A CA  1 
ATOM   1064 C C   . THR A 1 156 ? 7.782   -6.968  -5.284  1.00 39.98 ? 152  THR A C   1 
ATOM   1065 O O   . THR A 1 156 ? 7.520   -6.365  -6.318  1.00 39.07 ? 152  THR A O   1 
ATOM   1066 C CB  . THR A 1 156 ? 6.719   -7.080  -3.001  1.00 39.33 ? 152  THR A CB  1 
ATOM   1067 O OG1 . THR A 1 156 ? 5.575   -7.556  -3.741  1.00 41.79 ? 152  THR A OG1 1 
ATOM   1068 C CG2 . THR A 1 156 ? 6.238   -6.208  -1.837  1.00 38.07 ? 152  THR A CG2 1 
ATOM   1069 N N   . ASP A 1 157 ? 8.189   -8.224  -5.293  1.00 40.34 ? 153  ASP A N   1 
ATOM   1070 C CA  . ASP A 1 157 ? 8.281   -8.918  -6.561  1.00 41.48 ? 153  ASP A CA  1 
ATOM   1071 C C   . ASP A 1 157 ? 6.951   -9.200  -7.270  1.00 41.92 ? 153  ASP A C   1 
ATOM   1072 O O   . ASP A 1 157 ? 6.951   -9.441  -8.475  1.00 42.75 ? 153  ASP A O   1 
ATOM   1073 C CB  . ASP A 1 157 ? 9.013   -10.207 -6.350  1.00 42.35 ? 153  ASP A CB  1 
ATOM   1074 C CG  . ASP A 1 157 ? 10.484  -9.991  -6.245  1.00 43.24 ? 153  ASP A CG  1 
ATOM   1075 O OD1 . ASP A 1 157 ? 11.105  -9.391  -7.160  1.00 43.51 ? 153  ASP A OD1 1 
ATOM   1076 O OD2 . ASP A 1 157 ? 11.017  -10.418 -5.221  1.00 48.66 ? 153  ASP A OD2 1 
ATOM   1077 N N   . SER A 1 158 ? 5.824   -9.147  -6.549  1.00 41.55 ? 154  SER A N   1 
ATOM   1078 C CA  . SER A 1 158 ? 4.489   -9.178  -7.156  1.00 41.13 ? 154  SER A CA  1 
ATOM   1079 C C   . SER A 1 158 ? 4.031   -7.939  -7.930  1.00 40.44 ? 154  SER A C   1 
ATOM   1080 O O   . SER A 1 158 ? 3.295   -8.053  -8.910  1.00 39.52 ? 154  SER A O   1 
ATOM   1081 C CB  . SER A 1 158 ? 3.503   -9.447  -6.067  1.00 40.70 ? 154  SER A CB  1 
ATOM   1082 O OG  . SER A 1 158 ? 3.990   -10.542 -5.333  1.00 45.03 ? 154  SER A OG  1 
ATOM   1083 N N   . GLY A 1 159 ? 4.439   -6.752  -7.501  1.00 39.73 ? 155  GLY A N   1 
ATOM   1084 C CA  . GLY A 1 159 ? 3.872   -5.518  -8.115  1.00 38.98 ? 155  GLY A CA  1 
ATOM   1085 C C   . GLY A 1 159 ? 3.917   -4.495  -7.023  1.00 38.09 ? 155  GLY A C   1 
ATOM   1086 O O   . GLY A 1 159 ? 4.714   -4.674  -6.092  1.00 37.33 ? 155  GLY A O   1 
ATOM   1087 N N   . ILE A 1 160 ? 3.064   -3.466  -7.102  1.00 37.48 ? 156  ILE A N   1 
ATOM   1088 C CA  . ILE A 1 160 ? 3.030   -2.385  -6.090  1.00 35.78 ? 156  ILE A CA  1 
ATOM   1089 C C   . ILE A 1 160 ? 1.721   -2.438  -5.350  1.00 36.20 ? 156  ILE A C   1 
ATOM   1090 O O   . ILE A 1 160 ? 0.643   -2.626  -5.958  1.00 37.08 ? 156  ILE A O   1 
ATOM   1091 C CB  . ILE A 1 160 ? 3.182   -0.913  -6.712  1.00 36.47 ? 156  ILE A CB  1 
ATOM   1092 C CG1 . ILE A 1 160 ? 4.263   -0.867  -7.816  1.00 36.26 ? 156  ILE A CG1 1 
ATOM   1093 C CG2 . ILE A 1 160 ? 3.492   0.173   -5.593  1.00 35.43 ? 156  ILE A CG2 1 
ATOM   1094 C CD1 . ILE A 1 160 ? 4.123   0.308   -8.870  1.00 40.95 ? 156  ILE A CD1 1 
ATOM   1095 N N   . HIS A 1 161 ? 1.793   -2.159  -4.050  1.00 34.68 ? 157  HIS A N   1 
ATOM   1096 C CA  . HIS A 1 161 ? 0.739   -2.435  -3.124  1.00 33.53 ? 157  HIS A CA  1 
ATOM   1097 C C   . HIS A 1 161 ? 0.304   -1.145  -2.407  1.00 32.32 ? 157  HIS A C   1 
ATOM   1098 O O   . HIS A 1 161 ? 1.088   -0.220  -2.276  1.00 32.04 ? 157  HIS A O   1 
ATOM   1099 C CB  . HIS A 1 161 ? 1.248   -3.361  -2.023  1.00 33.35 ? 157  HIS A CB  1 
ATOM   1100 C CG  . HIS A 1 161 ? 1.764   -4.687  -2.491  1.00 33.92 ? 157  HIS A CG  1 
ATOM   1101 N ND1 . HIS A 1 161 ? 1.026   -5.848  -2.388  1.00 36.10 ? 157  HIS A ND1 1 
ATOM   1102 C CD2 . HIS A 1 161 ? 2.988   -5.062  -2.928  1.00 39.41 ? 157  HIS A CD2 1 
ATOM   1103 C CE1 . HIS A 1 161 ? 1.760   -6.883  -2.770  1.00 36.59 ? 157  HIS A CE1 1 
ATOM   1104 N NE2 . HIS A 1 161 ? 2.954   -6.433  -3.112  1.00 40.29 ? 157  HIS A NE2 1 
ATOM   1105 N N   . ILE A 1 162 ? -0.956  -1.137  -1.973  1.00 30.29 ? 158  ILE A N   1 
ATOM   1106 C CA  . ILE A 1 162 ? -1.483  -0.202  -1.034  1.00 31.33 ? 158  ILE A CA  1 
ATOM   1107 C C   . ILE A 1 162 ? -1.936  -1.056  0.144   1.00 29.67 ? 158  ILE A C   1 
ATOM   1108 O O   . ILE A 1 162 ? -2.860  -1.840  0.023   1.00 30.83 ? 158  ILE A O   1 
ATOM   1109 C CB  . ILE A 1 162 ? -2.626  0.596   -1.631  1.00 30.93 ? 158  ILE A CB  1 
ATOM   1110 C CG1 . ILE A 1 162 ? -2.123  1.307   -2.866  1.00 32.64 ? 158  ILE A CG1 1 
ATOM   1111 C CG2 . ILE A 1 162 ? -3.069  1.668   -0.708  1.00 34.33 ? 158  ILE A CG2 1 
ATOM   1112 C CD1 . ILE A 1 162 ? -3.229  2.022   -3.633  1.00 38.81 ? 158  ILE A CD1 1 
ATOM   1113 N N   . ILE A 1 163 ? -1.206  -0.999  1.260   1.00 28.42 ? 159  ILE A N   1 
ATOM   1114 C CA  . ILE A 1 163 ? -1.672  -1.760  2.415   1.00 26.14 ? 159  ILE A CA  1 
ATOM   1115 C C   . ILE A 1 163 ? -2.456  -0.930  3.426   1.00 26.30 ? 159  ILE A C   1 
ATOM   1116 O O   . ILE A 1 163 ? -1.992  0.138   3.794   1.00 27.24 ? 159  ILE A O   1 
ATOM   1117 C CB  . ILE A 1 163 ? -0.490  -2.382  3.222   1.00 25.00 ? 159  ILE A CB  1 
ATOM   1118 C CG1 . ILE A 1 163 ? 0.504   -3.075  2.326   1.00 21.12 ? 159  ILE A CG1 1 
ATOM   1119 C CG2 . ILE A 1 163 ? -1.074  -3.337  4.258   1.00 23.48 ? 159  ILE A CG2 1 
ATOM   1120 C CD1 . ILE A 1 163 ? 1.824   -2.452  2.266   1.00 16.30 ? 159  ILE A CD1 1 
ATOM   1121 N N   . LEU A 1 164 ? -3.580  -1.446  3.913   1.00 26.84 ? 160  LEU A N   1 
ATOM   1122 C CA  . LEU A 1 164 ? -4.315  -0.821  4.980   1.00 29.24 ? 160  LEU A CA  1 
ATOM   1123 C C   . LEU A 1 164 ? -4.298  -1.839  6.068   1.00 31.71 ? 160  LEU A C   1 
ATOM   1124 O O   . LEU A 1 164 ? -4.810  -2.908  5.860   1.00 30.03 ? 160  LEU A O   1 
ATOM   1125 C CB  . LEU A 1 164 ? -5.747  -0.669  4.580   1.00 28.06 ? 160  LEU A CB  1 
ATOM   1126 C CG  . LEU A 1 164 ? -6.660  -0.020  5.606   1.00 26.70 ? 160  LEU A CG  1 
ATOM   1127 C CD1 . LEU A 1 164 ? -6.759  1.495   5.277   1.00 23.34 ? 160  LEU A CD1 1 
ATOM   1128 C CD2 . LEU A 1 164 ? -7.961  -0.613  5.424   1.00 28.61 ? 160  LEU A CD2 1 
ATOM   1129 N N   . ARG A 1 165 ? -3.632  -1.541  7.189   1.00 34.40 ? 161  ARG A N   1 
ATOM   1130 C CA  . ARG A 1 165 ? -3.696  -2.468  8.334   1.00 37.31 ? 161  ARG A CA  1 
ATOM   1131 C C   . ARG A 1 165 ? -4.971  -2.274  9.150   1.00 38.23 ? 161  ARG A C   1 
ATOM   1132 O O   . ARG A 1 165 ? -5.279  -1.174  9.633   1.00 38.78 ? 161  ARG A O   1 
ATOM   1133 C CB  . ARG A 1 165 ? -2.454  -2.383  9.216   1.00 36.72 ? 161  ARG A CB  1 
ATOM   1134 C CG  . ARG A 1 165 ? -2.528  -3.216  10.475  1.00 39.69 ? 161  ARG A CG  1 
ATOM   1135 C CD  . ARG A 1 165 ? -1.488  -2.677  11.461  1.00 42.43 ? 161  ARG A CD  1 
ATOM   1136 N NE  . ARG A 1 165 ? -1.820  -3.043  12.821  1.00 45.60 ? 161  ARG A NE  1 
ATOM   1137 C CZ  . ARG A 1 165 ? -0.989  -2.964  13.855  1.00 47.36 ? 161  ARG A CZ  1 
ATOM   1138 N NH1 . ARG A 1 165 ? 0.253   -2.514  13.706  1.00 47.55 ? 161  ARG A NH1 1 
ATOM   1139 N NH2 . ARG A 1 165 ? -1.403  -3.351  15.052  1.00 48.80 ? 161  ARG A NH2 1 
ATOM   1140 N N   . THR A 1 166 ? -5.727  -3.356  9.264   1.00 39.39 ? 162  THR A N   1 
ATOM   1141 C CA  . THR A 1 166 ? -7.036  -3.308  9.840   1.00 41.50 ? 162  THR A CA  1 
ATOM   1142 C C   . THR A 1 166 ? -7.079  -3.712  11.301  1.00 42.51 ? 162  THR A C   1 
ATOM   1143 O O   . THR A 1 166 ? -8.039  -3.394  11.977  1.00 43.22 ? 162  THR A O   1 
ATOM   1144 C CB  . THR A 1 166 ? -8.027  -4.158  9.016   1.00 41.77 ? 162  THR A CB  1 
ATOM   1145 O OG1 . THR A 1 166 ? -7.477  -5.466  8.806   1.00 42.94 ? 162  THR A OG1 1 
ATOM   1146 C CG2 . THR A 1 166 ? -8.252  -3.476  7.649   1.00 40.55 ? 162  THR A CG2 1 
ATOM   1147 N N   . GLU A 1 167 ? -6.048  -4.409  11.782  1.00 43.78 ? 163  GLU A N   1 
ATOM   1148 C CA  . GLU A 1 167 ? -6.072  -4.974  13.126  1.00 44.74 ? 163  GLU A CA  1 
ATOM   1149 C C   . GLU A 1 167 ? -4.650  -5.165  13.539  1.00 44.90 ? 163  GLU A C   1 
ATOM   1150 O O   . GLU A 1 167 ? -3.809  -5.478  12.659  1.00 43.44 ? 163  GLU A O   1 
ATOM   1151 C CB  . GLU A 1 167 ? -6.792  -6.337  13.151  1.00 46.65 ? 163  GLU A CB  1 
ATOM   1152 C CG  . GLU A 1 167 ? -8.293  -6.365  13.607  1.00 48.98 ? 163  GLU A CG  1 
ATOM   1153 C CD  . GLU A 1 167 ? -9.106  -7.586  13.051  1.00 53.86 ? 163  GLU A CD  1 
ATOM   1154 O OE1 . GLU A 1 167 ? -8.675  -8.781  13.185  1.00 50.74 ? 163  GLU A OE1 1 
ATOM   1155 O OE2 . GLU A 1 167 ? -10.196 -7.323  12.470  1.00 55.20 ? 163  GLU A OE2 1 
ATOM   1156 O OXT . GLU A 1 167 ? -4.362  -5.024  14.744  1.00 44.84 ? 163  GLU A OXT 1 
HETATM 1157 O O37 . 12P B 2 .   ? -0.963  12.979  -0.055  1.00 78.85 ? 1164 12P A O37 1 
HETATM 1158 C C36 . 12P B 2 .   ? -1.303  13.703  1.134   1.00 80.07 ? 1164 12P A C36 1 
HETATM 1159 C C35 . 12P B 2 .   ? -0.413  14.921  1.314   1.00 81.52 ? 1164 12P A C35 1 
HETATM 1160 O O34 . 12P B 2 .   ? 0.504   14.697  2.392   1.00 84.36 ? 1164 12P A O34 1 
HETATM 1161 C C33 . 12P B 2 .   ? 1.878   15.057  2.145   1.00 86.42 ? 1164 12P A C33 1 
HETATM 1162 C C32 . 12P B 2 .   ? 2.095   15.841  0.848   1.00 88.83 ? 1164 12P A C32 1 
HETATM 1163 O O31 . 12P B 2 .   ? 2.509   14.994  -0.234  1.00 90.83 ? 1164 12P A O31 1 
HETATM 1164 C C30 . 12P B 2 .   ? 3.186   15.743  -1.260  1.00 90.45 ? 1164 12P A C30 1 
HETATM 1165 C C29 . 12P B 2 .   ? 4.714   15.580  -1.201  1.00 89.66 ? 1164 12P A C29 1 
HETATM 1166 O O28 . 12P B 2 .   ? 5.387   16.854  -1.116  1.00 89.35 ? 1164 12P A O28 1 
HETATM 1167 C C27 . 12P B 2 .   ? 6.530   17.041  -1.988  1.00 87.19 ? 1164 12P A C27 1 
HETATM 1168 C C26 . 12P B 2 .   ? 7.872   16.944  -1.278  1.00 83.34 ? 1164 12P A C26 1 
HETATM 1169 C C13 . 4FY C 3 .   ? -0.730  -11.648 -1.853  1.00 50.66 ? 1165 4FY A C13 1 
HETATM 1170 C C14 . 4FY C 3 .   ? -0.653  -11.254 -0.518  1.00 50.88 ? 1165 4FY A C14 1 
HETATM 1171 C C2  . 4FY C 3 .   ? 3.989   -14.132 -4.523  1.00 70.82 ? 1165 4FY A C2  1 
HETATM 1172 C C15 . 4FY C 3 .   ? 0.456   -10.532 -0.121  1.00 49.67 ? 1165 4FY A C15 1 
HETATM 1173 C C16 . 4FY C 3 .   ? 1.464   -10.212 -1.043  1.00 50.77 ? 1165 4FY A C16 1 
HETATM 1174 C C17 . 4FY C 3 .   ? 1.381   -10.585 -2.380  1.00 48.82 ? 1165 4FY A C17 1 
HETATM 1175 C C12 . 4FY C 3 .   ? 0.256   -11.282 -2.781  1.00 50.32 ? 1165 4FY A C12 1 
HETATM 1176 C C9  . 4FY C 3 .   ? 0.126   -11.753 -4.074  1.00 51.31 ? 1165 4FY A C9  1 
HETATM 1177 N N10 . 4FY C 3 .   ? 1.193   -12.088 -4.769  1.00 51.17 ? 1165 4FY A N10 1 
HETATM 1178 N N8  . 4FY C 3 .   ? -1.006  -12.055 -4.755  1.00 49.30 ? 1165 4FY A N8  1 
HETATM 1179 C C7  . 4FY C 3 .   ? -0.616  -12.559 -5.918  1.00 51.11 ? 1165 4FY A C7  1 
HETATM 1180 C C20 . 4FY C 3 .   ? -1.566  -13.060 -7.000  1.00 47.43 ? 1165 4FY A C20 1 
HETATM 1181 O O22 . 4FY C 3 .   ? -2.727  -13.327 -6.676  1.00 40.70 ? 1165 4FY A O22 1 
HETATM 1182 O O21 . 4FY C 3 .   ? -1.174  -13.310 -8.146  1.00 48.12 ? 1165 4FY A O21 1 
HETATM 1183 C C11 . 4FY C 3 .   ? 0.774   -12.575 -5.929  1.00 55.89 ? 1165 4FY A C11 1 
HETATM 1184 C C18 . 4FY C 3 .   ? 1.798   -13.043 -6.995  1.00 61.79 ? 1165 4FY A C18 1 
HETATM 1185 O O19 . 4FY C 3 .   ? 1.863   -12.522 -8.117  1.00 62.09 ? 1165 4FY A O19 1 
HETATM 1186 N N3  . 4FY C 3 .   ? 2.680   -14.004 -6.623  1.00 66.97 ? 1165 4FY A N3  1 
HETATM 1187 C C1  . 4FY C 3 .   ? 2.691   -14.583 -5.238  1.00 69.25 ? 1165 4FY A C1  1 
HETATM 1188 C C5  . 4FY C 3 .   ? 3.800   -14.407 -7.498  1.00 68.85 ? 1165 4FY A C5  1 
HETATM 1189 C C6  . 4FY C 3 .   ? 5.089   -13.942 -6.762  1.00 71.09 ? 1165 4FY A C6  1 
HETATM 1190 O O4  . 4FY C 3 .   ? 4.784   -13.280 -5.449  1.00 71.48 ? 1165 4FY A O4  1 
HETATM 1191 O O   . HOH D 4 .   ? 4.047   28.557  3.541   1.00 57.70 ? 2001 HOH A O   1 
HETATM 1192 O O   . HOH D 4 .   ? 3.133   24.277  6.909   1.00 28.76 ? 2002 HOH A O   1 
HETATM 1193 O O   . HOH D 4 .   ? 14.376  1.313   7.727   1.00 35.97 ? 2003 HOH A O   1 
HETATM 1194 O O   . HOH D 4 .   ? 10.700  3.940   1.438   1.00 27.97 ? 2004 HOH A O   1 
HETATM 1195 O O   . HOH D 4 .   ? -2.281  14.588  7.279   1.00 47.29 ? 2005 HOH A O   1 
HETATM 1196 O O   . HOH D 4 .   ? 1.951   7.071   16.786  1.00 62.80 ? 2006 HOH A O   1 
HETATM 1197 O O   . HOH D 4 .   ? 1.096   -16.672 15.832  1.00 47.94 ? 2007 HOH A O   1 
HETATM 1198 O O   . HOH D 4 .   ? -1.320  -3.807  -18.364 1.00 48.58 ? 2008 HOH A O   1 
HETATM 1199 O O   . HOH D 4 .   ? -8.466  2.560   -12.918 1.00 41.65 ? 2009 HOH A O   1 
HETATM 1200 O O   . HOH D 4 .   ? 0.384   7.548   1.929   1.00 65.14 ? 2010 HOH A O   1 
HETATM 1201 O O   . HOH D 4 .   ? -5.088  -2.684  -11.243 1.00 28.21 ? 2011 HOH A O   1 
HETATM 1202 O O   . HOH D 4 .   ? -4.631  -5.550  -14.510 1.00 54.72 ? 2012 HOH A O   1 
HETATM 1203 O O   . HOH D 4 .   ? -6.494  -14.459 -1.051  1.00 45.12 ? 2013 HOH A O   1 
HETATM 1204 O O   . HOH D 4 .   ? -16.333 -10.121 -0.129  1.00 38.87 ? 2014 HOH A O   1 
HETATM 1205 O O   . HOH D 4 .   ? -14.073 -9.162  5.228   1.00 47.62 ? 2015 HOH A O   1 
HETATM 1206 O O   . HOH D 4 .   ? 3.699   -10.931 0.244   1.00 54.69 ? 2016 HOH A O   1 
HETATM 1207 O O   . HOH D 4 .   ? 11.712  -3.412  3.321   1.00 32.53 ? 2017 HOH A O   1 
HETATM 1208 O O   . HOH D 4 .   ? -4.978  -10.365 13.916  1.00 39.49 ? 2018 HOH A O   1 
# 
loop_
_pdbx_poly_seq_scheme.asym_id 
_pdbx_poly_seq_scheme.entity_id 
_pdbx_poly_seq_scheme.seq_id 
_pdbx_poly_seq_scheme.mon_id 
_pdbx_poly_seq_scheme.ndb_seq_num 
_pdbx_poly_seq_scheme.pdb_seq_num 
_pdbx_poly_seq_scheme.auth_seq_num 
_pdbx_poly_seq_scheme.pdb_mon_id 
_pdbx_poly_seq_scheme.auth_mon_id 
_pdbx_poly_seq_scheme.pdb_strand_id 
_pdbx_poly_seq_scheme.pdb_ins_code 
_pdbx_poly_seq_scheme.hetero 
A 1 1   GLY 1   -3  ?   ?   ?   A . n 
A 1 2   SER 2   -2  ?   ?   ?   A . n 
A 1 3   HIS 3   -1  ?   ?   ?   A . n 
A 1 4   GLY 4   0   ?   ?   ?   A . n 
A 1 5   MET 5   1   ?   ?   ?   A . n 
A 1 6   ALA 6   2   ?   ?   ?   A . n 
A 1 7   ASP 7   3   ?   ?   ?   A . n 
A 1 8   GLU 8   4   ?   ?   ?   A . n 
A 1 9   GLU 9   5   ?   ?   ?   A . n 
A 1 10  LYS 10  6   ?   ?   ?   A . n 
A 1 11  LEU 11  7   7   LEU LEU A . n 
A 1 12  PRO 12  8   8   PRO PRO A . n 
A 1 13  PRO 13  9   9   PRO PRO A . n 
A 1 14  GLY 14  10  10  GLY GLY A . n 
A 1 15  TRP 15  11  11  TRP TRP A . n 
A 1 16  GLU 16  12  12  GLU GLU A . n 
A 1 17  LYS 17  13  13  LYS LYS A . n 
A 1 18  ALA 18  14  14  ALA ALA A . n 
A 1 19  MET 19  15  15  MET MET A . n 
A 1 20  SER 20  16  16  SER SER A . n 
A 1 21  ARG 21  17  17  ARG ARG A . n 
A 1 22  SER 22  18  18  SER SER A . n 
A 1 23  SER 23  19  19  SER SER A . n 
A 1 24  GLY 24  20  20  GLY GLY A . n 
A 1 25  ARG 25  21  21  ARG ARG A . n 
A 1 26  VAL 26  22  22  VAL VAL A . n 
A 1 27  TYR 27  23  23  TYR TYR A . n 
A 1 28  TYR 28  24  24  TYR TYR A . n 
A 1 29  PHE 29  25  25  PHE PHE A . n 
A 1 30  ASN 30  26  26  ASN ASN A . n 
A 1 31  HIS 31  27  27  HIS HIS A . n 
A 1 32  ILE 32  28  28  ILE ILE A . n 
A 1 33  THR 33  29  29  THR THR A . n 
A 1 34  ASN 34  30  30  ASN ASN A . n 
A 1 35  ALA 35  31  31  ALA ALA A . n 
A 1 36  SER 36  32  32  SER SER A . n 
A 1 37  GLN 37  33  33  GLN GLN A . n 
A 1 38  TRP 38  34  34  TRP TRP A . n 
A 1 39  GLU 39  35  35  GLU GLU A . n 
A 1 40  ARG 40  36  36  ARG ARG A . n 
A 1 41  PRO 41  37  37  PRO PRO A . n 
A 1 42  SER 42  38  38  SER SER A . n 
A 1 43  GLY 43  39  ?   ?   ?   A . n 
A 1 44  ASN 44  40  ?   ?   ?   A . n 
A 1 45  SER 45  41  ?   ?   ?   A . n 
A 1 46  SER 46  42  ?   ?   ?   A . n 
A 1 47  SER 47  43  ?   ?   ?   A . n 
A 1 48  GLY 48  44  ?   ?   ?   A . n 
A 1 49  GLY 49  45  ?   ?   ?   A . n 
A 1 50  LYS 50  46  ?   ?   ?   A . n 
A 1 51  ASN 51  47  ?   ?   ?   A . n 
A 1 52  GLY 52  48  ?   ?   ?   A . n 
A 1 53  GLN 53  49  ?   ?   ?   A . n 
A 1 54  GLY 54  50  ?   ?   ?   A . n 
A 1 55  GLU 55  51  51  GLU GLU A . n 
A 1 56  PRO 56  52  52  PRO PRO A . n 
A 1 57  ALA 57  53  53  ALA ALA A . n 
A 1 58  ARG 58  54  54  ARG ARG A . n 
A 1 59  VAL 59  55  55  VAL VAL A . n 
A 1 60  ARG 60  56  56  ARG ARG A . n 
A 1 61  CYS 61  57  57  CYS CYS A . n 
A 1 62  SER 62  58  58  SER SER A . n 
A 1 63  HIS 63  59  59  HIS HIS A . n 
A 1 64  LEU 64  60  60  LEU LEU A . n 
A 1 65  LEU 65  61  61  LEU LEU A . n 
A 1 66  VAL 66  62  62  VAL VAL A . n 
A 1 67  LYS 67  63  63  LYS LYS A . n 
A 1 68  HIS 68  64  64  HIS HIS A . n 
A 1 69  SER 69  65  65  SER SER A . n 
A 1 70  GLN 70  66  66  GLN GLN A . n 
A 1 71  SER 71  67  67  SER SER A . n 
A 1 72  ARG 72  68  68  ARG ARG A . n 
A 1 73  ARG 73  69  69  ARG ARG A . n 
A 1 74  PRO 74  70  70  PRO PRO A . n 
A 1 75  SER 75  71  71  SER SER A . n 
A 1 76  SER 76  72  72  SER SER A . n 
A 1 77  TRP 77  73  73  TRP TRP A . n 
A 1 78  ARG 78  74  74  ARG ARG A . n 
A 1 79  GLN 79  75  75  GLN GLN A . n 
A 1 80  GLU 80  76  76  GLU GLU A . n 
A 1 81  LYS 81  77  77  LYS LYS A . n 
A 1 82  ILE 82  78  78  ILE ILE A . n 
A 1 83  THR 83  79  79  THR THR A . n 
A 1 84  ARG 84  80  80  ARG ARG A . n 
A 1 85  THR 85  81  81  THR THR A . n 
A 1 86  LYS 86  82  82  LYS LYS A . n 
A 1 87  GLU 87  83  83  GLU GLU A . n 
A 1 88  GLU 88  84  84  GLU GLU A . n 
A 1 89  ALA 89  85  85  ALA ALA A . n 
A 1 90  LEU 90  86  86  LEU LEU A . n 
A 1 91  GLU 91  87  87  GLU GLU A . n 
A 1 92  LEU 92  88  88  LEU LEU A . n 
A 1 93  ILE 93  89  89  ILE ILE A . n 
A 1 94  ASN 94  90  90  ASN ASN A . n 
A 1 95  GLY 95  91  91  GLY GLY A . n 
A 1 96  TYR 96  92  92  TYR TYR A . n 
A 1 97  ILE 97  93  93  ILE ILE A . n 
A 1 98  GLN 98  94  94  GLN GLN A . n 
A 1 99  LYS 99  95  95  LYS LYS A . n 
A 1 100 ILE 100 96  96  ILE ILE A . n 
A 1 101 LYS 101 97  97  LYS LYS A . n 
A 1 102 SER 102 98  98  SER SER A . n 
A 1 103 GLY 103 99  99  GLY GLY A . n 
A 1 104 GLU 104 100 100 GLU GLU A . n 
A 1 105 GLU 105 101 101 GLU GLU A . n 
A 1 106 ASP 106 102 102 ASP ASP A . n 
A 1 107 PHE 107 103 103 PHE PHE A . n 
A 1 108 GLU 108 104 104 GLU GLU A . n 
A 1 109 SER 109 105 105 SER SER A . n 
A 1 110 LEU 110 106 106 LEU LEU A . n 
A 1 111 ALA 111 107 107 ALA ALA A . n 
A 1 112 SER 112 108 108 SER SER A . n 
A 1 113 GLN 113 109 109 GLN GLN A . n 
A 1 114 PHE 114 110 110 PHE PHE A . n 
A 1 115 SER 115 111 111 SER SER A . n 
A 1 116 ASP 116 112 112 ASP ASP A . n 
A 1 117 CYS 117 113 113 CYS CYS A . n 
A 1 118 SER 118 114 114 SER SER A . n 
A 1 119 SER 119 115 115 SER SER A . n 
A 1 120 ALA 120 116 116 ALA ALA A . n 
A 1 121 LYS 121 117 117 LYS LYS A . n 
A 1 122 ALA 122 118 118 ALA ALA A . n 
A 1 123 ARG 123 119 119 ARG ARG A . n 
A 1 124 GLY 124 120 120 GLY GLY A . n 
A 1 125 ASP 125 121 121 ASP ASP A . n 
A 1 126 LEU 126 122 122 LEU LEU A . n 
A 1 127 GLY 127 123 123 GLY GLY A . n 
A 1 128 ALA 128 124 124 ALA ALA A . n 
A 1 129 PHE 129 125 125 PHE PHE A . n 
A 1 130 SER 130 126 126 SER SER A . n 
A 1 131 ARG 131 127 127 ARG ARG A . n 
A 1 132 GLY 132 128 128 GLY GLY A . n 
A 1 133 GLN 133 129 129 GLN GLN A . n 
A 1 134 MET 134 130 130 MET MET A . n 
A 1 135 GLN 135 131 131 GLN GLN A . n 
A 1 136 LYS 136 132 132 LYS LYS A . n 
A 1 137 PRO 137 133 133 PRO PRO A . n 
A 1 138 PHE 138 134 134 PHE PHE A . n 
A 1 139 GLU 139 135 135 GLU GLU A . n 
A 1 140 ASP 140 136 136 ASP ASP A . n 
A 1 141 ALA 141 137 137 ALA ALA A . n 
A 1 142 SER 142 138 138 SER SER A . n 
A 1 143 PHE 143 139 139 PHE PHE A . n 
A 1 144 ALA 144 140 140 ALA ALA A . n 
A 1 145 LEU 145 141 141 LEU LEU A . n 
A 1 146 ARG 146 142 142 ARG ARG A . n 
A 1 147 THR 147 143 143 THR THR A . n 
A 1 148 GLY 148 144 144 GLY GLY A . n 
A 1 149 GLU 149 145 145 GLU GLU A . n 
A 1 150 MET 150 146 146 MET MET A . n 
A 1 151 SER 151 147 147 SER SER A . n 
A 1 152 GLY 152 148 148 GLY GLY A . n 
A 1 153 PRO 153 149 149 PRO PRO A . n 
A 1 154 VAL 154 150 150 VAL VAL A . n 
A 1 155 PHE 155 151 151 PHE PHE A . n 
A 1 156 THR 156 152 152 THR THR A . n 
A 1 157 ASP 157 153 153 ASP ASP A . n 
A 1 158 SER 158 154 154 SER SER A . n 
A 1 159 GLY 159 155 155 GLY GLY A . n 
A 1 160 ILE 160 156 156 ILE ILE A . n 
A 1 161 HIS 161 157 157 HIS HIS A . n 
A 1 162 ILE 162 158 158 ILE ILE A . n 
A 1 163 ILE 163 159 159 ILE ILE A . n 
A 1 164 LEU 164 160 160 LEU LEU A . n 
A 1 165 ARG 165 161 161 ARG ARG A . n 
A 1 166 THR 166 162 162 THR THR A . n 
A 1 167 GLU 167 163 163 GLU GLU A . n 
# 
loop_
_pdbx_nonpoly_scheme.asym_id 
_pdbx_nonpoly_scheme.entity_id 
_pdbx_nonpoly_scheme.mon_id 
_pdbx_nonpoly_scheme.ndb_seq_num 
_pdbx_nonpoly_scheme.pdb_seq_num 
_pdbx_nonpoly_scheme.auth_seq_num 
_pdbx_nonpoly_scheme.pdb_mon_id 
_pdbx_nonpoly_scheme.auth_mon_id 
_pdbx_nonpoly_scheme.pdb_strand_id 
_pdbx_nonpoly_scheme.pdb_ins_code 
B 2 12P 1  1164 1164 12P 12P A . 
C 3 4FY 1  1165 1165 4FY 4FY A . 
D 4 HOH 1  2001 2001 HOH HOH A . 
D 4 HOH 2  2002 2002 HOH HOH A . 
D 4 HOH 3  2003 2003 HOH HOH A . 
D 4 HOH 4  2004 2004 HOH HOH A . 
D 4 HOH 5  2005 2005 HOH HOH A . 
D 4 HOH 6  2006 2006 HOH HOH A . 
D 4 HOH 7  2007 2007 HOH HOH A . 
D 4 HOH 8  2008 2008 HOH HOH A . 
D 4 HOH 9  2009 2009 HOH HOH A . 
D 4 HOH 10 2010 2010 HOH HOH A . 
D 4 HOH 11 2011 2011 HOH HOH A . 
D 4 HOH 12 2012 2012 HOH HOH A . 
D 4 HOH 13 2013 2013 HOH HOH A . 
D 4 HOH 14 2014 2014 HOH HOH A . 
D 4 HOH 15 2015 2015 HOH HOH A . 
D 4 HOH 16 2016 2016 HOH HOH A . 
D 4 HOH 17 2017 2017 HOH HOH A . 
D 4 HOH 18 2018 2018 HOH HOH A . 
# 
_pdbx_struct_assembly.id                   1 
_pdbx_struct_assembly.details              author_and_software_defined_assembly 
_pdbx_struct_assembly.method_details       PISA 
_pdbx_struct_assembly.oligomeric_details   monomeric 
_pdbx_struct_assembly.oligomeric_count     1 
# 
_pdbx_struct_assembly_gen.assembly_id       1 
_pdbx_struct_assembly_gen.oper_expression   1 
_pdbx_struct_assembly_gen.asym_id_list      A,B,C,D 
# 
_pdbx_struct_oper_list.id                   1 
_pdbx_struct_oper_list.type                 'identity operation' 
_pdbx_struct_oper_list.name                 1_555 
_pdbx_struct_oper_list.symmetry_operation   x,y,z 
_pdbx_struct_oper_list.matrix[1][1]         1.0000000000 
_pdbx_struct_oper_list.matrix[1][2]         0.0000000000 
_pdbx_struct_oper_list.matrix[1][3]         0.0000000000 
_pdbx_struct_oper_list.vector[1]            0.0000000000 
_pdbx_struct_oper_list.matrix[2][1]         0.0000000000 
_pdbx_struct_oper_list.matrix[2][2]         1.0000000000 
_pdbx_struct_oper_list.matrix[2][3]         0.0000000000 
_pdbx_struct_oper_list.vector[2]            0.0000000000 
_pdbx_struct_oper_list.matrix[3][1]         0.0000000000 
_pdbx_struct_oper_list.matrix[3][2]         0.0000000000 
_pdbx_struct_oper_list.matrix[3][3]         1.0000000000 
_pdbx_struct_oper_list.vector[3]            0.0000000000 
# 
loop_
_pdbx_audit_revision_history.ordinal 
_pdbx_audit_revision_history.data_content_type 
_pdbx_audit_revision_history.major_revision 
_pdbx_audit_revision_history.minor_revision 
_pdbx_audit_revision_history.revision_date 
1 'Structure model' 1 0 2011-01-12 
2 'Structure model' 1 1 2011-05-08 
3 'Structure model' 1 2 2011-07-13 
4 'Structure model' 1 3 2019-01-30 
5 'Structure model' 1 4 2019-02-06 
6 'Structure model' 1 5 2023-12-20 
# 
_pdbx_audit_revision_details.ordinal             1 
_pdbx_audit_revision_details.revision_ordinal    1 
_pdbx_audit_revision_details.data_content_type   'Structure model' 
_pdbx_audit_revision_details.provider            repository 
_pdbx_audit_revision_details.type                'Initial release' 
_pdbx_audit_revision_details.description         ? 
_pdbx_audit_revision_details.details             ? 
# 
loop_
_pdbx_audit_revision_group.ordinal 
_pdbx_audit_revision_group.revision_ordinal 
_pdbx_audit_revision_group.data_content_type 
_pdbx_audit_revision_group.group 
1  2 'Structure model' 'Version format compliance' 
2  3 'Structure model' 'Version format compliance' 
3  4 'Structure model' 'Data collection'           
4  4 'Structure model' 'Experimental preparation'  
5  4 'Structure model' Other                       
6  5 'Structure model' 'Data collection'           
7  5 'Structure model' 'Experimental preparation'  
8  6 'Structure model' 'Data collection'           
9  6 'Structure model' 'Database references'       
10 6 'Structure model' 'Derived calculations'      
11 6 'Structure model' Other                       
12 6 'Structure model' 'Refinement description'    
# 
loop_
_pdbx_audit_revision_category.ordinal 
_pdbx_audit_revision_category.revision_ordinal 
_pdbx_audit_revision_category.data_content_type 
_pdbx_audit_revision_category.category 
1  4 'Structure model' exptl_crystal_grow            
2  4 'Structure model' pdbx_database_proc            
3  4 'Structure model' pdbx_database_status          
4  5 'Structure model' exptl_crystal_grow            
5  6 'Structure model' chem_comp_atom                
6  6 'Structure model' chem_comp_bond                
7  6 'Structure model' database_2                    
8  6 'Structure model' pdbx_database_status          
9  6 'Structure model' pdbx_initial_refinement_model 
10 6 'Structure model' struct_site                   
# 
loop_
_pdbx_audit_revision_item.ordinal 
_pdbx_audit_revision_item.revision_ordinal 
_pdbx_audit_revision_item.data_content_type 
_pdbx_audit_revision_item.item 
1 4 'Structure model' '_exptl_crystal_grow.method'                  
2 4 'Structure model' '_pdbx_database_status.recvd_author_approval' 
3 5 'Structure model' '_exptl_crystal_grow.temp'                    
4 6 'Structure model' '_database_2.pdbx_DOI'                        
5 6 'Structure model' '_database_2.pdbx_database_accession'         
6 6 'Structure model' '_pdbx_database_status.status_code_sf'        
7 6 'Structure model' '_struct_site.pdbx_auth_asym_id'              
8 6 'Structure model' '_struct_site.pdbx_auth_comp_id'              
9 6 'Structure model' '_struct_site.pdbx_auth_seq_id'               
# 
loop_
_software.name 
_software.classification 
_software.version 
_software.citation_id 
_software.pdbx_ordinal 
_software.date 
_software.type 
_software.location 
_software.language 
REFMAC refinement       5.5.0109 ? 1 ? ? ? ? 
d*TREK 'data reduction' .        ? 2 ? ? ? ? 
d*TREK 'data scaling'   .        ? 3 ? ? ? ? 
AMoRE  phasing          .        ? 4 ? ? ? ? 
# 
_pdbx_entry_details.entry_id                 2XP8 
_pdbx_entry_details.compound_details         'ENGINEERED RESIDUE IN CHAIN A, ARG  14 TO ALA' 
_pdbx_entry_details.source_details           ? 
_pdbx_entry_details.nonpolymer_details       ? 
_pdbx_entry_details.sequence_details         ? 
_pdbx_entry_details.has_ligand_of_interest   ? 
# 
_pdbx_validate_close_contact.id               1 
_pdbx_validate_close_contact.PDB_model_num    1 
_pdbx_validate_close_contact.auth_atom_id_1   NH2 
_pdbx_validate_close_contact.auth_asym_id_1   A 
_pdbx_validate_close_contact.auth_comp_id_1   ARG 
_pdbx_validate_close_contact.auth_seq_id_1    119 
_pdbx_validate_close_contact.PDB_ins_code_1   ? 
_pdbx_validate_close_contact.label_alt_id_1   ? 
_pdbx_validate_close_contact.auth_atom_id_2   O 
_pdbx_validate_close_contact.auth_asym_id_2   A 
_pdbx_validate_close_contact.auth_comp_id_2   HOH 
_pdbx_validate_close_contact.auth_seq_id_2    2015 
_pdbx_validate_close_contact.PDB_ins_code_2   ? 
_pdbx_validate_close_contact.label_alt_id_2   ? 
_pdbx_validate_close_contact.dist             2.12 
# 
_pdbx_validate_rmsd_bond.id                        1 
_pdbx_validate_rmsd_bond.PDB_model_num             1 
_pdbx_validate_rmsd_bond.auth_atom_id_1            CD 
_pdbx_validate_rmsd_bond.auth_asym_id_1            A 
_pdbx_validate_rmsd_bond.auth_comp_id_1            GLU 
_pdbx_validate_rmsd_bond.auth_seq_id_1             35 
_pdbx_validate_rmsd_bond.PDB_ins_code_1            ? 
_pdbx_validate_rmsd_bond.label_alt_id_1            ? 
_pdbx_validate_rmsd_bond.auth_atom_id_2            OE2 
_pdbx_validate_rmsd_bond.auth_asym_id_2            A 
_pdbx_validate_rmsd_bond.auth_comp_id_2            GLU 
_pdbx_validate_rmsd_bond.auth_seq_id_2             35 
_pdbx_validate_rmsd_bond.PDB_ins_code_2            ? 
_pdbx_validate_rmsd_bond.label_alt_id_2            ? 
_pdbx_validate_rmsd_bond.bond_value                1.332 
_pdbx_validate_rmsd_bond.bond_target_value         1.252 
_pdbx_validate_rmsd_bond.bond_deviation            0.080 
_pdbx_validate_rmsd_bond.bond_standard_deviation   0.011 
_pdbx_validate_rmsd_bond.linker_flag               N 
# 
_pdbx_validate_rmsd_angle.id                         1 
_pdbx_validate_rmsd_angle.PDB_model_num              1 
_pdbx_validate_rmsd_angle.auth_atom_id_1             C 
_pdbx_validate_rmsd_angle.auth_asym_id_1             A 
_pdbx_validate_rmsd_angle.auth_comp_id_1             ARG 
_pdbx_validate_rmsd_angle.auth_seq_id_1              69 
_pdbx_validate_rmsd_angle.PDB_ins_code_1             ? 
_pdbx_validate_rmsd_angle.label_alt_id_1             ? 
_pdbx_validate_rmsd_angle.auth_atom_id_2             N 
_pdbx_validate_rmsd_angle.auth_asym_id_2             A 
_pdbx_validate_rmsd_angle.auth_comp_id_2             PRO 
_pdbx_validate_rmsd_angle.auth_seq_id_2              70 
_pdbx_validate_rmsd_angle.PDB_ins_code_2             ? 
_pdbx_validate_rmsd_angle.label_alt_id_2             ? 
_pdbx_validate_rmsd_angle.auth_atom_id_3             CA 
_pdbx_validate_rmsd_angle.auth_asym_id_3             A 
_pdbx_validate_rmsd_angle.auth_comp_id_3             PRO 
_pdbx_validate_rmsd_angle.auth_seq_id_3              70 
_pdbx_validate_rmsd_angle.PDB_ins_code_3             ? 
_pdbx_validate_rmsd_angle.label_alt_id_3             ? 
_pdbx_validate_rmsd_angle.angle_value                128.89 
_pdbx_validate_rmsd_angle.angle_target_value         119.30 
_pdbx_validate_rmsd_angle.angle_deviation            9.59 
_pdbx_validate_rmsd_angle.angle_standard_deviation   1.50 
_pdbx_validate_rmsd_angle.linker_flag                Y 
# 
loop_
_pdbx_validate_torsion.id 
_pdbx_validate_torsion.PDB_model_num 
_pdbx_validate_torsion.auth_comp_id 
_pdbx_validate_torsion.auth_asym_id 
_pdbx_validate_torsion.auth_seq_id 
_pdbx_validate_torsion.PDB_ins_code 
_pdbx_validate_torsion.label_alt_id 
_pdbx_validate_torsion.phi 
_pdbx_validate_torsion.psi 
1 1 TYR A 23 ? ? -120.84 -146.80 
2 1 ASN A 30 ? ? 57.78   14.83   
3 1 PRO A 70 ? ? -68.01  50.15   
# 
loop_
_pdbx_unobs_or_zero_occ_atoms.id 
_pdbx_unobs_or_zero_occ_atoms.PDB_model_num 
_pdbx_unobs_or_zero_occ_atoms.polymer_flag 
_pdbx_unobs_or_zero_occ_atoms.occupancy_flag 
_pdbx_unobs_or_zero_occ_atoms.auth_asym_id 
_pdbx_unobs_or_zero_occ_atoms.auth_comp_id 
_pdbx_unobs_or_zero_occ_atoms.auth_seq_id 
_pdbx_unobs_or_zero_occ_atoms.PDB_ins_code 
_pdbx_unobs_or_zero_occ_atoms.auth_atom_id 
_pdbx_unobs_or_zero_occ_atoms.label_alt_id 
_pdbx_unobs_or_zero_occ_atoms.label_asym_id 
_pdbx_unobs_or_zero_occ_atoms.label_comp_id 
_pdbx_unobs_or_zero_occ_atoms.label_seq_id 
_pdbx_unobs_or_zero_occ_atoms.label_atom_id 
1  1 N 1 A 12P 1164 ? O25 ? B 12P 1 O25 
2  1 N 1 A 12P 1164 ? C24 ? B 12P 1 C24 
3  1 N 1 A 12P 1164 ? C23 ? B 12P 1 C23 
4  1 N 1 A 12P 1164 ? O22 ? B 12P 1 O22 
5  1 N 1 A 12P 1164 ? C21 ? B 12P 1 C21 
6  1 N 1 A 12P 1164 ? C20 ? B 12P 1 C20 
7  1 N 1 A 12P 1164 ? O19 ? B 12P 1 O19 
8  1 N 1 A 12P 1164 ? C18 ? B 12P 1 C18 
9  1 N 1 A 12P 1164 ? C17 ? B 12P 1 C17 
10 1 N 1 A 12P 1164 ? O16 ? B 12P 1 O16 
11 1 N 1 A 12P 1164 ? C15 ? B 12P 1 C15 
12 1 N 1 A 12P 1164 ? C14 ? B 12P 1 C14 
13 1 N 1 A 12P 1164 ? O13 ? B 12P 1 O13 
14 1 N 1 A 12P 1164 ? C12 ? B 12P 1 C12 
15 1 N 1 A 12P 1164 ? C11 ? B 12P 1 C11 
16 1 N 1 A 12P 1164 ? O10 ? B 12P 1 O10 
17 1 N 1 A 12P 1164 ? C9  ? B 12P 1 C9  
18 1 N 1 A 12P 1164 ? C8  ? B 12P 1 C8  
19 1 N 1 A 12P 1164 ? O7  ? B 12P 1 O7  
20 1 N 1 A 12P 1164 ? C6  ? B 12P 1 C6  
21 1 N 1 A 12P 1164 ? C5  ? B 12P 1 C5  
22 1 N 1 A 12P 1164 ? O4  ? B 12P 1 O4  
23 1 N 1 A 12P 1164 ? C3  ? B 12P 1 C3  
24 1 N 1 A 12P 1164 ? C2  ? B 12P 1 C2  
25 1 N 1 A 12P 1164 ? O1  ? B 12P 1 O1  
# 
loop_
_pdbx_unobs_or_zero_occ_residues.id 
_pdbx_unobs_or_zero_occ_residues.PDB_model_num 
_pdbx_unobs_or_zero_occ_residues.polymer_flag 
_pdbx_unobs_or_zero_occ_residues.occupancy_flag 
_pdbx_unobs_or_zero_occ_residues.auth_asym_id 
_pdbx_unobs_or_zero_occ_residues.auth_comp_id 
_pdbx_unobs_or_zero_occ_residues.auth_seq_id 
_pdbx_unobs_or_zero_occ_residues.PDB_ins_code 
_pdbx_unobs_or_zero_occ_residues.label_asym_id 
_pdbx_unobs_or_zero_occ_residues.label_comp_id 
_pdbx_unobs_or_zero_occ_residues.label_seq_id 
1  1 Y 1 A GLY -3 ? A GLY 1  
2  1 Y 1 A SER -2 ? A SER 2  
3  1 Y 1 A HIS -1 ? A HIS 3  
4  1 Y 1 A GLY 0  ? A GLY 4  
5  1 Y 1 A MET 1  ? A MET 5  
6  1 Y 1 A ALA 2  ? A ALA 6  
7  1 Y 1 A ASP 3  ? A ASP 7  
8  1 Y 1 A GLU 4  ? A GLU 8  
9  1 Y 1 A GLU 5  ? A GLU 9  
10 1 Y 1 A LYS 6  ? A LYS 10 
11 1 Y 1 A GLY 39 ? A GLY 43 
12 1 Y 1 A ASN 40 ? A ASN 44 
13 1 Y 1 A SER 41 ? A SER 45 
14 1 Y 1 A SER 42 ? A SER 46 
15 1 Y 1 A SER 43 ? A SER 47 
16 1 Y 1 A GLY 44 ? A GLY 48 
17 1 Y 1 A GLY 45 ? A GLY 49 
18 1 Y 1 A LYS 46 ? A LYS 50 
19 1 Y 1 A ASN 47 ? A ASN 51 
20 1 Y 1 A GLY 48 ? A GLY 52 
21 1 Y 1 A GLN 49 ? A GLN 53 
22 1 Y 1 A GLY 50 ? A GLY 54 
# 
loop_
_chem_comp_atom.comp_id 
_chem_comp_atom.atom_id 
_chem_comp_atom.type_symbol 
_chem_comp_atom.pdbx_aromatic_flag 
_chem_comp_atom.pdbx_stereo_config 
_chem_comp_atom.pdbx_ordinal 
12P O37  O N N 1   
12P C36  C N N 2   
12P C35  C N N 3   
12P O34  O N N 4   
12P C33  C N N 5   
12P C32  C N N 6   
12P O31  O N N 7   
12P C30  C N N 8   
12P C29  C N N 9   
12P O28  O N N 10  
12P C27  C N N 11  
12P C26  C N N 12  
12P O25  O N N 13  
12P C24  C N N 14  
12P C23  C N N 15  
12P O22  O N N 16  
12P C21  C N N 17  
12P C20  C N N 18  
12P O19  O N N 19  
12P C18  C N N 20  
12P C17  C N N 21  
12P O16  O N N 22  
12P C15  C N N 23  
12P C14  C N N 24  
12P O13  O N N 25  
12P C12  C N N 26  
12P C11  C N N 27  
12P O10  O N N 28  
12P C9   C N N 29  
12P C8   C N N 30  
12P O7   O N N 31  
12P C6   C N N 32  
12P C5   C N N 33  
12P O4   O N N 34  
12P C3   C N N 35  
12P C2   C N N 36  
12P O1   O N N 37  
12P H37  H N N 38  
12P H361 H N N 39  
12P H362 H N N 40  
12P H351 H N N 41  
12P H352 H N N 42  
12P H331 H N N 43  
12P H332 H N N 44  
12P H321 H N N 45  
12P H322 H N N 46  
12P H301 H N N 47  
12P H302 H N N 48  
12P H291 H N N 49  
12P H292 H N N 50  
12P H271 H N N 51  
12P H272 H N N 52  
12P H261 H N N 53  
12P H262 H N N 54  
12P H241 H N N 55  
12P H242 H N N 56  
12P H231 H N N 57  
12P H232 H N N 58  
12P H211 H N N 59  
12P H212 H N N 60  
12P H201 H N N 61  
12P H202 H N N 62  
12P H181 H N N 63  
12P H182 H N N 64  
12P H171 H N N 65  
12P H172 H N N 66  
12P H151 H N N 67  
12P H152 H N N 68  
12P H141 H N N 69  
12P H142 H N N 70  
12P H121 H N N 71  
12P H122 H N N 72  
12P H111 H N N 73  
12P H112 H N N 74  
12P H91  H N N 75  
12P H92  H N N 76  
12P H81  H N N 77  
12P H82  H N N 78  
12P H61  H N N 79  
12P H62  H N N 80  
12P H51  H N N 81  
12P H52  H N N 82  
12P H31  H N N 83  
12P H32  H N N 84  
12P H21  H N N 85  
12P H22  H N N 86  
12P HO1  H N N 87  
4FY C13  C Y N 88  
4FY C14  C Y N 89  
4FY C2   C N N 90  
4FY C15  C Y N 91  
4FY C16  C Y N 92  
4FY C17  C Y N 93  
4FY C12  C Y N 94  
4FY C9   C Y N 95  
4FY N10  N Y N 96  
4FY N8   N Y N 97  
4FY C7   C Y N 98  
4FY C20  C N N 99  
4FY O22  O N N 100 
4FY O21  O N N 101 
4FY C11  C Y N 102 
4FY C18  C N N 103 
4FY O19  O N N 104 
4FY N3   N N N 105 
4FY C1   C N N 106 
4FY C5   C N N 107 
4FY C6   C N N 108 
4FY O4   O N N 109 
4FY H11C H N N 110 
4FY H12C H N N 111 
4FY H21C H N N 112 
4FY H22C H N N 113 
4FY H61C H N N 114 
4FY H62C H N N 115 
4FY H51C H N N 116 
4FY H52C H N N 117 
4FY H8   H N N 118 
4FY H21  H N N 119 
4FY H13  H N N 120 
4FY H17  H N N 121 
4FY H14  H N N 122 
4FY H15  H N N 123 
4FY H16  H N N 124 
ALA N    N N N 125 
ALA CA   C N S 126 
ALA C    C N N 127 
ALA O    O N N 128 
ALA CB   C N N 129 
ALA OXT  O N N 130 
ALA H    H N N 131 
ALA H2   H N N 132 
ALA HA   H N N 133 
ALA HB1  H N N 134 
ALA HB2  H N N 135 
ALA HB3  H N N 136 
ALA HXT  H N N 137 
ARG N    N N N 138 
ARG CA   C N S 139 
ARG C    C N N 140 
ARG O    O N N 141 
ARG CB   C N N 142 
ARG CG   C N N 143 
ARG CD   C N N 144 
ARG NE   N N N 145 
ARG CZ   C N N 146 
ARG NH1  N N N 147 
ARG NH2  N N N 148 
ARG OXT  O N N 149 
ARG H    H N N 150 
ARG H2   H N N 151 
ARG HA   H N N 152 
ARG HB2  H N N 153 
ARG HB3  H N N 154 
ARG HG2  H N N 155 
ARG HG3  H N N 156 
ARG HD2  H N N 157 
ARG HD3  H N N 158 
ARG HE   H N N 159 
ARG HH11 H N N 160 
ARG HH12 H N N 161 
ARG HH21 H N N 162 
ARG HH22 H N N 163 
ARG HXT  H N N 164 
ASN N    N N N 165 
ASN CA   C N S 166 
ASN C    C N N 167 
ASN O    O N N 168 
ASN CB   C N N 169 
ASN CG   C N N 170 
ASN OD1  O N N 171 
ASN ND2  N N N 172 
ASN OXT  O N N 173 
ASN H    H N N 174 
ASN H2   H N N 175 
ASN HA   H N N 176 
ASN HB2  H N N 177 
ASN HB3  H N N 178 
ASN HD21 H N N 179 
ASN HD22 H N N 180 
ASN HXT  H N N 181 
ASP N    N N N 182 
ASP CA   C N S 183 
ASP C    C N N 184 
ASP O    O N N 185 
ASP CB   C N N 186 
ASP CG   C N N 187 
ASP OD1  O N N 188 
ASP OD2  O N N 189 
ASP OXT  O N N 190 
ASP H    H N N 191 
ASP H2   H N N 192 
ASP HA   H N N 193 
ASP HB2  H N N 194 
ASP HB3  H N N 195 
ASP HD2  H N N 196 
ASP HXT  H N N 197 
CYS N    N N N 198 
CYS CA   C N R 199 
CYS C    C N N 200 
CYS O    O N N 201 
CYS CB   C N N 202 
CYS SG   S N N 203 
CYS OXT  O N N 204 
CYS H    H N N 205 
CYS H2   H N N 206 
CYS HA   H N N 207 
CYS HB2  H N N 208 
CYS HB3  H N N 209 
CYS HG   H N N 210 
CYS HXT  H N N 211 
GLN N    N N N 212 
GLN CA   C N S 213 
GLN C    C N N 214 
GLN O    O N N 215 
GLN CB   C N N 216 
GLN CG   C N N 217 
GLN CD   C N N 218 
GLN OE1  O N N 219 
GLN NE2  N N N 220 
GLN OXT  O N N 221 
GLN H    H N N 222 
GLN H2   H N N 223 
GLN HA   H N N 224 
GLN HB2  H N N 225 
GLN HB3  H N N 226 
GLN HG2  H N N 227 
GLN HG3  H N N 228 
GLN HE21 H N N 229 
GLN HE22 H N N 230 
GLN HXT  H N N 231 
GLU N    N N N 232 
GLU CA   C N S 233 
GLU C    C N N 234 
GLU O    O N N 235 
GLU CB   C N N 236 
GLU CG   C N N 237 
GLU CD   C N N 238 
GLU OE1  O N N 239 
GLU OE2  O N N 240 
GLU OXT  O N N 241 
GLU H    H N N 242 
GLU H2   H N N 243 
GLU HA   H N N 244 
GLU HB2  H N N 245 
GLU HB3  H N N 246 
GLU HG2  H N N 247 
GLU HG3  H N N 248 
GLU HE2  H N N 249 
GLU HXT  H N N 250 
GLY N    N N N 251 
GLY CA   C N N 252 
GLY C    C N N 253 
GLY O    O N N 254 
GLY OXT  O N N 255 
GLY H    H N N 256 
GLY H2   H N N 257 
GLY HA2  H N N 258 
GLY HA3  H N N 259 
GLY HXT  H N N 260 
HIS N    N N N 261 
HIS CA   C N S 262 
HIS C    C N N 263 
HIS O    O N N 264 
HIS CB   C N N 265 
HIS CG   C Y N 266 
HIS ND1  N Y N 267 
HIS CD2  C Y N 268 
HIS CE1  C Y N 269 
HIS NE2  N Y N 270 
HIS OXT  O N N 271 
HIS H    H N N 272 
HIS H2   H N N 273 
HIS HA   H N N 274 
HIS HB2  H N N 275 
HIS HB3  H N N 276 
HIS HD1  H N N 277 
HIS HD2  H N N 278 
HIS HE1  H N N 279 
HIS HE2  H N N 280 
HIS HXT  H N N 281 
HOH O    O N N 282 
HOH H1   H N N 283 
HOH H2   H N N 284 
ILE N    N N N 285 
ILE CA   C N S 286 
ILE C    C N N 287 
ILE O    O N N 288 
ILE CB   C N S 289 
ILE CG1  C N N 290 
ILE CG2  C N N 291 
ILE CD1  C N N 292 
ILE OXT  O N N 293 
ILE H    H N N 294 
ILE H2   H N N 295 
ILE HA   H N N 296 
ILE HB   H N N 297 
ILE HG12 H N N 298 
ILE HG13 H N N 299 
ILE HG21 H N N 300 
ILE HG22 H N N 301 
ILE HG23 H N N 302 
ILE HD11 H N N 303 
ILE HD12 H N N 304 
ILE HD13 H N N 305 
ILE HXT  H N N 306 
LEU N    N N N 307 
LEU CA   C N S 308 
LEU C    C N N 309 
LEU O    O N N 310 
LEU CB   C N N 311 
LEU CG   C N N 312 
LEU CD1  C N N 313 
LEU CD2  C N N 314 
LEU OXT  O N N 315 
LEU H    H N N 316 
LEU H2   H N N 317 
LEU HA   H N N 318 
LEU HB2  H N N 319 
LEU HB3  H N N 320 
LEU HG   H N N 321 
LEU HD11 H N N 322 
LEU HD12 H N N 323 
LEU HD13 H N N 324 
LEU HD21 H N N 325 
LEU HD22 H N N 326 
LEU HD23 H N N 327 
LEU HXT  H N N 328 
LYS N    N N N 329 
LYS CA   C N S 330 
LYS C    C N N 331 
LYS O    O N N 332 
LYS CB   C N N 333 
LYS CG   C N N 334 
LYS CD   C N N 335 
LYS CE   C N N 336 
LYS NZ   N N N 337 
LYS OXT  O N N 338 
LYS H    H N N 339 
LYS H2   H N N 340 
LYS HA   H N N 341 
LYS HB2  H N N 342 
LYS HB3  H N N 343 
LYS HG2  H N N 344 
LYS HG3  H N N 345 
LYS HD2  H N N 346 
LYS HD3  H N N 347 
LYS HE2  H N N 348 
LYS HE3  H N N 349 
LYS HZ1  H N N 350 
LYS HZ2  H N N 351 
LYS HZ3  H N N 352 
LYS HXT  H N N 353 
MET N    N N N 354 
MET CA   C N S 355 
MET C    C N N 356 
MET O    O N N 357 
MET CB   C N N 358 
MET CG   C N N 359 
MET SD   S N N 360 
MET CE   C N N 361 
MET OXT  O N N 362 
MET H    H N N 363 
MET H2   H N N 364 
MET HA   H N N 365 
MET HB2  H N N 366 
MET HB3  H N N 367 
MET HG2  H N N 368 
MET HG3  H N N 369 
MET HE1  H N N 370 
MET HE2  H N N 371 
MET HE3  H N N 372 
MET HXT  H N N 373 
PHE N    N N N 374 
PHE CA   C N S 375 
PHE C    C N N 376 
PHE O    O N N 377 
PHE CB   C N N 378 
PHE CG   C Y N 379 
PHE CD1  C Y N 380 
PHE CD2  C Y N 381 
PHE CE1  C Y N 382 
PHE CE2  C Y N 383 
PHE CZ   C Y N 384 
PHE OXT  O N N 385 
PHE H    H N N 386 
PHE H2   H N N 387 
PHE HA   H N N 388 
PHE HB2  H N N 389 
PHE HB3  H N N 390 
PHE HD1  H N N 391 
PHE HD2  H N N 392 
PHE HE1  H N N 393 
PHE HE2  H N N 394 
PHE HZ   H N N 395 
PHE HXT  H N N 396 
PRO N    N N N 397 
PRO CA   C N S 398 
PRO C    C N N 399 
PRO O    O N N 400 
PRO CB   C N N 401 
PRO CG   C N N 402 
PRO CD   C N N 403 
PRO OXT  O N N 404 
PRO H    H N N 405 
PRO HA   H N N 406 
PRO HB2  H N N 407 
PRO HB3  H N N 408 
PRO HG2  H N N 409 
PRO HG3  H N N 410 
PRO HD2  H N N 411 
PRO HD3  H N N 412 
PRO HXT  H N N 413 
SER N    N N N 414 
SER CA   C N S 415 
SER C    C N N 416 
SER O    O N N 417 
SER CB   C N N 418 
SER OG   O N N 419 
SER OXT  O N N 420 
SER H    H N N 421 
SER H2   H N N 422 
SER HA   H N N 423 
SER HB2  H N N 424 
SER HB3  H N N 425 
SER HG   H N N 426 
SER HXT  H N N 427 
THR N    N N N 428 
THR CA   C N S 429 
THR C    C N N 430 
THR O    O N N 431 
THR CB   C N R 432 
THR OG1  O N N 433 
THR CG2  C N N 434 
THR OXT  O N N 435 
THR H    H N N 436 
THR H2   H N N 437 
THR HA   H N N 438 
THR HB   H N N 439 
THR HG1  H N N 440 
THR HG21 H N N 441 
THR HG22 H N N 442 
THR HG23 H N N 443 
THR HXT  H N N 444 
TRP N    N N N 445 
TRP CA   C N S 446 
TRP C    C N N 447 
TRP O    O N N 448 
TRP CB   C N N 449 
TRP CG   C Y N 450 
TRP CD1  C Y N 451 
TRP CD2  C Y N 452 
TRP NE1  N Y N 453 
TRP CE2  C Y N 454 
TRP CE3  C Y N 455 
TRP CZ2  C Y N 456 
TRP CZ3  C Y N 457 
TRP CH2  C Y N 458 
TRP OXT  O N N 459 
TRP H    H N N 460 
TRP H2   H N N 461 
TRP HA   H N N 462 
TRP HB2  H N N 463 
TRP HB3  H N N 464 
TRP HD1  H N N 465 
TRP HE1  H N N 466 
TRP HE3  H N N 467 
TRP HZ2  H N N 468 
TRP HZ3  H N N 469 
TRP HH2  H N N 470 
TRP HXT  H N N 471 
TYR N    N N N 472 
TYR CA   C N S 473 
TYR C    C N N 474 
TYR O    O N N 475 
TYR CB   C N N 476 
TYR CG   C Y N 477 
TYR CD1  C Y N 478 
TYR CD2  C Y N 479 
TYR CE1  C Y N 480 
TYR CE2  C Y N 481 
TYR CZ   C Y N 482 
TYR OH   O N N 483 
TYR OXT  O N N 484 
TYR H    H N N 485 
TYR H2   H N N 486 
TYR HA   H N N 487 
TYR HB2  H N N 488 
TYR HB3  H N N 489 
TYR HD1  H N N 490 
TYR HD2  H N N 491 
TYR HE1  H N N 492 
TYR HE2  H N N 493 
TYR HH   H N N 494 
TYR HXT  H N N 495 
VAL N    N N N 496 
VAL CA   C N S 497 
VAL C    C N N 498 
VAL O    O N N 499 
VAL CB   C N N 500 
VAL CG1  C N N 501 
VAL CG2  C N N 502 
VAL OXT  O N N 503 
VAL H    H N N 504 
VAL H2   H N N 505 
VAL HA   H N N 506 
VAL HB   H N N 507 
VAL HG11 H N N 508 
VAL HG12 H N N 509 
VAL HG13 H N N 510 
VAL HG21 H N N 511 
VAL HG22 H N N 512 
VAL HG23 H N N 513 
VAL HXT  H N N 514 
# 
loop_
_chem_comp_bond.comp_id 
_chem_comp_bond.atom_id_1 
_chem_comp_bond.atom_id_2 
_chem_comp_bond.value_order 
_chem_comp_bond.pdbx_aromatic_flag 
_chem_comp_bond.pdbx_stereo_config 
_chem_comp_bond.pdbx_ordinal 
12P O37 C36  sing N N 1   
12P O37 H37  sing N N 2   
12P C36 C35  sing N N 3   
12P C36 H361 sing N N 4   
12P C36 H362 sing N N 5   
12P C35 O34  sing N N 6   
12P C35 H351 sing N N 7   
12P C35 H352 sing N N 8   
12P O34 C33  sing N N 9   
12P C33 C32  sing N N 10  
12P C33 H331 sing N N 11  
12P C33 H332 sing N N 12  
12P C32 O31  sing N N 13  
12P C32 H321 sing N N 14  
12P C32 H322 sing N N 15  
12P O31 C30  sing N N 16  
12P C30 C29  sing N N 17  
12P C30 H301 sing N N 18  
12P C30 H302 sing N N 19  
12P C29 O28  sing N N 20  
12P C29 H291 sing N N 21  
12P C29 H292 sing N N 22  
12P O28 C27  sing N N 23  
12P C27 C26  sing N N 24  
12P C27 H271 sing N N 25  
12P C27 H272 sing N N 26  
12P C26 O25  sing N N 27  
12P C26 H261 sing N N 28  
12P C26 H262 sing N N 29  
12P O25 C24  sing N N 30  
12P C24 C23  sing N N 31  
12P C24 H241 sing N N 32  
12P C24 H242 sing N N 33  
12P C23 O22  sing N N 34  
12P C23 H231 sing N N 35  
12P C23 H232 sing N N 36  
12P O22 C21  sing N N 37  
12P C21 C20  sing N N 38  
12P C21 H211 sing N N 39  
12P C21 H212 sing N N 40  
12P C20 O19  sing N N 41  
12P C20 H201 sing N N 42  
12P C20 H202 sing N N 43  
12P O19 C18  sing N N 44  
12P C18 C17  sing N N 45  
12P C18 H181 sing N N 46  
12P C18 H182 sing N N 47  
12P C17 O16  sing N N 48  
12P C17 H171 sing N N 49  
12P C17 H172 sing N N 50  
12P O16 C15  sing N N 51  
12P C15 C14  sing N N 52  
12P C15 H151 sing N N 53  
12P C15 H152 sing N N 54  
12P C14 O13  sing N N 55  
12P C14 H141 sing N N 56  
12P C14 H142 sing N N 57  
12P O13 C12  sing N N 58  
12P C12 C11  sing N N 59  
12P C12 H121 sing N N 60  
12P C12 H122 sing N N 61  
12P C11 O10  sing N N 62  
12P C11 H111 sing N N 63  
12P C11 H112 sing N N 64  
12P O10 C9   sing N N 65  
12P C9  C8   sing N N 66  
12P C9  H91  sing N N 67  
12P C9  H92  sing N N 68  
12P C8  O7   sing N N 69  
12P C8  H81  sing N N 70  
12P C8  H82  sing N N 71  
12P O7  C6   sing N N 72  
12P C6  C5   sing N N 73  
12P C6  H61  sing N N 74  
12P C6  H62  sing N N 75  
12P C5  O4   sing N N 76  
12P C5  H51  sing N N 77  
12P C5  H52  sing N N 78  
12P O4  C3   sing N N 79  
12P C3  C2   sing N N 80  
12P C3  H31  sing N N 81  
12P C3  H32  sing N N 82  
12P C2  O1   sing N N 83  
12P C2  H21  sing N N 84  
12P C2  H22  sing N N 85  
12P O1  HO1  sing N N 86  
4FY C1  C2   sing N N 87  
4FY C1  N3   sing N N 88  
4FY C2  O4   sing N N 89  
4FY O4  C6   sing N N 90  
4FY C6  C5   sing N N 91  
4FY C5  N3   sing N N 92  
4FY N3  C18  sing N N 93  
4FY C18 O19  doub N N 94  
4FY C18 C11  sing N N 95  
4FY C11 N10  sing Y N 96  
4FY C11 C7   doub Y N 97  
4FY N10 C9   doub Y N 98  
4FY C7  C20  sing N N 99  
4FY C7  N8   sing Y N 100 
4FY C20 O22  doub N N 101 
4FY C20 O21  sing N N 102 
4FY N8  C9   sing Y N 103 
4FY C9  C12  sing Y N 104 
4FY C12 C13  doub Y N 105 
4FY C12 C17  sing Y N 106 
4FY C13 C14  sing Y N 107 
4FY C14 C15  doub Y N 108 
4FY C15 C16  sing Y N 109 
4FY C16 C17  doub Y N 110 
4FY C1  H11C sing N N 111 
4FY C1  H12C sing N N 112 
4FY C2  H21C sing N N 113 
4FY C2  H22C sing N N 114 
4FY C6  H61C sing N N 115 
4FY C6  H62C sing N N 116 
4FY C5  H51C sing N N 117 
4FY C5  H52C sing N N 118 
4FY N8  H8   sing N N 119 
4FY O21 H21  sing N N 120 
4FY C13 H13  sing N N 121 
4FY C17 H17  sing N N 122 
4FY C14 H14  sing N N 123 
4FY C15 H15  sing N N 124 
4FY C16 H16  sing N N 125 
ALA N   CA   sing N N 126 
ALA N   H    sing N N 127 
ALA N   H2   sing N N 128 
ALA CA  C    sing N N 129 
ALA CA  CB   sing N N 130 
ALA CA  HA   sing N N 131 
ALA C   O    doub N N 132 
ALA C   OXT  sing N N 133 
ALA CB  HB1  sing N N 134 
ALA CB  HB2  sing N N 135 
ALA CB  HB3  sing N N 136 
ALA OXT HXT  sing N N 137 
ARG N   CA   sing N N 138 
ARG N   H    sing N N 139 
ARG N   H2   sing N N 140 
ARG CA  C    sing N N 141 
ARG CA  CB   sing N N 142 
ARG CA  HA   sing N N 143 
ARG C   O    doub N N 144 
ARG C   OXT  sing N N 145 
ARG CB  CG   sing N N 146 
ARG CB  HB2  sing N N 147 
ARG CB  HB3  sing N N 148 
ARG CG  CD   sing N N 149 
ARG CG  HG2  sing N N 150 
ARG CG  HG3  sing N N 151 
ARG CD  NE   sing N N 152 
ARG CD  HD2  sing N N 153 
ARG CD  HD3  sing N N 154 
ARG NE  CZ   sing N N 155 
ARG NE  HE   sing N N 156 
ARG CZ  NH1  sing N N 157 
ARG CZ  NH2  doub N N 158 
ARG NH1 HH11 sing N N 159 
ARG NH1 HH12 sing N N 160 
ARG NH2 HH21 sing N N 161 
ARG NH2 HH22 sing N N 162 
ARG OXT HXT  sing N N 163 
ASN N   CA   sing N N 164 
ASN N   H    sing N N 165 
ASN N   H2   sing N N 166 
ASN CA  C    sing N N 167 
ASN CA  CB   sing N N 168 
ASN CA  HA   sing N N 169 
ASN C   O    doub N N 170 
ASN C   OXT  sing N N 171 
ASN CB  CG   sing N N 172 
ASN CB  HB2  sing N N 173 
ASN CB  HB3  sing N N 174 
ASN CG  OD1  doub N N 175 
ASN CG  ND2  sing N N 176 
ASN ND2 HD21 sing N N 177 
ASN ND2 HD22 sing N N 178 
ASN OXT HXT  sing N N 179 
ASP N   CA   sing N N 180 
ASP N   H    sing N N 181 
ASP N   H2   sing N N 182 
ASP CA  C    sing N N 183 
ASP CA  CB   sing N N 184 
ASP CA  HA   sing N N 185 
ASP C   O    doub N N 186 
ASP C   OXT  sing N N 187 
ASP CB  CG   sing N N 188 
ASP CB  HB2  sing N N 189 
ASP CB  HB3  sing N N 190 
ASP CG  OD1  doub N N 191 
ASP CG  OD2  sing N N 192 
ASP OD2 HD2  sing N N 193 
ASP OXT HXT  sing N N 194 
CYS N   CA   sing N N 195 
CYS N   H    sing N N 196 
CYS N   H2   sing N N 197 
CYS CA  C    sing N N 198 
CYS CA  CB   sing N N 199 
CYS CA  HA   sing N N 200 
CYS C   O    doub N N 201 
CYS C   OXT  sing N N 202 
CYS CB  SG   sing N N 203 
CYS CB  HB2  sing N N 204 
CYS CB  HB3  sing N N 205 
CYS SG  HG   sing N N 206 
CYS OXT HXT  sing N N 207 
GLN N   CA   sing N N 208 
GLN N   H    sing N N 209 
GLN N   H2   sing N N 210 
GLN CA  C    sing N N 211 
GLN CA  CB   sing N N 212 
GLN CA  HA   sing N N 213 
GLN C   O    doub N N 214 
GLN C   OXT  sing N N 215 
GLN CB  CG   sing N N 216 
GLN CB  HB2  sing N N 217 
GLN CB  HB3  sing N N 218 
GLN CG  CD   sing N N 219 
GLN CG  HG2  sing N N 220 
GLN CG  HG3  sing N N 221 
GLN CD  OE1  doub N N 222 
GLN CD  NE2  sing N N 223 
GLN NE2 HE21 sing N N 224 
GLN NE2 HE22 sing N N 225 
GLN OXT HXT  sing N N 226 
GLU N   CA   sing N N 227 
GLU N   H    sing N N 228 
GLU N   H2   sing N N 229 
GLU CA  C    sing N N 230 
GLU CA  CB   sing N N 231 
GLU CA  HA   sing N N 232 
GLU C   O    doub N N 233 
GLU C   OXT  sing N N 234 
GLU CB  CG   sing N N 235 
GLU CB  HB2  sing N N 236 
GLU CB  HB3  sing N N 237 
GLU CG  CD   sing N N 238 
GLU CG  HG2  sing N N 239 
GLU CG  HG3  sing N N 240 
GLU CD  OE1  doub N N 241 
GLU CD  OE2  sing N N 242 
GLU OE2 HE2  sing N N 243 
GLU OXT HXT  sing N N 244 
GLY N   CA   sing N N 245 
GLY N   H    sing N N 246 
GLY N   H2   sing N N 247 
GLY CA  C    sing N N 248 
GLY CA  HA2  sing N N 249 
GLY CA  HA3  sing N N 250 
GLY C   O    doub N N 251 
GLY C   OXT  sing N N 252 
GLY OXT HXT  sing N N 253 
HIS N   CA   sing N N 254 
HIS N   H    sing N N 255 
HIS N   H2   sing N N 256 
HIS CA  C    sing N N 257 
HIS CA  CB   sing N N 258 
HIS CA  HA   sing N N 259 
HIS C   O    doub N N 260 
HIS C   OXT  sing N N 261 
HIS CB  CG   sing N N 262 
HIS CB  HB2  sing N N 263 
HIS CB  HB3  sing N N 264 
HIS CG  ND1  sing Y N 265 
HIS CG  CD2  doub Y N 266 
HIS ND1 CE1  doub Y N 267 
HIS ND1 HD1  sing N N 268 
HIS CD2 NE2  sing Y N 269 
HIS CD2 HD2  sing N N 270 
HIS CE1 NE2  sing Y N 271 
HIS CE1 HE1  sing N N 272 
HIS NE2 HE2  sing N N 273 
HIS OXT HXT  sing N N 274 
HOH O   H1   sing N N 275 
HOH O   H2   sing N N 276 
ILE N   CA   sing N N 277 
ILE N   H    sing N N 278 
ILE N   H2   sing N N 279 
ILE CA  C    sing N N 280 
ILE CA  CB   sing N N 281 
ILE CA  HA   sing N N 282 
ILE C   O    doub N N 283 
ILE C   OXT  sing N N 284 
ILE CB  CG1  sing N N 285 
ILE CB  CG2  sing N N 286 
ILE CB  HB   sing N N 287 
ILE CG1 CD1  sing N N 288 
ILE CG1 HG12 sing N N 289 
ILE CG1 HG13 sing N N 290 
ILE CG2 HG21 sing N N 291 
ILE CG2 HG22 sing N N 292 
ILE CG2 HG23 sing N N 293 
ILE CD1 HD11 sing N N 294 
ILE CD1 HD12 sing N N 295 
ILE CD1 HD13 sing N N 296 
ILE OXT HXT  sing N N 297 
LEU N   CA   sing N N 298 
LEU N   H    sing N N 299 
LEU N   H2   sing N N 300 
LEU CA  C    sing N N 301 
LEU CA  CB   sing N N 302 
LEU CA  HA   sing N N 303 
LEU C   O    doub N N 304 
LEU C   OXT  sing N N 305 
LEU CB  CG   sing N N 306 
LEU CB  HB2  sing N N 307 
LEU CB  HB3  sing N N 308 
LEU CG  CD1  sing N N 309 
LEU CG  CD2  sing N N 310 
LEU CG  HG   sing N N 311 
LEU CD1 HD11 sing N N 312 
LEU CD1 HD12 sing N N 313 
LEU CD1 HD13 sing N N 314 
LEU CD2 HD21 sing N N 315 
LEU CD2 HD22 sing N N 316 
LEU CD2 HD23 sing N N 317 
LEU OXT HXT  sing N N 318 
LYS N   CA   sing N N 319 
LYS N   H    sing N N 320 
LYS N   H2   sing N N 321 
LYS CA  C    sing N N 322 
LYS CA  CB   sing N N 323 
LYS CA  HA   sing N N 324 
LYS C   O    doub N N 325 
LYS C   OXT  sing N N 326 
LYS CB  CG   sing N N 327 
LYS CB  HB2  sing N N 328 
LYS CB  HB3  sing N N 329 
LYS CG  CD   sing N N 330 
LYS CG  HG2  sing N N 331 
LYS CG  HG3  sing N N 332 
LYS CD  CE   sing N N 333 
LYS CD  HD2  sing N N 334 
LYS CD  HD3  sing N N 335 
LYS CE  NZ   sing N N 336 
LYS CE  HE2  sing N N 337 
LYS CE  HE3  sing N N 338 
LYS NZ  HZ1  sing N N 339 
LYS NZ  HZ2  sing N N 340 
LYS NZ  HZ3  sing N N 341 
LYS OXT HXT  sing N N 342 
MET N   CA   sing N N 343 
MET N   H    sing N N 344 
MET N   H2   sing N N 345 
MET CA  C    sing N N 346 
MET CA  CB   sing N N 347 
MET CA  HA   sing N N 348 
MET C   O    doub N N 349 
MET C   OXT  sing N N 350 
MET CB  CG   sing N N 351 
MET CB  HB2  sing N N 352 
MET CB  HB3  sing N N 353 
MET CG  SD   sing N N 354 
MET CG  HG2  sing N N 355 
MET CG  HG3  sing N N 356 
MET SD  CE   sing N N 357 
MET CE  HE1  sing N N 358 
MET CE  HE2  sing N N 359 
MET CE  HE3  sing N N 360 
MET OXT HXT  sing N N 361 
PHE N   CA   sing N N 362 
PHE N   H    sing N N 363 
PHE N   H2   sing N N 364 
PHE CA  C    sing N N 365 
PHE CA  CB   sing N N 366 
PHE CA  HA   sing N N 367 
PHE C   O    doub N N 368 
PHE C   OXT  sing N N 369 
PHE CB  CG   sing N N 370 
PHE CB  HB2  sing N N 371 
PHE CB  HB3  sing N N 372 
PHE CG  CD1  doub Y N 373 
PHE CG  CD2  sing Y N 374 
PHE CD1 CE1  sing Y N 375 
PHE CD1 HD1  sing N N 376 
PHE CD2 CE2  doub Y N 377 
PHE CD2 HD2  sing N N 378 
PHE CE1 CZ   doub Y N 379 
PHE CE1 HE1  sing N N 380 
PHE CE2 CZ   sing Y N 381 
PHE CE2 HE2  sing N N 382 
PHE CZ  HZ   sing N N 383 
PHE OXT HXT  sing N N 384 
PRO N   CA   sing N N 385 
PRO N   CD   sing N N 386 
PRO N   H    sing N N 387 
PRO CA  C    sing N N 388 
PRO CA  CB   sing N N 389 
PRO CA  HA   sing N N 390 
PRO C   O    doub N N 391 
PRO C   OXT  sing N N 392 
PRO CB  CG   sing N N 393 
PRO CB  HB2  sing N N 394 
PRO CB  HB3  sing N N 395 
PRO CG  CD   sing N N 396 
PRO CG  HG2  sing N N 397 
PRO CG  HG3  sing N N 398 
PRO CD  HD2  sing N N 399 
PRO CD  HD3  sing N N 400 
PRO OXT HXT  sing N N 401 
SER N   CA   sing N N 402 
SER N   H    sing N N 403 
SER N   H2   sing N N 404 
SER CA  C    sing N N 405 
SER CA  CB   sing N N 406 
SER CA  HA   sing N N 407 
SER C   O    doub N N 408 
SER C   OXT  sing N N 409 
SER CB  OG   sing N N 410 
SER CB  HB2  sing N N 411 
SER CB  HB3  sing N N 412 
SER OG  HG   sing N N 413 
SER OXT HXT  sing N N 414 
THR N   CA   sing N N 415 
THR N   H    sing N N 416 
THR N   H2   sing N N 417 
THR CA  C    sing N N 418 
THR CA  CB   sing N N 419 
THR CA  HA   sing N N 420 
THR C   O    doub N N 421 
THR C   OXT  sing N N 422 
THR CB  OG1  sing N N 423 
THR CB  CG2  sing N N 424 
THR CB  HB   sing N N 425 
THR OG1 HG1  sing N N 426 
THR CG2 HG21 sing N N 427 
THR CG2 HG22 sing N N 428 
THR CG2 HG23 sing N N 429 
THR OXT HXT  sing N N 430 
TRP N   CA   sing N N 431 
TRP N   H    sing N N 432 
TRP N   H2   sing N N 433 
TRP CA  C    sing N N 434 
TRP CA  CB   sing N N 435 
TRP CA  HA   sing N N 436 
TRP C   O    doub N N 437 
TRP C   OXT  sing N N 438 
TRP CB  CG   sing N N 439 
TRP CB  HB2  sing N N 440 
TRP CB  HB3  sing N N 441 
TRP CG  CD1  doub Y N 442 
TRP CG  CD2  sing Y N 443 
TRP CD1 NE1  sing Y N 444 
TRP CD1 HD1  sing N N 445 
TRP CD2 CE2  doub Y N 446 
TRP CD2 CE3  sing Y N 447 
TRP NE1 CE2  sing Y N 448 
TRP NE1 HE1  sing N N 449 
TRP CE2 CZ2  sing Y N 450 
TRP CE3 CZ3  doub Y N 451 
TRP CE3 HE3  sing N N 452 
TRP CZ2 CH2  doub Y N 453 
TRP CZ2 HZ2  sing N N 454 
TRP CZ3 CH2  sing Y N 455 
TRP CZ3 HZ3  sing N N 456 
TRP CH2 HH2  sing N N 457 
TRP OXT HXT  sing N N 458 
TYR N   CA   sing N N 459 
TYR N   H    sing N N 460 
TYR N   H2   sing N N 461 
TYR CA  C    sing N N 462 
TYR CA  CB   sing N N 463 
TYR CA  HA   sing N N 464 
TYR C   O    doub N N 465 
TYR C   OXT  sing N N 466 
TYR CB  CG   sing N N 467 
TYR CB  HB2  sing N N 468 
TYR CB  HB3  sing N N 469 
TYR CG  CD1  doub Y N 470 
TYR CG  CD2  sing Y N 471 
TYR CD1 CE1  sing Y N 472 
TYR CD1 HD1  sing N N 473 
TYR CD2 CE2  doub Y N 474 
TYR CD2 HD2  sing N N 475 
TYR CE1 CZ   doub Y N 476 
TYR CE1 HE1  sing N N 477 
TYR CE2 CZ   sing Y N 478 
TYR CE2 HE2  sing N N 479 
TYR CZ  OH   sing N N 480 
TYR OH  HH   sing N N 481 
TYR OXT HXT  sing N N 482 
VAL N   CA   sing N N 483 
VAL N   H    sing N N 484 
VAL N   H2   sing N N 485 
VAL CA  C    sing N N 486 
VAL CA  CB   sing N N 487 
VAL CA  HA   sing N N 488 
VAL C   O    doub N N 489 
VAL C   OXT  sing N N 490 
VAL CB  CG1  sing N N 491 
VAL CB  CG2  sing N N 492 
VAL CB  HB   sing N N 493 
VAL CG1 HG11 sing N N 494 
VAL CG1 HG12 sing N N 495 
VAL CG1 HG13 sing N N 496 
VAL CG2 HG21 sing N N 497 
VAL CG2 HG22 sing N N 498 
VAL CG2 HG23 sing N N 499 
VAL OXT HXT  sing N N 500 
# 
loop_
_pdbx_entity_nonpoly.entity_id 
_pdbx_entity_nonpoly.name 
_pdbx_entity_nonpoly.comp_id 
2 'DODECAETHYLENE GLYCOL'                                              12P 
3 '4-(MORPHOLIN-4-YLCARBONYL)-2-PHENYL-1H-IMIDAZOLE-5-CARBOXYLIC ACID' 4FY 
4 water                                                                HOH 
# 
_pdbx_initial_refinement_model.id               1 
_pdbx_initial_refinement_model.entity_id_list   ? 
_pdbx_initial_refinement_model.type             'experimental model' 
_pdbx_initial_refinement_model.source_name      PDB 
_pdbx_initial_refinement_model.accession_code   3KCE 
_pdbx_initial_refinement_model.details          'PDB ENTRY 3KCE' 
# 
